data_5CU5
#
_entry.id   5CU5
#
_cell.length_a   74.650
_cell.length_b   135.170
_cell.length_c   126.490
_cell.angle_alpha   90.00
_cell.angle_beta   90.74
_cell.angle_gamma   90.00
#
_symmetry.space_group_name_H-M   'P 1 21 1'
#
loop_
_entity.id
_entity.type
_entity.pdbx_description
1 polymer 'Endoplasmic reticulum aminopeptidase 2'
2 branched alpha-D-mannopyranose-(1-4)-2-acetamido-2-deoxy-beta-D-glucopyranose-(1-4)-2-acetamido-2-deoxy-beta-D-glucopyranose
3 branched 2-acetamido-2-deoxy-beta-D-glucopyranose-(1-4)-2-acetamido-2-deoxy-beta-D-glucopyranose
4 branched alpha-D-mannopyranose-(1-4)-alpha-D-mannopyranose-(1-4)-2-acetamido-2-deoxy-beta-D-glucopyranose-(1-4)-2-acetamido-2-deoxy-beta-D-glucopyranose
5 non-polymer 2-acetamido-2-deoxy-beta-D-glucopyranose
6 water water
#
_entity_poly.entity_id   1
_entity_poly.type   'polypeptide(L)'
_entity_poly.pdbx_seq_one_letter_code
;MVHSSAMVNSHRKPMFNIHRGFYCLTAILPQICICSQFSVPSSYHFTEDPGAFPVATNGERFPWQELRLPSVVIPLHYDL
FVHPNLTSLDFVASEKIEVLVSNATQFIILHSKDLEITNATLQSEEDSRYMKPGKELKVLSYPAHEQIALLVPEKLTPHL
KYYVAMDFQAKLGDGFEGFYKSTYRTLGGETRILAVTDFEPTQARMAFPCFDEPLFKANFSIKIRRESRHIALSNMPKVK
TIELEGGLLEDHFETTVKMSTYLVAYIVCDFHSLSGFTSSGVKVSIYASPDKRNQTHYALQASLKLLDFYEKYFDIYYPL
SKLDLIAIPDFAPGAMENWGLITYRETSLLFDPKTSSASDKLWVTRVIAHELAHQWFGNLVTMEWWNDIWLKEGFAKYME
LIAVNATYPELQFDDYFLNVCFEVITKDSLNSSRPISKPAETPTQIQEMFDEVSYNKGACILNMLKDFLGEEKFQKGIIQ
YLKKFSYRNAKNDDLWSSLSNSCLESDFTSGGVCHSDPKMTSNMLAFLGENAEVKEMMTTWTLQKGIPLLVVKQDGCSLR
LQQERFLQGVFQEDPEWRALQERYLWHIPLTYSTSSSNVIHRHILKSKTDTLDLPEKTSWVKFNVDSNGYYIVHYEGHGW
DQLITQLNQNHTLLRPKDRVGLIHDVFQLVGAGRLTLDKALDMTYYLQHETSSPALLEGLSYLESFYHMMDRRNISDISE
NLKRYLLQYFKPVIDRQSWSDKGSVWDRMLRSALLKLACDLNHAPCIQKAAELFSQWMESSGKLNIPTDVLKIVYSVGAQ
TTAGWNYLLEQYELSMSSAEQNKILYALSTSKHQEKLLKLIELGMEGKVIKTQNLAALLHAIARRPKGQQLAWDFVRENW
THLLKKFDLGSYDIRMIISGTTAHFSSKDKLQEVKLFFESLEAQGSHLDIFQTVLETITKNIKWLEKNLPTLRTWLMVNT
RHHHHHH
;
_entity_poly.pdbx_strand_id   A,B
#
# COMPACT_ATOMS: atom_id res chain seq x y z
N PRO A 54 9.75 -17.66 43.90
CA PRO A 54 8.54 -17.64 43.05
C PRO A 54 8.83 -17.18 41.60
N VAL A 55 8.98 -18.13 40.66
CA VAL A 55 9.72 -17.85 39.40
C VAL A 55 9.92 -18.90 38.27
N ALA A 56 10.30 -18.35 37.09
CA ALA A 56 10.68 -19.08 35.84
C ALA A 56 12.08 -18.47 35.38
N THR A 57 12.44 -18.22 34.10
CA THR A 57 12.03 -18.95 32.90
C THR A 57 12.85 -20.21 32.96
N ASN A 58 14.04 -20.18 32.36
CA ASN A 58 14.93 -21.35 32.33
C ASN A 58 15.40 -21.63 33.76
N GLY A 59 14.57 -22.45 34.41
CA GLY A 59 14.96 -23.15 35.60
C GLY A 59 14.51 -22.59 36.93
N GLU A 60 15.39 -21.84 37.58
CA GLU A 60 15.41 -21.74 39.05
C GLU A 60 14.83 -20.44 39.64
N ARG A 61 14.83 -20.38 40.96
CA ARG A 61 14.46 -19.21 41.76
C ARG A 61 15.04 -17.89 41.24
N PHE A 62 14.39 -16.77 41.57
CA PHE A 62 14.69 -15.46 41.00
C PHE A 62 14.77 -14.55 42.21
N PRO A 63 15.94 -13.91 42.43
CA PRO A 63 16.26 -13.31 43.74
C PRO A 63 15.22 -12.36 44.34
N TRP A 64 14.63 -11.54 43.48
CA TRP A 64 13.85 -10.39 43.90
C TRP A 64 12.41 -10.59 43.50
N GLN A 65 11.48 -10.24 44.39
CA GLN A 65 10.07 -10.59 44.19
C GLN A 65 9.10 -9.41 43.94
N GLU A 66 9.42 -8.19 44.40
CA GLU A 66 8.58 -7.02 44.12
C GLU A 66 8.69 -6.59 42.66
N LEU A 67 7.64 -5.95 42.14
CA LEU A 67 7.65 -5.43 40.76
C LEU A 67 8.34 -4.09 40.67
N ARG A 68 8.43 -3.40 41.81
CA ARG A 68 9.35 -2.26 41.94
C ARG A 68 10.76 -2.82 42.09
N LEU A 69 11.75 -2.07 41.60
CA LEU A 69 13.15 -2.45 41.73
C LEU A 69 13.61 -2.16 43.16
N PRO A 70 14.71 -2.80 43.60
CA PRO A 70 15.29 -2.47 44.90
C PRO A 70 16.00 -1.14 44.87
N SER A 71 16.16 -0.57 46.05
CA SER A 71 16.85 0.70 46.21
C SER A 71 18.39 0.56 46.15
N VAL A 72 18.90 -0.67 46.36
CA VAL A 72 20.33 -0.93 46.70
C VAL A 72 21.41 -0.56 45.67
N VAL A 73 21.05 -0.50 44.38
CA VAL A 73 22.01 -0.28 43.28
C VAL A 73 21.49 0.78 42.33
N ILE A 74 22.23 1.89 42.21
CA ILE A 74 21.77 3.11 41.55
C ILE A 74 22.60 3.36 40.30
N PRO A 75 21.99 3.43 39.11
CA PRO A 75 22.77 3.79 37.93
C PRO A 75 23.17 5.26 37.93
N LEU A 76 24.40 5.53 37.52
CA LEU A 76 24.90 6.88 37.37
C LEU A 76 24.98 7.29 35.90
N HIS A 77 25.35 6.35 35.03
CA HIS A 77 25.64 6.69 33.64
C HIS A 77 25.45 5.46 32.74
N TYR A 78 24.88 5.68 31.56
CA TYR A 78 24.73 4.64 30.55
C TYR A 78 25.52 5.06 29.31
N ASP A 79 26.41 4.20 28.88
CA ASP A 79 26.89 4.22 27.49
C ASP A 79 25.97 3.26 26.80
N LEU A 80 25.50 3.62 25.62
CA LEU A 80 24.49 2.84 24.93
C LEU A 80 24.76 2.92 23.44
N PHE A 81 25.09 1.78 22.85
CA PHE A 81 25.34 1.69 21.42
C PHE A 81 24.16 0.94 20.80
N VAL A 82 23.60 1.50 19.74
CA VAL A 82 22.49 0.86 19.04
C VAL A 82 22.82 0.83 17.56
N HIS A 83 22.60 -0.33 16.94
CA HIS A 83 22.84 -0.54 15.52
C HIS A 83 21.54 -1.07 14.91
N PRO A 84 20.64 -0.16 14.50
CA PRO A 84 19.42 -0.57 13.82
C PRO A 84 19.68 -0.88 12.37
N ASN A 85 18.80 -1.69 11.78
CA ASN A 85 18.84 -1.99 10.35
C ASN A 85 17.45 -1.88 9.76
N LEU A 86 17.26 -0.91 8.87
CA LEU A 86 15.94 -0.59 8.34
C LEU A 86 15.60 -1.35 7.04
N THR A 87 16.37 -2.39 6.73
CA THR A 87 16.00 -3.34 5.67
C THR A 87 15.66 -4.71 6.30
N SER A 88 16.53 -5.14 7.20
CA SER A 88 16.26 -6.23 8.12
C SER A 88 15.12 -5.96 9.14
N LEU A 89 14.84 -4.68 9.41
CA LEU A 89 13.86 -4.25 10.43
C LEU A 89 14.12 -4.84 11.83
N ASP A 90 15.37 -4.77 12.26
CA ASP A 90 15.79 -5.23 13.58
C ASP A 90 17.03 -4.46 14.04
N PHE A 91 17.51 -4.75 15.25
CA PHE A 91 18.71 -4.10 15.75
C PHE A 91 19.59 -5.00 16.62
N VAL A 92 20.86 -4.63 16.70
CA VAL A 92 21.80 -5.17 17.70
C VAL A 92 22.29 -3.98 18.51
N ALA A 93 22.59 -4.24 19.78
CA ALA A 93 22.93 -3.17 20.69
C ALA A 93 23.74 -3.65 21.88
N SER A 94 24.45 -2.69 22.48
CA SER A 94 25.21 -2.93 23.70
C SER A 94 25.13 -1.74 24.62
N GLU A 95 25.30 -1.98 25.91
CA GLU A 95 25.35 -0.91 26.88
C GLU A 95 26.36 -1.18 27.97
N LYS A 96 26.76 -0.12 28.66
CA LYS A 96 27.63 -0.18 29.83
C LYS A 96 27.05 0.77 30.90
N ILE A 97 26.55 0.20 31.99
CA ILE A 97 25.87 0.95 33.03
C ILE A 97 26.82 1.15 34.20
N GLU A 98 27.31 2.37 34.39
CA GLU A 98 28.07 2.72 35.59
C GLU A 98 27.11 2.79 36.76
N VAL A 99 27.27 1.89 37.72
CA VAL A 99 26.34 1.73 38.82
C VAL A 99 27.08 2.04 40.13
N LEU A 100 26.33 2.37 41.19
CA LEU A 100 26.87 2.59 42.55
C LEU A 100 26.09 1.73 43.55
N VAL A 101 26.78 0.75 44.15
CA VAL A 101 26.18 -0.12 45.16
C VAL A 101 26.08 0.67 46.47
N SER A 102 25.11 0.30 47.33
CA SER A 102 24.91 0.92 48.64
C SER A 102 24.93 -0.14 49.74
N ASN A 103 24.00 -1.08 49.69
CA ASN A 103 24.05 -2.26 50.54
C ASN A 103 24.72 -3.38 49.76
N ALA A 104 25.42 -4.26 50.47
CA ALA A 104 26.08 -5.43 49.85
C ALA A 104 25.05 -6.40 49.27
N THR A 105 25.39 -7.04 48.15
CA THR A 105 24.39 -7.81 47.40
C THR A 105 24.99 -8.89 46.49
N GLN A 106 24.22 -9.95 46.26
CA GLN A 106 24.60 -11.06 45.36
C GLN A 106 24.00 -10.95 43.97
N PHE A 107 23.18 -9.93 43.73
CA PHE A 107 22.32 -9.89 42.55
C PHE A 107 21.97 -8.44 42.20
N ILE A 108 22.18 -8.08 40.94
CA ILE A 108 21.69 -6.83 40.40
C ILE A 108 20.38 -7.14 39.68
N ILE A 109 19.38 -6.28 39.89
CA ILE A 109 18.05 -6.46 39.31
C ILE A 109 17.69 -5.22 38.50
N LEU A 110 17.14 -5.43 37.30
CA LEU A 110 16.71 -4.31 36.43
C LEU A 110 15.70 -4.77 35.35
N HIS A 111 15.10 -3.82 34.65
CA HIS A 111 14.02 -4.12 33.70
C HIS A 111 14.56 -4.50 32.32
N SER A 112 13.86 -5.43 31.67
CA SER A 112 14.12 -5.80 30.28
C SER A 112 12.90 -6.55 29.75
N LYS A 113 12.55 -6.33 28.49
CA LYS A 113 11.37 -6.94 27.89
C LYS A 113 11.54 -7.18 26.39
N ASP A 114 11.26 -8.40 25.96
CA ASP A 114 11.39 -8.78 24.54
C ASP A 114 12.78 -8.47 23.99
N LEU A 115 13.79 -8.69 24.83
CA LEU A 115 15.18 -8.49 24.44
C LEU A 115 15.91 -9.78 24.64
N GLU A 116 16.66 -10.20 23.61
CA GLU A 116 17.57 -11.35 23.70
C GLU A 116 18.95 -10.85 24.17
N ILE A 117 19.33 -11.23 25.39
CA ILE A 117 20.59 -10.80 26.00
C ILE A 117 21.62 -11.91 25.81
N THR A 118 22.77 -11.54 25.24
CA THR A 118 23.75 -12.50 24.73
C THR A 118 25.15 -12.01 25.04
N ASN A 119 25.56 -12.17 26.29
CA ASN A 119 26.80 -11.65 26.92
C ASN A 119 26.45 -10.62 27.97
N ALA A 120 27.08 -10.76 29.13
CA ALA A 120 26.80 -9.95 30.30
C ALA A 120 28.02 -10.01 31.21
N THR A 121 28.77 -8.90 31.26
CA THR A 121 30.04 -8.80 32.00
C THR A 121 29.95 -7.73 33.08
N LEU A 122 30.67 -7.92 34.18
CA LEU A 122 30.77 -6.91 35.24
C LEU A 122 32.23 -6.55 35.50
N GLN A 123 32.63 -5.33 35.15
CA GLN A 123 33.97 -4.78 35.44
C GLN A 123 33.94 -3.86 36.66
N SER A 124 35.10 -3.36 37.08
CA SER A 124 35.23 -2.56 38.30
C SER A 124 36.48 -1.69 38.31
N GLU A 125 36.46 -0.72 39.21
CA GLU A 125 37.62 0.13 39.46
C GLU A 125 38.01 0.08 40.93
N GLU A 126 37.45 -0.89 41.69
CA GLU A 126 37.41 -0.84 43.18
C GLU A 126 37.18 0.57 43.66
N TYR A 130 38.98 -3.59 41.66
CA TYR A 130 38.50 -4.71 42.46
C TYR A 130 38.74 -5.96 41.60
N MET A 131 37.87 -6.16 40.60
CA MET A 131 38.02 -7.15 39.53
C MET A 131 38.08 -6.47 38.15
N LYS A 132 39.30 -6.11 37.74
CA LYS A 132 39.53 -5.31 36.53
C LYS A 132 39.26 -6.15 35.29
N PRO A 133 39.09 -5.52 34.09
CA PRO A 133 38.46 -6.20 32.94
C PRO A 133 38.74 -7.69 32.88
N GLY A 134 37.78 -8.58 33.13
CA GLY A 134 36.44 -8.33 33.72
C GLY A 134 35.67 -9.65 33.79
N LYS A 135 34.79 -9.79 34.79
CA LYS A 135 34.07 -11.06 35.06
C LYS A 135 32.71 -11.19 34.36
N GLU A 136 32.22 -12.44 34.19
CA GLU A 136 30.96 -12.73 33.48
C GLU A 136 29.81 -13.04 34.45
N LEU A 137 28.59 -12.62 34.10
CA LEU A 137 27.38 -12.85 34.93
C LEU A 137 26.36 -13.79 34.29
N LYS A 138 25.60 -14.45 35.15
CA LYS A 138 24.50 -15.34 34.76
C LYS A 138 23.17 -14.57 34.79
N VAL A 139 22.35 -14.77 33.76
CA VAL A 139 21.13 -14.01 33.60
C VAL A 139 19.91 -14.87 33.85
N LEU A 140 19.13 -14.49 34.85
CA LEU A 140 17.80 -15.03 35.07
C LEU A 140 16.80 -14.02 34.54
N SER A 141 15.82 -14.50 33.77
CA SER A 141 14.76 -13.67 33.20
C SER A 141 13.40 -14.01 33.84
N TYR A 142 12.66 -12.98 34.25
CA TYR A 142 11.32 -13.14 34.86
C TYR A 142 10.31 -12.21 34.17
N PRO A 143 9.69 -12.66 33.06
CA PRO A 143 8.81 -11.82 32.23
C PRO A 143 7.60 -11.21 32.93
N ALA A 144 7.06 -11.89 33.94
CA ALA A 144 5.86 -11.43 34.62
C ALA A 144 6.03 -10.12 35.39
N HIS A 145 7.26 -9.72 35.66
CA HIS A 145 7.58 -8.40 36.22
C HIS A 145 8.47 -7.59 35.26
N GLU A 146 8.65 -8.09 34.04
CA GLU A 146 9.54 -7.50 33.04
C GLU A 146 10.94 -7.23 33.62
N GLN A 147 11.42 -8.18 34.43
CA GLN A 147 12.70 -8.06 35.11
C GLN A 147 13.65 -9.13 34.61
N ILE A 148 14.94 -8.83 34.70
CA ILE A 148 16.01 -9.81 34.58
C ILE A 148 16.90 -9.61 35.78
N ALA A 149 17.50 -10.69 36.26
CA ALA A 149 18.45 -10.66 37.37
C ALA A 149 19.84 -11.04 36.89
N LEU A 150 20.83 -10.19 37.19
CA LEU A 150 22.24 -10.50 36.95
C LEU A 150 22.85 -11.10 38.22
N LEU A 151 23.17 -12.39 38.17
CA LEU A 151 23.82 -13.07 39.29
C LEU A 151 25.34 -12.89 39.23
N VAL A 152 25.90 -12.37 40.31
CA VAL A 152 27.35 -12.17 40.43
C VAL A 152 27.99 -13.34 41.19
N PRO A 153 29.30 -13.59 40.95
CA PRO A 153 30.03 -14.61 41.72
C PRO A 153 30.57 -14.16 43.10
N GLU A 154 30.21 -12.97 43.58
CA GLU A 154 30.82 -12.37 44.77
C GLU A 154 29.91 -11.30 45.39
N LYS A 155 29.69 -11.37 46.70
CA LYS A 155 28.95 -10.32 47.41
C LYS A 155 29.63 -8.97 47.16
N LEU A 156 29.00 -8.12 46.36
CA LEU A 156 29.56 -6.81 46.01
C LEU A 156 29.72 -5.94 47.24
N THR A 157 30.63 -4.97 47.14
CA THR A 157 31.01 -4.19 48.30
C THR A 157 30.34 -2.80 48.24
N PRO A 158 29.74 -2.36 49.37
CA PRO A 158 29.14 -1.04 49.52
C PRO A 158 30.02 0.14 49.06
N HIS A 159 29.35 1.21 48.60
CA HIS A 159 30.00 2.49 48.27
C HIS A 159 31.02 2.47 47.11
N LEU A 160 31.02 1.42 46.29
CA LEU A 160 31.98 1.32 45.18
C LEU A 160 31.29 1.23 43.82
N LYS A 161 31.95 1.75 42.80
CA LYS A 161 31.38 1.84 41.46
C LYS A 161 31.81 0.70 40.54
N TYR A 162 30.82 -0.01 39.99
CA TYR A 162 31.02 -1.11 39.06
C TYR A 162 30.49 -0.74 37.68
N TYR A 163 30.68 -1.63 36.70
CA TYR A 163 30.20 -1.41 35.33
C TYR A 163 29.52 -2.65 34.77
N VAL A 164 28.20 -2.56 34.56
CA VAL A 164 27.38 -3.65 34.03
C VAL A 164 27.34 -3.51 32.52
N ALA A 165 27.80 -4.52 31.80
CA ALA A 165 27.80 -4.48 30.34
C ALA A 165 27.06 -5.67 29.78
N MET A 166 26.19 -5.42 28.81
CA MET A 166 25.43 -6.48 28.13
C MET A 166 25.35 -6.20 26.64
N ASP A 167 25.38 -7.26 25.85
CA ASP A 167 25.00 -7.19 24.45
C ASP A 167 23.57 -7.73 24.35
N PHE A 168 22.76 -7.11 23.49
CA PHE A 168 21.35 -7.49 23.37
C PHE A 168 20.79 -7.09 22.01
N GLN A 169 19.79 -7.84 21.54
CA GLN A 169 19.21 -7.64 20.21
C GLN A 169 17.72 -7.91 20.21
N ALA A 170 17.04 -7.43 19.17
CA ALA A 170 15.60 -7.59 19.00
C ALA A 170 15.13 -7.11 17.63
N LYS A 171 13.98 -7.60 17.20
CA LYS A 171 13.26 -7.04 16.06
C LYS A 171 12.81 -5.63 16.41
N LEU A 172 12.71 -4.75 15.40
CA LEU A 172 12.14 -3.42 15.64
C LEU A 172 10.67 -3.64 16.02
N GLY A 173 10.22 -2.82 16.96
CA GLY A 173 8.82 -2.82 17.37
C GLY A 173 7.84 -2.91 16.23
N ASP A 174 6.76 -3.61 16.50
CA ASP A 174 5.70 -3.89 15.55
C ASP A 174 4.52 -2.93 15.74
N GLY A 175 4.50 -2.19 16.85
CA GLY A 175 3.34 -1.41 17.26
C GLY A 175 3.65 0.07 17.40
N PHE A 176 3.43 0.62 18.59
CA PHE A 176 3.68 2.03 18.90
C PHE A 176 4.52 2.14 20.19
N GLU A 177 5.30 1.13 20.52
CA GLU A 177 5.96 1.03 21.83
C GLU A 177 7.41 0.66 21.66
N GLY A 178 8.26 1.14 22.56
CA GLY A 178 9.71 0.86 22.53
C GLY A 178 10.34 1.40 21.27
N PHE A 179 11.26 0.65 20.66
CA PHE A 179 11.95 1.09 19.46
C PHE A 179 11.29 0.47 18.23
N TYR A 180 10.39 1.21 17.58
CA TYR A 180 9.51 0.65 16.54
C TYR A 180 9.66 1.23 15.15
N LYS A 181 9.17 0.50 14.14
CA LYS A 181 9.21 0.99 12.76
C LYS A 181 7.95 1.79 12.39
N SER A 182 8.14 2.91 11.73
CA SER A 182 7.05 3.70 11.16
C SER A 182 7.35 3.87 9.67
N THR A 183 6.33 4.20 8.90
CA THR A 183 6.46 4.41 7.46
C THR A 183 5.85 5.74 7.06
N TYR A 184 6.18 6.21 5.86
CA TYR A 184 5.55 7.40 5.29
C TYR A 184 5.55 7.39 3.78
N ARG A 185 4.64 8.17 3.22
CA ARG A 185 4.41 8.25 1.78
C ARG A 185 5.07 9.52 1.22
N THR A 186 5.90 9.33 0.19
CA THR A 186 6.57 10.40 -0.54
C THR A 186 5.56 10.96 -1.52
N LEU A 187 5.82 12.16 -2.05
CA LEU A 187 4.96 12.74 -3.08
C LEU A 187 4.89 11.85 -4.34
N GLY A 188 6.00 11.21 -4.68
CA GLY A 188 6.06 10.23 -5.77
C GLY A 188 5.34 8.91 -5.53
N GLY A 189 4.89 8.67 -4.30
CA GLY A 189 4.18 7.45 -3.95
C GLY A 189 5.12 6.38 -3.44
N GLU A 190 6.34 6.78 -3.09
CA GLU A 190 7.26 5.86 -2.43
C GLU A 190 6.83 5.72 -0.98
N THR A 191 7.19 4.60 -0.39
CA THR A 191 6.94 4.32 1.03
C THR A 191 8.31 4.20 1.65
N ARG A 192 8.52 4.85 2.79
CA ARG A 192 9.84 4.95 3.40
C ARG A 192 9.80 4.60 4.88
N ILE A 193 10.76 3.79 5.34
CA ILE A 193 10.83 3.35 6.73
C ILE A 193 11.69 4.30 7.57
N LEU A 194 11.26 4.54 8.80
CA LEU A 194 12.12 5.11 9.84
C LEU A 194 11.95 4.31 11.13
N ALA A 195 12.88 4.49 12.06
CA ALA A 195 12.81 3.82 13.34
C ALA A 195 12.78 4.92 14.40
N VAL A 196 11.98 4.73 15.45
CA VAL A 196 11.71 5.81 16.42
C VAL A 196 11.44 5.20 17.78
N THR A 197 11.69 5.96 18.86
CA THR A 197 11.35 5.51 20.20
C THR A 197 10.09 6.16 20.81
N ASP A 198 9.38 5.35 21.61
CA ASP A 198 8.42 5.84 22.62
C ASP A 198 8.49 4.97 23.87
N PHE A 199 9.00 5.54 24.96
CA PHE A 199 9.30 4.78 26.16
C PHE A 199 8.36 5.04 27.34
N GLU A 200 7.50 6.06 27.27
CA GLU A 200 6.66 6.38 28.43
C GLU A 200 5.42 5.48 28.50
N PRO A 201 5.15 4.89 29.66
CA PRO A 201 5.95 5.01 30.89
C PRO A 201 7.09 4.00 31.03
N THR A 202 6.92 2.81 30.45
CA THR A 202 7.74 1.66 30.83
C THR A 202 8.21 0.81 29.65
N GLN A 203 8.46 1.42 28.50
CA GLN A 203 8.95 0.68 27.34
C GLN A 203 10.38 1.05 26.94
N ALA A 204 11.09 1.82 27.77
CA ALA A 204 12.54 1.95 27.61
C ALA A 204 13.16 0.58 27.65
N ARG A 205 12.67 -0.24 28.58
CA ARG A 205 13.09 -1.64 28.76
C ARG A 205 12.88 -2.55 27.54
N MET A 206 12.07 -2.14 26.57
CA MET A 206 11.92 -2.89 25.32
C MET A 206 12.98 -2.57 24.28
N ALA A 207 13.84 -1.60 24.58
CA ALA A 207 14.87 -1.11 23.66
C ALA A 207 16.28 -1.37 24.17
N PHE A 208 16.47 -1.27 25.50
CA PHE A 208 17.71 -1.62 26.14
C PHE A 208 17.43 -1.91 27.61
N PRO A 209 18.13 -2.90 28.19
CA PRO A 209 17.85 -3.19 29.60
C PRO A 209 18.25 -2.00 30.47
N CYS A 210 17.50 -1.75 31.53
CA CYS A 210 17.77 -0.58 32.37
C CYS A 210 16.95 -0.54 33.65
N PHE A 211 17.30 0.38 34.53
CA PHE A 211 16.54 0.65 35.73
C PHE A 211 15.47 1.63 35.32
N ASP A 212 14.44 1.09 34.66
CA ASP A 212 13.34 1.85 34.04
C ASP A 212 12.23 2.21 35.04
N GLU A 213 12.59 2.99 36.05
CA GLU A 213 11.64 3.76 36.86
C GLU A 213 12.16 5.19 36.87
N PRO A 214 11.26 6.18 36.84
CA PRO A 214 11.69 7.56 36.60
C PRO A 214 12.47 8.20 37.74
N LEU A 215 12.51 7.54 38.90
CA LEU A 215 13.37 7.96 40.02
C LEU A 215 14.86 7.64 39.77
N PHE A 216 15.17 6.52 39.10
CA PHE A 216 16.56 6.13 38.76
C PHE A 216 17.14 6.93 37.59
N LYS A 217 17.49 8.19 37.85
CA LYS A 217 18.04 9.07 36.81
C LYS A 217 19.50 8.80 36.58
N ALA A 218 19.97 9.12 35.38
CA ALA A 218 21.36 8.90 35.01
C ALA A 218 21.73 9.72 33.78
N ASN A 219 23.01 9.72 33.45
CA ASN A 219 23.48 10.34 32.22
C ASN A 219 23.45 9.31 31.12
N PHE A 220 23.21 9.76 29.89
CA PHE A 220 23.14 8.86 28.74
C PHE A 220 24.04 9.33 27.60
N SER A 221 25.00 8.48 27.24
CA SER A 221 25.86 8.70 26.06
C SER A 221 25.41 7.68 25.02
N ILE A 222 24.81 8.18 23.94
CA ILE A 222 24.27 7.30 22.90
C ILE A 222 25.23 7.37 21.72
N LYS A 223 25.52 6.20 21.16
CA LYS A 223 26.18 6.05 19.87
C LYS A 223 25.21 5.31 18.96
N ILE A 224 25.16 5.67 17.67
CA ILE A 224 24.23 5.06 16.72
C ILE A 224 24.89 4.85 15.37
N ARG A 225 24.80 3.63 14.86
CA ARG A 225 25.35 3.29 13.55
C ARG A 225 24.27 3.32 12.50
N ARG A 226 24.62 3.75 11.29
CA ARG A 226 23.61 4.02 10.26
C ARG A 226 24.16 3.98 8.85
N GLU A 227 23.29 3.68 7.89
CA GLU A 227 23.60 3.86 6.48
C GLU A 227 23.70 5.36 6.17
N SER A 228 24.41 5.66 5.07
CA SER A 228 24.63 7.04 4.65
C SER A 228 23.33 7.73 4.29
N ARG A 229 22.37 6.97 3.77
CA ARG A 229 21.05 7.54 3.40
C ARG A 229 20.20 8.04 4.59
N HIS A 230 20.55 7.66 5.82
CA HIS A 230 19.84 8.14 7.01
C HIS A 230 20.61 9.12 7.87
N ILE A 231 19.86 9.85 8.69
CA ILE A 231 20.41 10.66 9.75
C ILE A 231 20.08 9.92 11.04
N ALA A 232 20.70 10.33 12.14
CA ALA A 232 20.31 9.83 13.46
C ALA A 232 20.17 11.02 14.40
N LEU A 233 19.05 11.09 15.09
CA LEU A 233 18.83 12.09 16.10
C LEU A 233 18.77 11.39 17.44
N SER A 234 19.01 12.15 18.49
CA SER A 234 18.81 11.67 19.85
C SER A 234 18.60 12.89 20.71
N ASN A 235 18.59 12.70 22.03
CA ASN A 235 18.25 13.77 22.95
C ASN A 235 19.20 14.92 22.73
N MET A 236 20.48 14.59 22.69
CA MET A 236 21.57 15.57 22.65
C MET A 236 22.06 15.84 21.24
N PRO A 237 22.88 16.91 21.06
CA PRO A 237 23.40 17.15 19.72
C PRO A 237 24.53 16.19 19.39
N LYS A 238 24.86 16.13 18.11
CA LYS A 238 25.81 15.16 17.59
C LYS A 238 27.23 15.75 17.67
N VAL A 239 28.06 15.15 18.52
CA VAL A 239 29.44 15.57 18.69
C VAL A 239 30.25 15.22 17.45
N LYS A 240 30.15 13.98 16.96
CA LYS A 240 30.89 13.59 15.76
C LYS A 240 30.31 12.42 15.01
N THR A 241 30.69 12.32 13.73
CA THR A 241 30.28 11.25 12.84
C THR A 241 31.52 10.61 12.24
N ILE A 242 31.85 9.40 12.68
CA ILE A 242 33.04 8.69 12.19
C ILE A 242 32.64 7.68 11.11
N GLU A 243 33.42 7.60 10.04
CA GLU A 243 33.17 6.64 8.96
C GLU A 243 33.79 5.31 9.34
N LEU A 244 33.18 4.22 8.89
CA LEU A 244 33.67 2.89 9.25
C LEU A 244 34.07 2.13 8.00
N GLU A 245 34.93 1.14 8.22
CA GLU A 245 35.44 0.23 7.20
C GLU A 245 34.48 -0.07 6.04
N GLY A 246 33.29 -0.57 6.36
CA GLY A 246 32.39 -1.09 5.36
C GLY A 246 31.52 -0.07 4.63
N GLY A 247 31.73 1.22 4.91
CA GLY A 247 30.88 2.28 4.33
C GLY A 247 29.89 2.89 5.31
N LEU A 248 29.55 2.19 6.39
CA LEU A 248 28.60 2.70 7.40
C LEU A 248 29.20 3.80 8.26
N LEU A 249 28.33 4.68 8.73
CA LEU A 249 28.73 5.84 9.52
C LEU A 249 28.25 5.58 10.93
N GLU A 250 28.89 6.20 11.90
CA GLU A 250 28.50 6.07 13.30
C GLU A 250 28.47 7.47 13.92
N ASP A 251 27.37 7.80 14.61
CA ASP A 251 27.17 9.12 15.20
C ASP A 251 27.30 9.06 16.70
N HIS A 252 27.99 10.06 17.26
CA HIS A 252 28.29 10.14 18.68
C HIS A 252 27.58 11.36 19.20
N PHE A 253 26.88 11.20 20.31
CA PHE A 253 25.98 12.23 20.83
C PHE A 253 26.50 12.68 22.16
N GLU A 254 26.43 13.98 22.40
CA GLU A 254 26.89 14.56 23.65
C GLU A 254 26.21 13.80 24.78
N THR A 255 26.91 13.61 25.88
CA THR A 255 26.33 12.92 27.02
C THR A 255 25.19 13.75 27.57
N THR A 256 24.10 13.10 27.95
CA THR A 256 22.95 13.84 28.47
C THR A 256 23.22 14.35 29.88
N VAL A 257 22.30 15.17 30.33
CA VAL A 257 22.14 15.53 31.71
C VAL A 257 21.57 14.34 32.49
N LYS A 258 21.54 14.45 33.82
CA LYS A 258 20.76 13.54 34.66
C LYS A 258 19.26 13.60 34.28
N MET A 259 18.71 12.44 33.91
CA MET A 259 17.32 12.36 33.46
C MET A 259 16.75 10.96 33.58
N SER A 260 15.43 10.86 33.52
CA SER A 260 14.76 9.56 33.63
C SER A 260 14.81 8.79 32.31
N THR A 261 14.70 7.46 32.41
CA THR A 261 14.84 6.56 31.25
C THR A 261 13.73 6.75 30.22
N TYR A 262 12.51 7.06 30.67
CA TYR A 262 11.36 7.23 29.75
C TYR A 262 11.51 8.35 28.73
N LEU A 263 12.43 9.28 28.99
CA LEU A 263 12.72 10.42 28.12
C LEU A 263 13.84 10.18 27.13
N VAL A 264 14.68 9.18 27.37
CA VAL A 264 15.73 8.79 26.42
C VAL A 264 15.07 8.54 25.06
N ALA A 265 15.72 8.98 23.99
CA ALA A 265 15.16 8.79 22.67
C ALA A 265 16.21 8.80 21.57
N TYR A 266 15.87 8.12 20.48
CA TYR A 266 16.69 8.13 19.29
C TYR A 266 15.87 7.75 18.09
N ILE A 267 16.28 8.24 16.93
CA ILE A 267 15.52 8.06 15.71
C ILE A 267 16.51 7.81 14.59
N VAL A 268 16.11 7.06 13.57
CA VAL A 268 16.88 6.93 12.34
C VAL A 268 15.92 7.13 11.18
N CYS A 269 16.23 8.10 10.30
CA CYS A 269 15.31 8.46 9.24
C CYS A 269 16.03 9.29 8.20
N ASP A 270 15.33 9.58 7.10
CA ASP A 270 15.82 10.49 6.07
C ASP A 270 15.01 11.79 6.03
N PHE A 271 14.79 12.38 7.19
CA PHE A 271 13.99 13.62 7.27
C PHE A 271 14.82 14.88 6.94
N HIS A 272 14.15 15.94 6.50
CA HIS A 272 14.77 17.27 6.33
C HIS A 272 14.20 18.25 7.36
N SER A 273 15.04 19.17 7.81
CA SER A 273 14.69 20.15 8.84
C SER A 273 14.63 21.60 8.35
N LEU A 274 14.02 22.44 9.18
CA LEU A 274 14.22 23.88 9.16
C LEU A 274 14.70 24.28 10.55
N SER A 275 15.64 25.21 10.61
CA SER A 275 16.33 25.52 11.84
C SER A 275 16.27 27.01 12.12
N GLY A 276 16.41 27.33 13.39
CA GLY A 276 16.39 28.70 13.88
C GLY A 276 17.03 28.73 15.25
N PHE A 277 17.37 29.93 15.71
CA PHE A 277 17.99 30.11 17.01
C PHE A 277 17.18 31.03 17.91
N THR A 278 17.04 30.65 19.18
CA THR A 278 16.32 31.49 20.15
C THR A 278 17.29 32.57 20.60
N SER A 279 16.77 33.64 21.20
CA SER A 279 17.63 34.69 21.76
C SER A 279 18.74 34.15 22.68
N SER A 280 18.47 33.03 23.37
CA SER A 280 19.43 32.34 24.24
C SER A 280 20.34 31.31 23.52
N GLY A 281 20.41 31.37 22.20
CA GLY A 281 21.35 30.54 21.43
C GLY A 281 20.97 29.08 21.24
N VAL A 282 19.73 28.72 21.55
CA VAL A 282 19.27 27.34 21.41
C VAL A 282 18.92 27.08 19.96
N LYS A 283 19.44 25.99 19.39
CA LYS A 283 19.13 25.62 18.02
C LYS A 283 17.86 24.73 17.93
N VAL A 284 16.73 25.39 17.66
CA VAL A 284 15.48 24.72 17.41
C VAL A 284 15.45 24.27 15.96
N SER A 285 15.23 22.98 15.73
CA SER A 285 15.01 22.47 14.38
C SER A 285 13.69 21.70 14.33
N ILE A 286 13.01 21.79 13.20
CA ILE A 286 11.72 21.15 12.99
C ILE A 286 11.95 20.11 11.90
N TYR A 287 11.96 18.84 12.31
CA TYR A 287 12.19 17.75 11.37
C TYR A 287 10.86 17.19 10.91
N ALA A 288 10.79 16.83 9.64
CA ALA A 288 9.61 16.22 9.08
C ALA A 288 10.00 15.45 7.82
N SER A 289 9.06 14.71 7.26
CA SER A 289 9.23 14.08 5.96
C SER A 289 9.80 15.10 4.93
N PRO A 290 10.61 14.65 3.94
CA PRO A 290 11.21 15.57 2.96
C PRO A 290 10.23 16.44 2.16
N ASP A 291 9.17 15.85 1.61
CA ASP A 291 8.21 16.61 0.80
C ASP A 291 7.22 17.42 1.65
N LYS A 292 7.39 17.44 2.98
CA LYS A 292 6.51 18.20 3.88
C LYS A 292 7.26 19.33 4.60
N ARG A 293 8.43 19.73 4.11
CA ARG A 293 9.24 20.72 4.82
C ARG A 293 8.56 22.09 4.81
N ASN A 294 7.81 22.41 3.75
CA ASN A 294 7.01 23.64 3.72
C ASN A 294 6.09 23.79 4.93
N GLN A 295 5.61 22.68 5.47
CA GLN A 295 4.65 22.70 6.59
C GLN A 295 5.28 22.94 7.98
N THR A 296 6.62 22.96 8.05
CA THR A 296 7.36 23.13 9.32
C THR A 296 7.54 24.57 9.77
N HIS A 297 7.22 25.54 8.91
CA HIS A 297 7.41 26.98 9.21
C HIS A 297 6.75 27.47 10.48
N TYR A 298 5.44 27.30 10.61
CA TYR A 298 4.73 27.80 11.79
C TYR A 298 5.29 27.20 13.10
N ALA A 299 5.52 25.89 13.10
CA ALA A 299 6.08 25.21 14.29
C ALA A 299 7.42 25.78 14.74
N LEU A 300 8.26 26.13 13.78
CA LEU A 300 9.53 26.81 14.07
C LEU A 300 9.31 28.18 14.71
N GLN A 301 8.52 29.01 14.04
CA GLN A 301 8.17 30.32 14.55
C GLN A 301 7.62 30.25 15.96
N ALA A 302 6.65 29.37 16.18
CA ALA A 302 5.96 29.30 17.47
C ALA A 302 6.89 28.81 18.57
N SER A 303 7.60 27.72 18.29
CA SER A 303 8.50 27.12 19.28
C SER A 303 9.56 28.11 19.73
N LEU A 304 10.16 28.82 18.77
CA LEU A 304 11.09 29.93 19.05
C LEU A 304 10.49 30.92 20.06
N LYS A 305 9.34 31.52 19.71
CA LYS A 305 8.67 32.49 20.60
C LYS A 305 8.38 31.87 21.96
N LEU A 306 7.97 30.60 21.93
CA LEU A 306 7.54 29.90 23.14
C LEU A 306 8.69 29.54 24.07
N LEU A 307 9.79 29.10 23.51
CA LEU A 307 10.95 28.76 24.33
C LEU A 307 11.54 30.00 24.98
N ASP A 308 11.55 31.12 24.24
CA ASP A 308 11.90 32.43 24.80
C ASP A 308 11.00 32.71 26.00
N PHE A 309 9.67 32.62 25.80
CA PHE A 309 8.75 32.87 26.91
C PHE A 309 9.10 32.00 28.11
N TYR A 310 9.14 30.69 27.90
CA TYR A 310 9.31 29.74 29.01
C TYR A 310 10.60 29.96 29.79
N GLU A 311 11.69 30.21 29.05
CA GLU A 311 12.99 30.58 29.65
C GLU A 311 12.86 31.74 30.65
N LYS A 312 12.31 32.86 30.17
CA LYS A 312 12.06 34.02 31.02
C LYS A 312 11.10 33.73 32.17
N TYR A 313 9.95 33.14 31.84
CA TYR A 313 8.89 32.88 32.82
C TYR A 313 9.39 32.08 34.00
N PHE A 314 10.07 30.97 33.73
CA PHE A 314 10.61 30.12 34.78
C PHE A 314 11.89 30.68 35.38
N ASP A 315 12.59 31.54 34.63
CA ASP A 315 13.90 32.09 35.02
C ASP A 315 14.94 30.97 35.10
N ILE A 316 14.81 30.01 34.19
CA ILE A 316 15.70 28.86 34.09
C ILE A 316 15.92 28.65 32.61
N TYR A 317 17.16 28.79 32.15
CA TYR A 317 17.49 28.52 30.75
C TYR A 317 17.21 27.06 30.39
N TYR A 318 16.82 26.84 29.14
CA TYR A 318 16.78 25.51 28.59
C TYR A 318 18.24 25.02 28.53
N PRO A 319 18.54 23.87 29.17
CA PRO A 319 19.96 23.52 29.34
C PRO A 319 20.70 23.05 28.08
N LEU A 320 20.01 22.50 27.10
CA LEU A 320 20.68 21.90 25.95
C LEU A 320 20.96 22.90 24.86
N SER A 321 21.97 22.63 24.05
CA SER A 321 22.28 23.43 22.86
C SER A 321 21.14 23.43 21.87
N LYS A 322 20.49 22.29 21.70
CA LYS A 322 19.42 22.15 20.72
C LYS A 322 18.15 21.57 21.33
N LEU A 323 17.04 21.86 20.64
CA LEU A 323 15.76 21.23 20.86
C LEU A 323 15.18 20.89 19.50
N ASP A 324 14.96 19.61 19.25
CA ASP A 324 14.37 19.15 18.00
C ASP A 324 12.92 18.77 18.20
N LEU A 325 12.12 19.13 17.21
CA LEU A 325 10.72 18.79 17.15
C LEU A 325 10.58 18.00 15.87
N ILE A 326 10.20 16.74 15.97
CA ILE A 326 10.09 15.87 14.80
C ILE A 326 8.64 15.39 14.64
N ALA A 327 8.18 15.33 13.39
CA ALA A 327 6.81 14.97 13.03
C ALA A 327 6.76 13.54 12.53
N ILE A 328 6.53 12.60 13.45
CA ILE A 328 6.49 11.16 13.15
C ILE A 328 5.13 10.78 12.56
N PRO A 329 5.11 10.08 11.41
CA PRO A 329 3.87 9.63 10.74
C PRO A 329 3.00 8.65 11.55
N ASP A 330 3.59 7.56 12.04
CA ASP A 330 2.88 6.59 12.89
C ASP A 330 3.19 6.92 14.34
N PHE A 331 2.32 7.72 14.96
CA PHE A 331 2.53 8.17 16.34
C PHE A 331 1.25 8.13 17.17
N ALA A 332 1.23 7.24 18.16
CA ALA A 332 0.04 6.98 18.96
C ALA A 332 -0.37 8.23 19.74
N PRO A 333 0.48 8.73 20.66
CA PRO A 333 0.04 9.92 21.41
C PRO A 333 0.02 11.17 20.55
N GLY A 334 -0.40 12.29 21.12
CA GLY A 334 -0.43 13.56 20.39
C GLY A 334 1.00 14.03 20.18
N ALA A 335 1.79 13.88 21.24
CA ALA A 335 3.19 14.21 21.23
C ALA A 335 3.86 13.58 22.46
N MET A 336 5.20 13.54 22.45
CA MET A 336 5.98 13.03 23.59
C MET A 336 7.22 13.89 23.89
N GLU A 337 7.37 14.25 25.16
CA GLU A 337 8.30 15.32 25.57
C GLU A 337 9.79 14.93 25.68
N ASN A 338 10.18 13.86 25.02
CA ASN A 338 11.58 13.43 24.97
C ASN A 338 12.57 14.62 24.94
N TRP A 339 13.33 14.80 26.04
CA TRP A 339 14.23 15.97 26.24
C TRP A 339 15.11 16.26 25.04
N GLY A 340 14.91 17.39 24.37
CA GLY A 340 15.67 17.74 23.19
C GLY A 340 15.28 17.06 21.89
N LEU A 341 14.38 16.07 21.93
CA LEU A 341 13.88 15.41 20.73
C LEU A 341 12.41 15.06 20.93
N ILE A 342 11.57 16.08 20.82
CA ILE A 342 10.13 15.96 21.06
C ILE A 342 9.47 15.39 19.81
N THR A 343 8.83 14.24 19.98
CA THR A 343 8.10 13.54 18.91
C THR A 343 6.64 14.00 18.89
N TYR A 344 6.10 14.26 17.70
CA TYR A 344 4.71 14.75 17.51
C TYR A 344 4.03 13.99 16.39
N ARG A 345 2.72 13.79 16.53
CA ARG A 345 1.89 13.49 15.38
C ARG A 345 1.99 14.63 14.37
N GLU A 346 1.95 14.30 13.09
CA GLU A 346 1.95 15.30 12.03
C GLU A 346 0.83 16.37 12.20
N THR A 347 -0.29 16.00 12.78
CA THR A 347 -1.37 16.97 13.04
C THR A 347 -1.13 17.83 14.28
N SER A 348 -0.16 17.45 15.11
CA SER A 348 0.18 18.23 16.30
C SER A 348 1.27 19.27 16.04
N LEU A 349 1.74 19.37 14.80
CA LEU A 349 2.98 20.12 14.52
C LEU A 349 3.03 20.73 13.13
N LEU A 350 2.71 19.96 12.10
CA LEU A 350 2.68 20.49 10.74
C LEU A 350 1.49 21.43 10.52
N PHE A 351 1.65 22.37 9.60
CA PHE A 351 0.64 23.37 9.31
C PHE A 351 0.80 23.86 7.88
N ASP A 352 -0.26 23.78 7.11
CA ASP A 352 -0.28 24.22 5.72
C ASP A 352 -1.48 25.16 5.59
N PRO A 353 -1.23 26.45 5.32
CA PRO A 353 -2.35 27.41 5.31
C PRO A 353 -3.40 27.18 4.21
N LYS A 354 -3.07 26.38 3.19
CA LYS A 354 -4.02 26.00 2.13
C LYS A 354 -5.11 24.99 2.58
N THR A 355 -5.07 24.56 3.85
CA THR A 355 -5.70 23.31 4.24
C THR A 355 -5.85 23.10 5.77
N SER A 356 -4.91 23.60 6.57
CA SER A 356 -5.11 23.74 8.01
C SER A 356 -5.96 24.96 8.25
N SER A 357 -6.75 24.95 9.32
CA SER A 357 -7.64 26.05 9.69
C SER A 357 -7.29 26.67 11.03
N ALA A 358 -7.90 27.82 11.33
CA ALA A 358 -7.78 28.49 12.64
C ALA A 358 -7.65 27.54 13.83
N SER A 359 -8.54 26.55 13.88
CA SER A 359 -8.57 25.57 14.95
C SER A 359 -7.29 24.75 14.97
N ASP A 360 -6.87 24.28 13.80
CA ASP A 360 -5.62 23.54 13.65
C ASP A 360 -4.45 24.40 14.12
N LYS A 361 -4.41 25.66 13.69
CA LYS A 361 -3.37 26.60 14.17
C LYS A 361 -3.40 26.64 15.69
N LEU A 362 -4.59 26.79 16.25
CA LEU A 362 -4.74 26.86 17.69
C LEU A 362 -4.28 25.55 18.37
N TRP A 363 -4.59 24.42 17.75
CA TRP A 363 -4.16 23.09 18.23
C TRP A 363 -2.63 22.90 18.17
N VAL A 364 -2.02 23.17 17.02
CA VAL A 364 -0.57 23.03 16.87
C VAL A 364 0.17 23.90 17.91
N THR A 365 -0.25 25.17 18.02
CA THR A 365 0.32 26.09 19.02
C THR A 365 0.19 25.54 20.43
N ARG A 366 -0.96 24.94 20.68
CA ARG A 366 -1.27 24.43 22.00
C ARG A 366 -0.39 23.22 22.37
N VAL A 367 -0.16 22.31 21.43
CA VAL A 367 0.65 21.12 21.70
C VAL A 367 2.13 21.47 21.77
N ILE A 368 2.56 22.41 20.94
CA ILE A 368 3.94 22.87 20.98
C ILE A 368 4.21 23.48 22.36
N ALA A 369 3.32 24.34 22.82
CA ALA A 369 3.46 24.97 24.13
C ALA A 369 3.40 23.94 25.25
N HIS A 370 2.58 22.91 25.05
CA HIS A 370 2.44 21.83 26.03
C HIS A 370 3.74 21.04 26.20
N GLU A 371 4.34 20.65 25.08
CA GLU A 371 5.58 19.86 25.07
C GLU A 371 6.79 20.67 25.49
N LEU A 372 6.83 21.96 25.11
CA LEU A 372 7.93 22.84 25.54
C LEU A 372 7.87 23.08 27.05
N ALA A 373 6.68 23.25 27.61
CA ALA A 373 6.54 23.38 29.07
C ALA A 373 7.00 22.11 29.80
N HIS A 374 6.85 20.94 29.16
CA HIS A 374 7.28 19.65 29.75
C HIS A 374 8.77 19.60 30.00
N GLN A 375 9.54 20.32 29.17
CA GLN A 375 11.00 20.39 29.29
C GLN A 375 11.45 20.86 30.67
N TRP A 376 10.61 21.65 31.33
CA TRP A 376 10.81 22.05 32.73
C TRP A 376 9.96 21.17 33.66
N PHE A 377 8.65 21.11 33.41
CA PHE A 377 7.73 20.30 34.20
C PHE A 377 7.67 18.88 33.66
N GLY A 378 8.55 18.02 34.19
CA GLY A 378 8.66 16.63 33.77
C GLY A 378 10.10 16.22 33.62
N ASN A 379 10.79 16.84 32.67
CA ASN A 379 12.16 16.47 32.32
C ASN A 379 13.19 17.03 33.29
N LEU A 380 13.09 18.33 33.54
CA LEU A 380 13.93 19.00 34.51
C LEU A 380 13.54 18.56 35.91
N VAL A 381 12.25 18.55 36.20
CA VAL A 381 11.73 18.09 37.48
C VAL A 381 10.75 16.97 37.24
N THR A 382 11.20 15.74 37.50
CA THR A 382 10.40 14.54 37.27
C THR A 382 9.72 14.10 38.56
N MET A 383 8.50 13.57 38.44
CA MET A 383 7.78 13.01 39.58
C MET A 383 8.45 11.73 40.07
N GLU A 384 8.28 11.43 41.34
CA GLU A 384 8.89 10.24 41.94
C GLU A 384 8.36 8.96 41.38
N TRP A 385 7.06 8.91 41.15
CA TRP A 385 6.40 7.71 40.64
C TRP A 385 5.10 8.07 39.89
N TRP A 386 4.63 7.15 39.06
CA TRP A 386 3.49 7.35 38.16
C TRP A 386 2.12 7.69 38.80
N ASN A 387 1.94 7.39 40.08
CA ASN A 387 0.75 7.84 40.82
C ASN A 387 0.55 9.37 40.73
N ASP A 388 1.65 10.10 40.73
CA ASP A 388 1.61 11.56 40.70
C ASP A 388 1.98 12.13 39.31
N ILE A 389 1.68 11.36 38.26
CA ILE A 389 1.84 11.82 36.85
C ILE A 389 1.25 13.20 36.56
N TRP A 390 0.20 13.61 37.26
CA TRP A 390 -0.43 14.90 37.02
C TRP A 390 0.49 16.11 37.24
N LEU A 391 1.36 16.08 38.26
CA LEU A 391 2.36 17.16 38.51
C LEU A 391 3.11 17.61 37.24
N LYS A 392 3.23 16.67 36.31
CA LYS A 392 3.83 16.86 35.01
C LYS A 392 2.74 17.23 34.00
N GLU A 393 1.72 16.40 33.89
CA GLU A 393 0.71 16.51 32.82
C GLU A 393 -0.27 17.66 33.01
N GLY A 394 -0.67 17.87 34.26
CA GLY A 394 -1.54 18.97 34.65
C GLY A 394 -0.87 20.30 34.47
N PHE A 395 0.28 20.47 35.11
CA PHE A 395 1.09 21.69 34.94
C PHE A 395 1.43 22.02 33.50
N ALA A 396 1.80 21.01 32.71
CA ALA A 396 2.04 21.24 31.30
C ALA A 396 0.79 21.80 30.61
N LYS A 397 -0.37 21.21 30.89
CA LYS A 397 -1.64 21.69 30.31
C LYS A 397 -2.01 23.13 30.75
N TYR A 398 -1.84 23.40 32.03
CA TYR A 398 -2.00 24.76 32.57
C TYR A 398 -1.07 25.75 31.88
N MET A 399 0.20 25.40 31.72
CA MET A 399 1.16 26.32 31.12
C MET A 399 0.89 26.63 29.65
N GLU A 400 0.11 25.80 28.96
CA GLU A 400 -0.39 26.14 27.61
C GLU A 400 -1.09 27.51 27.69
N LEU A 401 -1.96 27.65 28.68
CA LEU A 401 -2.73 28.86 28.91
C LEU A 401 -1.81 30.08 29.07
N ILE A 402 -0.97 30.01 30.08
CA ILE A 402 -0.10 31.12 30.46
C ILE A 402 0.76 31.51 29.25
N ALA A 403 1.36 30.50 28.62
CA ALA A 403 2.32 30.70 27.53
C ALA A 403 1.69 31.18 26.23
N VAL A 404 0.54 30.61 25.87
CA VAL A 404 -0.12 30.96 24.62
C VAL A 404 -0.84 32.32 24.75
N ASN A 405 -1.36 32.61 25.93
CA ASN A 405 -1.89 33.94 26.23
C ASN A 405 -0.82 35.01 26.05
N ALA A 406 0.39 34.72 26.52
CA ALA A 406 1.53 35.65 26.42
C ALA A 406 2.08 35.80 24.99
N THR A 407 2.39 34.70 24.33
CA THR A 407 3.03 34.77 23.01
C THR A 407 2.02 35.04 21.87
N TYR A 408 0.81 34.47 21.96
CA TYR A 408 -0.17 34.49 20.85
C TYR A 408 -1.56 34.93 21.38
N PRO A 409 -1.66 36.18 21.92
CA PRO A 409 -2.93 36.65 22.52
C PRO A 409 -4.09 36.79 21.53
N GLU A 410 -3.75 37.03 20.25
CA GLU A 410 -4.72 36.99 19.15
C GLU A 410 -5.51 35.67 19.03
N LEU A 411 -4.90 34.55 19.43
CA LEU A 411 -5.58 33.23 19.43
C LEU A 411 -6.72 33.09 20.45
N GLN A 412 -6.76 33.99 21.44
CA GLN A 412 -7.84 34.02 22.44
C GLN A 412 -8.01 32.65 23.09
N PHE A 413 -6.89 32.06 23.47
CA PHE A 413 -6.88 30.69 23.95
C PHE A 413 -7.54 30.53 25.32
N ASP A 414 -7.67 31.60 26.10
CA ASP A 414 -8.21 31.50 27.47
C ASP A 414 -9.73 31.30 27.53
N ASP A 415 -10.42 31.72 26.46
CA ASP A 415 -11.84 31.43 26.29
C ASP A 415 -12.00 29.94 25.99
N TYR A 416 -11.07 29.37 25.23
CA TYR A 416 -11.05 27.94 24.91
C TYR A 416 -10.67 27.05 26.09
N PHE A 417 -9.89 27.58 27.03
CA PHE A 417 -9.51 26.84 28.24
C PHE A 417 -10.70 26.51 29.12
N LEU A 418 -11.69 27.41 29.18
CA LEU A 418 -12.96 27.13 29.88
C LEU A 418 -13.63 25.88 29.34
N ASN A 419 -13.77 25.85 28.01
CA ASN A 419 -14.27 24.70 27.28
C ASN A 419 -13.69 23.38 27.79
N VAL A 420 -12.36 23.34 27.91
CA VAL A 420 -11.67 22.13 28.32
C VAL A 420 -12.00 21.77 29.77
N CYS A 421 -12.13 22.77 30.63
CA CYS A 421 -12.52 22.55 32.03
C CYS A 421 -13.97 22.07 32.17
N PHE A 422 -14.88 22.64 31.39
CA PHE A 422 -16.27 22.20 31.40
C PHE A 422 -16.35 20.74 30.97
N GLU A 423 -15.76 20.42 29.82
CA GLU A 423 -15.77 19.02 29.32
C GLU A 423 -15.22 17.99 30.33
N VAL A 424 -14.34 18.43 31.23
CA VAL A 424 -13.94 17.61 32.37
C VAL A 424 -15.11 17.40 33.33
N ILE A 425 -15.73 18.50 33.79
CA ILE A 425 -16.87 18.43 34.75
C ILE A 425 -17.92 17.39 34.35
N THR A 426 -18.22 17.33 33.05
CA THR A 426 -19.12 16.34 32.46
C THR A 426 -18.77 14.87 32.83
N LYS A 427 -17.50 14.51 32.71
CA LYS A 427 -17.05 13.15 33.08
C LYS A 427 -16.79 13.02 34.60
N ASP A 428 -16.35 14.11 35.23
CA ASP A 428 -16.03 14.14 36.67
C ASP A 428 -17.27 14.16 37.59
N SER A 429 -18.45 14.33 37.00
CA SER A 429 -19.71 14.34 37.75
C SER A 429 -20.33 12.95 37.96
N LEU A 430 -19.63 11.86 37.62
CA LEU A 430 -20.15 10.52 37.82
C LEU A 430 -19.55 9.89 39.08
N ASN A 431 -20.18 8.80 39.52
CA ASN A 431 -19.66 8.01 40.65
C ASN A 431 -18.31 7.38 40.31
N SER A 432 -18.19 6.88 39.09
CA SER A 432 -17.02 6.15 38.64
C SER A 432 -15.89 7.03 38.12
N SER A 433 -15.87 8.30 38.52
CA SER A 433 -14.68 9.12 38.31
C SER A 433 -13.63 8.71 39.36
N ARG A 434 -12.41 9.21 39.21
CA ARG A 434 -11.29 8.89 40.10
C ARG A 434 -10.51 10.17 40.44
N PRO A 435 -9.71 10.14 41.53
CA PRO A 435 -8.88 11.31 41.85
C PRO A 435 -7.77 11.56 40.82
N ILE A 436 -7.28 12.80 40.73
CA ILE A 436 -6.12 13.12 39.86
C ILE A 436 -4.83 12.40 40.33
N SER A 437 -4.75 12.07 41.62
CA SER A 437 -3.59 11.39 42.19
C SER A 437 -4.06 10.26 43.10
N LYS A 438 -3.99 9.04 42.57
CA LYS A 438 -4.30 7.81 43.30
C LYS A 438 -3.11 6.86 43.11
N PRO A 439 -2.94 5.86 44.00
CA PRO A 439 -1.81 4.93 43.84
C PRO A 439 -1.85 4.10 42.54
N ALA A 440 -0.68 3.63 42.10
CA ALA A 440 -0.55 2.85 40.85
C ALA A 440 0.61 1.82 40.91
N GLU A 441 0.43 0.69 40.23
CA GLU A 441 1.25 -0.54 40.38
C GLU A 441 1.50 -1.26 39.04
N THR A 442 0.55 -2.08 38.62
CA THR A 442 0.75 -3.02 37.52
C THR A 442 0.91 -2.31 36.17
N PRO A 443 1.64 -2.92 35.20
CA PRO A 443 1.76 -2.38 33.83
C PRO A 443 0.48 -1.82 33.19
N THR A 444 -0.69 -2.38 33.54
CA THR A 444 -1.99 -1.81 33.12
C THR A 444 -2.45 -0.55 33.89
N GLN A 445 -2.47 -0.63 35.21
CA GLN A 445 -2.99 0.46 36.03
C GLN A 445 -2.11 1.77 35.94
N ILE A 446 -0.83 1.66 35.54
CA ILE A 446 -0.07 2.88 35.15
C ILE A 446 -0.61 3.43 33.84
N GLN A 447 -0.86 2.58 32.83
CA GLN A 447 -1.42 3.07 31.55
C GLN A 447 -2.82 3.69 31.75
N GLU A 448 -3.56 3.20 32.76
CA GLU A 448 -4.83 3.83 33.15
C GLU A 448 -4.74 5.28 33.65
N MET A 449 -3.58 5.68 34.16
CA MET A 449 -3.37 7.05 34.63
C MET A 449 -3.36 8.10 33.50
N PHE A 450 -3.34 7.65 32.24
CA PHE A 450 -3.23 8.53 31.08
C PHE A 450 -4.61 8.78 30.43
N ASP A 451 -5.18 9.97 30.63
CA ASP A 451 -6.52 10.32 30.13
C ASP A 451 -6.78 11.86 30.06
N GLU A 452 -7.81 12.35 30.76
CA GLU A 452 -8.14 13.78 30.88
C GLU A 452 -8.31 14.25 32.34
N VAL A 453 -8.57 13.33 33.28
CA VAL A 453 -8.68 13.69 34.69
C VAL A 453 -7.32 14.17 35.15
N SER A 454 -6.31 13.31 35.08
CA SER A 454 -4.96 13.64 35.61
C SER A 454 -4.33 14.83 34.84
N TYR A 455 -5.08 15.40 33.90
CA TYR A 455 -4.55 16.21 32.86
C TYR A 455 -5.31 17.51 32.93
N ASN A 456 -6.52 17.53 32.39
CA ASN A 456 -7.28 18.77 32.30
C ASN A 456 -7.76 19.17 33.68
N LYS A 457 -8.41 18.24 34.40
CA LYS A 457 -8.81 18.56 35.78
C LYS A 457 -7.61 19.13 36.52
N GLY A 458 -6.45 18.48 36.39
CA GLY A 458 -5.18 19.03 36.86
C GLY A 458 -4.99 20.50 36.53
N ALA A 459 -5.02 20.83 35.25
CA ALA A 459 -4.83 22.20 34.77
C ALA A 459 -5.85 23.22 35.31
N CYS A 460 -7.12 22.81 35.41
CA CYS A 460 -8.17 23.68 35.93
C CYS A 460 -7.97 23.98 37.40
N ILE A 461 -7.72 22.93 38.19
CA ILE A 461 -7.46 23.08 39.64
C ILE A 461 -6.20 23.91 39.92
N LEU A 462 -5.22 23.87 39.00
CA LEU A 462 -4.10 24.81 39.06
C LEU A 462 -4.51 26.22 38.69
N ASN A 463 -5.30 26.36 37.63
CA ASN A 463 -5.84 27.66 37.22
C ASN A 463 -6.68 28.35 38.30
N MET A 464 -7.40 27.55 39.07
CA MET A 464 -8.05 28.04 40.27
C MET A 464 -7.04 28.65 41.23
N LEU A 465 -5.95 27.93 41.48
CA LEU A 465 -4.95 28.35 42.47
C LEU A 465 -4.15 29.59 42.05
N LYS A 466 -3.93 29.78 40.74
CA LYS A 466 -3.42 31.07 40.23
C LYS A 466 -4.33 32.20 40.68
N ASP A 467 -5.64 32.04 40.46
CA ASP A 467 -6.61 33.05 40.86
C ASP A 467 -6.61 33.35 42.36
N PHE A 468 -6.47 32.30 43.19
CA PHE A 468 -6.45 32.48 44.66
C PHE A 468 -5.14 33.05 45.22
N LEU A 469 -4.02 32.83 44.53
CA LEU A 469 -2.72 33.38 44.96
C LEU A 469 -2.23 34.54 44.10
N GLY A 470 -2.84 34.77 42.94
CA GLY A 470 -2.40 35.82 42.03
C GLY A 470 -1.23 35.34 41.18
N GLU A 471 -1.18 35.83 39.94
CA GLU A 471 -0.13 35.45 38.97
C GLU A 471 1.30 35.58 39.53
N GLU A 472 1.54 36.65 40.29
CA GLU A 472 2.90 36.99 40.75
C GLU A 472 3.42 36.04 41.84
N LYS A 473 2.58 35.77 42.85
CA LYS A 473 2.94 34.83 43.94
C LYS A 473 2.94 33.37 43.45
N PHE A 474 2.06 33.05 42.52
CA PHE A 474 2.02 31.72 41.90
C PHE A 474 3.30 31.47 41.13
N GLN A 475 3.65 32.41 40.26
CA GLN A 475 4.89 32.34 39.46
C GLN A 475 6.11 32.09 40.35
N LYS A 476 6.35 32.97 41.31
CA LYS A 476 7.49 32.87 42.24
C LYS A 476 7.59 31.51 42.94
N GLY A 477 6.43 30.94 43.29
CA GLY A 477 6.34 29.60 43.90
C GLY A 477 6.79 28.44 43.01
N ILE A 478 6.47 28.51 41.72
CA ILE A 478 6.92 27.49 40.78
C ILE A 478 8.35 27.75 40.26
N ILE A 479 8.84 28.98 40.35
CA ILE A 479 10.24 29.26 40.03
C ILE A 479 11.09 28.54 41.06
N GLN A 480 10.75 28.66 42.34
CA GLN A 480 11.46 27.95 43.38
C GLN A 480 11.28 26.43 43.33
N TYR A 481 10.07 25.97 43.02
CA TYR A 481 9.82 24.52 42.83
C TYR A 481 10.78 23.94 41.79
N LEU A 482 10.86 24.60 40.63
CA LEU A 482 11.69 24.14 39.52
C LEU A 482 13.18 24.13 39.89
N LYS A 483 13.65 25.21 40.50
CA LYS A 483 15.06 25.33 40.91
C LYS A 483 15.44 24.39 42.05
N LYS A 484 14.55 24.24 43.04
CA LYS A 484 14.81 23.38 44.19
C LYS A 484 14.93 21.90 43.81
N PHE A 485 14.21 21.47 42.79
CA PHE A 485 14.23 20.05 42.38
C PHE A 485 14.75 19.85 40.95
N SER A 486 15.62 20.76 40.50
CA SER A 486 16.21 20.64 39.17
C SER A 486 17.08 19.40 39.11
N TYR A 487 16.97 18.65 38.01
CA TYR A 487 17.74 17.44 37.77
C TYR A 487 17.48 16.34 38.83
N ARG A 488 16.33 16.44 39.51
CA ARG A 488 15.98 15.66 40.67
C ARG A 488 14.47 15.35 40.63
N ASN A 489 13.95 14.62 41.61
CA ASN A 489 12.51 14.29 41.68
C ASN A 489 11.74 14.85 42.87
N ALA A 490 10.41 14.90 42.73
CA ALA A 490 9.53 15.60 43.68
C ALA A 490 8.12 14.96 43.79
N LYS A 491 7.57 14.96 45.01
CA LYS A 491 6.22 14.45 45.29
C LYS A 491 5.19 15.57 45.13
N ASN A 492 3.93 15.21 45.36
CA ASN A 492 2.84 16.18 45.52
C ASN A 492 3.12 17.27 46.56
N ASP A 493 3.51 16.84 47.76
CA ASP A 493 3.71 17.75 48.90
C ASP A 493 4.84 18.78 48.65
N ASP A 494 5.90 18.34 47.96
CA ASP A 494 7.01 19.23 47.55
C ASP A 494 6.56 20.44 46.72
N LEU A 495 5.56 20.24 45.86
CA LEU A 495 4.95 21.34 45.13
C LEU A 495 4.19 22.31 46.04
N TRP A 496 3.42 21.78 46.99
CA TRP A 496 2.56 22.63 47.81
C TRP A 496 3.36 23.50 48.78
N SER A 497 4.38 22.91 49.42
CA SER A 497 5.30 23.67 50.29
C SER A 497 6.01 24.79 49.52
N SER A 498 6.28 24.55 48.24
CA SER A 498 6.91 25.54 47.39
C SER A 498 5.95 26.69 47.05
N LEU A 499 4.67 26.38 46.83
CA LEU A 499 3.65 27.41 46.53
C LEU A 499 3.16 28.18 47.76
N SER A 500 3.10 27.54 48.93
CA SER A 500 2.79 28.25 50.18
C SER A 500 3.92 29.19 50.63
N ASN A 501 5.17 28.70 50.61
CA ASN A 501 6.33 29.52 50.99
C ASN A 501 6.88 30.33 49.81
N SER A 502 6.53 31.62 49.74
CA SER A 502 7.00 32.52 48.69
C SER A 502 6.70 33.99 49.01
N LEU A 528 7.20 36.96 58.06
CA LEU A 528 6.46 35.89 58.75
C LEU A 528 5.38 36.51 59.67
N GLY A 529 4.26 35.83 59.87
CA GLY A 529 3.94 34.53 59.25
C GLY A 529 2.74 33.81 59.85
N GLU A 530 1.53 34.29 59.52
CA GLU A 530 0.31 33.50 59.73
C GLU A 530 -0.03 32.84 58.38
N ASN A 531 -0.18 31.52 58.41
CA ASN A 531 0.21 30.69 57.27
C ASN A 531 -0.77 30.64 56.10
N ALA A 532 -0.20 30.62 54.90
CA ALA A 532 -0.82 29.95 53.76
C ALA A 532 -0.58 28.46 54.04
N GLU A 533 -1.67 27.69 54.10
CA GLU A 533 -1.62 26.28 54.45
C GLU A 533 -2.14 25.51 53.24
N VAL A 534 -1.50 25.79 52.12
CA VAL A 534 -2.12 25.50 50.83
C VAL A 534 -2.29 23.98 50.68
N LYS A 535 -1.36 23.20 51.24
CA LYS A 535 -1.49 21.74 51.36
C LYS A 535 -2.89 21.28 51.70
N GLU A 536 -3.46 21.83 52.79
CA GLU A 536 -4.79 21.43 53.26
C GLU A 536 -5.82 21.69 52.18
N MET A 537 -5.70 22.82 51.49
CA MET A 537 -6.63 23.16 50.42
C MET A 537 -6.56 22.15 49.27
N MET A 538 -5.35 21.71 48.92
CA MET A 538 -5.15 20.85 47.76
C MET A 538 -5.26 19.37 48.03
N THR A 539 -4.98 18.94 49.26
CA THR A 539 -5.28 17.55 49.67
C THR A 539 -6.70 17.16 49.22
N THR A 540 -7.63 18.12 49.32
CA THR A 540 -9.04 17.88 49.01
C THR A 540 -9.37 18.00 47.49
N TRP A 541 -8.64 18.81 46.73
CA TRP A 541 -8.80 18.84 45.26
C TRP A 541 -8.07 17.72 44.51
N THR A 542 -6.99 17.18 45.09
CA THR A 542 -6.14 16.21 44.40
C THR A 542 -6.46 14.77 44.78
N LEU A 543 -6.42 14.47 46.07
CA LEU A 543 -6.54 13.08 46.55
C LEU A 543 -7.99 12.65 46.80
N GLN A 544 -8.95 13.52 46.46
CA GLN A 544 -10.37 13.22 46.64
C GLN A 544 -11.10 13.29 45.30
N LYS A 545 -12.12 12.45 45.16
CA LYS A 545 -12.81 12.21 43.89
C LYS A 545 -13.74 13.39 43.56
N GLY A 546 -14.22 13.46 42.32
CA GLY A 546 -15.41 14.24 41.97
C GLY A 546 -15.29 15.76 41.98
N ILE A 547 -16.44 16.43 42.19
CA ILE A 547 -16.58 17.90 42.12
C ILE A 547 -17.67 18.44 43.08
N PRO A 548 -17.40 19.58 43.77
CA PRO A 548 -18.44 20.19 44.61
C PRO A 548 -19.55 20.91 43.85
N LEU A 549 -20.76 20.82 44.39
CA LEU A 549 -21.88 21.72 44.03
C LEU A 549 -22.02 22.74 45.15
N LEU A 550 -22.10 24.01 44.81
CA LEU A 550 -22.41 25.07 45.77
C LEU A 550 -23.87 25.50 45.63
N VAL A 551 -24.68 25.24 46.66
CA VAL A 551 -26.05 25.76 46.71
C VAL A 551 -26.08 27.05 47.52
N VAL A 552 -26.78 28.06 46.99
CA VAL A 552 -26.91 29.37 47.64
C VAL A 552 -28.38 29.76 47.76
N LYS A 553 -28.80 30.16 48.96
CA LYS A 553 -30.12 30.73 49.20
C LYS A 553 -29.89 32.18 49.58
N GLN A 554 -30.74 33.07 49.09
CA GLN A 554 -30.64 34.49 49.41
C GLN A 554 -31.97 34.99 49.97
N ASP A 555 -32.11 34.89 51.30
CA ASP A 555 -33.27 35.44 52.04
C ASP A 555 -32.97 36.90 52.43
N GLY A 556 -33.29 37.82 51.52
CA GLY A 556 -33.09 39.25 51.77
C GLY A 556 -31.64 39.69 51.66
N CYS A 557 -30.96 39.73 52.82
CA CYS A 557 -29.57 40.21 52.91
C CYS A 557 -28.52 39.19 53.44
N SER A 558 -28.96 37.96 53.76
CA SER A 558 -28.07 36.91 54.26
C SER A 558 -28.05 35.72 53.30
N LEU A 559 -26.86 35.14 53.09
CA LEU A 559 -26.66 34.02 52.16
C LEU A 559 -26.37 32.70 52.89
N ARG A 560 -27.13 31.67 52.55
CA ARG A 560 -26.89 30.31 53.04
C ARG A 560 -25.99 29.63 52.03
N LEU A 561 -24.92 28.99 52.50
CA LEU A 561 -24.01 28.23 51.64
C LEU A 561 -23.76 26.82 52.18
N GLN A 562 -24.26 25.83 51.45
CA GLN A 562 -23.91 24.41 51.62
C GLN A 562 -23.09 23.99 50.43
N GLN A 563 -22.30 22.93 50.64
CA GLN A 563 -21.63 22.21 49.57
C GLN A 563 -22.03 20.74 49.61
N GLU A 564 -22.06 20.13 48.44
CA GLU A 564 -22.38 18.74 48.23
C GLU A 564 -21.46 18.21 47.16
N ARG A 565 -21.29 16.88 47.08
CA ARG A 565 -20.73 16.28 45.87
C ARG A 565 -21.80 16.39 44.80
N PHE A 566 -21.40 16.85 43.60
CA PHE A 566 -22.28 16.93 42.44
C PHE A 566 -22.26 15.58 41.72
N LEU A 567 -23.43 14.97 41.57
CA LEU A 567 -23.62 13.73 40.81
C LEU A 567 -24.70 13.92 39.75
N GLN A 568 -24.77 12.99 38.79
CA GLN A 568 -25.73 13.04 37.68
C GLN A 568 -26.86 11.98 37.88
N GLY A 569 -27.49 12.01 39.06
CA GLY A 569 -28.59 11.11 39.44
C GLY A 569 -28.56 10.85 40.94
N VAL A 570 -29.33 11.67 41.66
CA VAL A 570 -29.58 11.53 43.07
C VAL A 570 -30.91 12.20 43.40
N PHE A 571 -31.18 12.35 44.70
CA PHE A 571 -32.40 12.97 45.20
C PHE A 571 -32.11 14.16 46.07
N GLN A 581 -23.28 13.70 48.92
CA GLN A 581 -22.80 12.32 49.05
C GLN A 581 -22.09 12.08 50.37
N GLU A 582 -22.31 10.91 50.93
CA GLU A 582 -22.11 10.67 52.36
C GLU A 582 -20.63 10.39 52.70
N ARG A 583 -19.78 11.42 52.65
CA ARG A 583 -18.31 11.25 52.79
C ARG A 583 -17.48 12.53 52.60
N TYR A 584 -17.73 13.24 51.50
CA TYR A 584 -16.80 14.24 50.94
C TYR A 584 -16.91 15.64 51.55
N LEU A 585 -15.88 16.45 51.34
CA LEU A 585 -15.86 17.87 51.76
C LEU A 585 -14.63 18.56 51.19
N TRP A 586 -14.86 19.71 50.55
CA TRP A 586 -13.78 20.51 49.94
C TRP A 586 -13.45 21.83 50.67
N HIS A 587 -12.24 22.30 50.40
CA HIS A 587 -11.72 23.58 50.88
C HIS A 587 -11.74 24.46 49.63
N ILE A 588 -12.90 25.08 49.38
CA ILE A 588 -13.24 25.59 48.06
C ILE A 588 -13.21 27.11 48.16
N PRO A 589 -12.27 27.78 47.46
CA PRO A 589 -12.28 29.24 47.46
C PRO A 589 -13.40 29.77 46.58
N LEU A 590 -14.04 30.86 46.99
CA LEU A 590 -15.21 31.37 46.29
C LEU A 590 -15.07 32.83 45.94
N THR A 591 -15.81 33.21 44.91
CA THR A 591 -15.63 34.45 44.22
C THR A 591 -17.01 34.94 43.80
N TYR A 592 -17.56 35.95 44.47
CA TYR A 592 -18.89 36.47 44.10
C TYR A 592 -18.86 37.91 43.65
N SER A 593 -19.83 38.22 42.79
CA SER A 593 -20.08 39.54 42.27
C SER A 593 -21.57 39.78 42.45
N THR A 594 -22.01 41.04 42.32
CA THR A 594 -23.43 41.41 42.51
C THR A 594 -23.89 42.39 41.44
N SER A 595 -25.20 42.62 41.39
CA SER A 595 -25.77 43.73 40.60
C SER A 595 -25.30 45.12 41.05
N SER A 596 -25.30 45.35 42.37
CA SER A 596 -24.86 46.63 42.99
C SER A 596 -23.50 47.18 42.46
N SER A 597 -22.43 46.41 42.64
CA SER A 597 -21.11 46.76 42.12
C SER A 597 -20.50 45.53 41.47
N ASN A 598 -19.60 45.75 40.51
CA ASN A 598 -18.89 44.65 39.85
C ASN A 598 -17.55 44.28 40.50
N VAL A 599 -17.35 44.67 41.76
CA VAL A 599 -16.12 44.34 42.48
C VAL A 599 -16.16 42.88 42.91
N ILE A 600 -15.02 42.21 42.81
CA ILE A 600 -14.92 40.81 43.19
C ILE A 600 -14.58 40.73 44.68
N HIS A 601 -15.47 40.16 45.47
CA HIS A 601 -15.14 39.80 46.85
C HIS A 601 -14.89 38.32 46.92
N ARG A 602 -14.04 37.94 47.87
CA ARG A 602 -13.59 36.58 48.04
C ARG A 602 -13.90 36.06 49.43
N HIS A 603 -14.42 34.85 49.50
CA HIS A 603 -14.53 34.11 50.76
C HIS A 603 -14.02 32.71 50.49
N ILE A 604 -13.38 32.09 51.49
CA ILE A 604 -12.89 30.71 51.33
C ILE A 604 -13.99 29.82 51.93
N LEU A 605 -13.72 28.95 52.90
CA LEU A 605 -14.65 27.90 53.38
C LEU A 605 -13.88 26.59 53.55
N LYS A 606 -14.21 25.87 54.63
CA LYS A 606 -13.64 24.56 54.93
C LYS A 606 -14.65 23.73 55.77
N SER A 607 -15.88 23.62 55.26
CA SER A 607 -17.01 23.01 55.98
C SER A 607 -18.22 22.67 55.09
N LYS A 608 -19.04 21.73 55.57
CA LYS A 608 -20.32 21.36 54.93
C LYS A 608 -21.30 22.53 54.82
N THR A 609 -21.27 23.47 55.76
CA THR A 609 -22.23 24.56 55.83
C THR A 609 -21.55 25.86 56.23
N ASP A 610 -22.05 26.99 55.73
CA ASP A 610 -21.59 28.33 56.17
C ASP A 610 -22.51 29.47 55.73
N THR A 611 -22.45 30.59 56.48
CA THR A 611 -23.21 31.84 56.22
C THR A 611 -22.38 33.12 55.98
N LEU A 612 -22.88 34.01 55.12
CA LEU A 612 -22.23 35.30 54.82
C LEU A 612 -23.30 36.30 54.42
N ASP A 613 -23.34 37.45 55.09
CA ASP A 613 -24.30 38.52 54.77
C ASP A 613 -23.62 39.57 53.88
N LEU A 614 -24.35 40.06 52.89
CA LEU A 614 -23.83 41.00 51.89
C LEU A 614 -24.04 42.44 52.39
N PRO A 615 -23.19 43.40 51.95
CA PRO A 615 -23.35 44.78 52.43
C PRO A 615 -24.34 45.64 51.60
N GLU A 616 -25.50 45.08 51.25
CA GLU A 616 -26.48 45.73 50.36
C GLU A 616 -27.70 44.83 50.09
N LYS A 617 -28.84 45.42 49.77
CA LYS A 617 -29.94 44.66 49.15
C LYS A 617 -29.76 44.83 47.63
N THR A 618 -29.92 43.72 46.89
CA THR A 618 -29.56 43.69 45.47
C THR A 618 -30.31 42.60 44.71
N SER A 619 -30.40 42.74 43.38
CA SER A 619 -31.21 41.84 42.53
C SER A 619 -30.68 40.41 42.51
N TRP A 620 -29.41 40.26 42.14
CA TRP A 620 -28.76 38.95 42.08
C TRP A 620 -27.32 38.96 42.58
N VAL A 621 -26.88 37.77 42.95
CA VAL A 621 -25.48 37.47 43.20
C VAL A 621 -25.02 36.52 42.10
N LYS A 622 -23.74 36.62 41.72
CA LYS A 622 -23.13 35.67 40.78
C LYS A 622 -21.79 35.17 41.34
N PHE A 623 -21.85 33.98 41.93
CA PHE A 623 -20.65 33.29 42.43
C PHE A 623 -19.86 32.66 41.29
N ASN A 624 -18.56 32.52 41.53
CA ASN A 624 -17.58 32.02 40.56
C ASN A 624 -17.37 32.97 39.37
N VAL A 625 -16.60 34.03 39.60
CA VAL A 625 -16.44 35.09 38.60
C VAL A 625 -15.60 34.57 37.44
N ASP A 626 -16.02 34.90 36.22
CA ASP A 626 -15.41 34.37 34.98
C ASP A 626 -15.31 32.84 34.89
N SER A 627 -15.94 32.11 35.81
CA SER A 627 -15.77 30.68 35.98
C SER A 627 -14.31 30.21 36.12
N ASN A 628 -13.53 30.95 36.91
CA ASN A 628 -12.15 30.56 37.24
C ASN A 628 -12.04 29.57 38.40
N GLY A 629 -13.17 29.22 39.01
CA GLY A 629 -13.23 28.13 39.96
C GLY A 629 -13.79 26.89 39.27
N TYR A 630 -13.69 25.78 39.97
CA TYR A 630 -13.89 24.43 39.45
C TYR A 630 -14.92 23.88 40.41
N TYR A 631 -16.11 24.45 40.28
CA TYR A 631 -17.29 24.02 41.00
C TYR A 631 -18.47 24.54 40.22
N ILE A 632 -19.65 24.09 40.63
CA ILE A 632 -20.92 24.43 39.97
C ILE A 632 -21.80 25.13 40.99
N VAL A 633 -22.53 26.15 40.55
CA VAL A 633 -23.43 26.96 41.41
C VAL A 633 -24.91 26.64 41.13
N HIS A 634 -25.67 26.42 42.19
CA HIS A 634 -27.13 26.27 42.12
C HIS A 634 -27.72 27.38 42.99
N TYR A 635 -28.52 28.23 42.35
CA TYR A 635 -29.29 29.29 43.02
C TYR A 635 -30.72 28.84 43.37
N GLU A 636 -30.88 28.23 44.55
CA GLU A 636 -32.19 27.88 45.07
C GLU A 636 -32.95 29.13 45.55
N GLY A 637 -34.27 29.03 45.64
CA GLY A 637 -35.13 30.21 45.76
C GLY A 637 -35.22 30.89 44.42
N HIS A 638 -35.47 32.20 44.41
CA HIS A 638 -35.60 32.97 43.16
C HIS A 638 -34.28 33.30 42.44
N GLY A 639 -33.14 32.99 43.07
CA GLY A 639 -31.81 33.33 42.56
C GLY A 639 -31.54 33.04 41.09
N TRP A 640 -31.95 31.87 40.58
CA TRP A 640 -31.78 31.54 39.15
C TRP A 640 -32.62 32.44 38.27
N ASP A 641 -33.91 32.57 38.61
CA ASP A 641 -34.87 33.38 37.83
C ASP A 641 -34.45 34.83 37.62
N GLN A 642 -33.80 35.42 38.61
CA GLN A 642 -33.22 36.76 38.46
C GLN A 642 -32.15 36.83 37.38
N LEU A 643 -31.24 35.87 37.45
CA LEU A 643 -30.13 35.81 36.50
C LEU A 643 -30.60 35.61 35.06
N ILE A 644 -31.65 34.81 34.86
CA ILE A 644 -32.25 34.61 33.51
C ILE A 644 -33.00 35.87 33.04
N THR A 645 -33.77 36.52 33.92
CA THR A 645 -34.42 37.80 33.55
C THR A 645 -33.36 38.89 33.30
N GLN A 646 -32.19 38.77 33.94
CA GLN A 646 -31.06 39.67 33.66
C GLN A 646 -30.49 39.45 32.26
N LEU A 647 -30.37 38.20 31.85
CA LEU A 647 -29.89 37.86 30.51
C LEU A 647 -30.80 38.37 29.38
N ASN A 648 -32.10 38.17 29.55
CA ASN A 648 -33.07 38.65 28.56
C ASN A 648 -33.22 40.18 28.51
N GLN A 649 -32.95 40.87 29.62
CA GLN A 649 -33.02 42.33 29.66
C GLN A 649 -31.75 42.97 29.12
N ASN A 650 -30.67 42.93 29.91
CA ASN A 650 -29.41 43.56 29.55
C ASN A 650 -28.25 42.63 29.94
N HIS A 651 -27.93 41.69 29.06
CA HIS A 651 -26.97 40.60 29.36
C HIS A 651 -25.51 41.04 29.59
N THR A 652 -25.17 42.22 29.09
CA THR A 652 -23.84 42.78 29.25
C THR A 652 -23.57 43.32 30.67
N LEU A 653 -24.54 43.23 31.59
CA LEU A 653 -24.25 43.47 33.02
C LEU A 653 -23.65 42.25 33.71
N LEU A 654 -23.61 41.11 33.01
CA LEU A 654 -22.82 39.95 33.42
C LEU A 654 -21.59 39.84 32.53
N ARG A 655 -20.50 39.33 33.09
CA ARG A 655 -19.23 39.27 32.36
C ARG A 655 -19.34 38.19 31.29
N PRO A 656 -18.61 38.34 30.18
CA PRO A 656 -18.80 37.39 29.06
C PRO A 656 -18.39 35.94 29.38
N LYS A 657 -17.52 35.77 30.38
CA LYS A 657 -17.17 34.45 30.90
C LYS A 657 -18.11 34.04 32.00
N ASP A 658 -18.63 35.02 32.74
CA ASP A 658 -19.70 34.74 33.70
C ASP A 658 -20.89 34.07 33.01
N ARG A 659 -21.19 34.50 31.79
CA ARG A 659 -22.33 34.00 31.03
C ARG A 659 -22.14 32.54 30.62
N VAL A 660 -21.09 32.23 29.87
CA VAL A 660 -20.78 30.81 29.51
C VAL A 660 -20.87 29.86 30.71
N GLY A 661 -20.47 30.35 31.88
CA GLY A 661 -20.56 29.63 33.14
C GLY A 661 -21.98 29.32 33.55
N LEU A 662 -22.86 30.32 33.42
CA LEU A 662 -24.27 30.15 33.77
C LEU A 662 -24.97 29.19 32.81
N ILE A 663 -24.78 29.40 31.51
CA ILE A 663 -25.32 28.48 30.50
C ILE A 663 -24.92 27.04 30.82
N HIS A 664 -23.63 26.84 31.05
CA HIS A 664 -23.09 25.54 31.40
C HIS A 664 -23.80 24.97 32.64
N ASP A 665 -23.70 25.70 33.74
CA ASP A 665 -24.24 25.26 35.01
C ASP A 665 -25.73 24.91 34.95
N VAL A 666 -26.52 25.72 34.25
CA VAL A 666 -27.95 25.48 34.17
C VAL A 666 -28.25 24.08 33.62
N PHE A 667 -27.77 23.82 32.41
CA PHE A 667 -27.99 22.52 31.74
C PHE A 667 -27.45 21.32 32.53
N GLN A 668 -26.36 21.51 33.28
CA GLN A 668 -25.84 20.45 34.14
C GLN A 668 -26.77 20.18 35.32
N LEU A 669 -27.33 21.24 35.89
CA LEU A 669 -28.27 21.12 37.00
C LEU A 669 -29.60 20.48 36.58
N VAL A 670 -29.90 20.49 35.28
CA VAL A 670 -31.06 19.75 34.78
C VAL A 670 -30.76 18.26 34.91
N GLY A 671 -29.60 17.83 34.42
CA GLY A 671 -29.11 16.46 34.65
C GLY A 671 -29.05 16.04 36.12
N ALA A 672 -28.77 16.99 37.01
CA ALA A 672 -28.79 16.74 38.45
C ALA A 672 -30.20 16.61 39.05
N GLY A 673 -31.22 17.04 38.32
CA GLY A 673 -32.60 17.08 38.80
C GLY A 673 -32.88 18.18 39.81
N ARG A 674 -32.04 19.23 39.79
CA ARG A 674 -32.17 20.40 40.68
C ARG A 674 -32.93 21.53 39.97
N LEU A 675 -32.86 21.55 38.64
CA LEU A 675 -33.67 22.42 37.82
C LEU A 675 -34.39 21.60 36.78
N THR A 676 -35.38 22.24 36.15
CA THR A 676 -36.24 21.61 35.17
C THR A 676 -35.82 22.18 33.80
N LEU A 677 -35.98 21.38 32.76
CA LEU A 677 -35.38 21.69 31.44
C LEU A 677 -35.90 22.99 30.82
N ASP A 678 -37.15 23.32 31.08
CA ASP A 678 -37.74 24.57 30.58
C ASP A 678 -37.04 25.84 31.08
N LYS A 679 -36.49 25.80 32.30
CA LYS A 679 -35.70 26.91 32.84
C LYS A 679 -34.46 27.12 31.98
N ALA A 680 -33.80 26.01 31.67
CA ALA A 680 -32.62 26.01 30.82
C ALA A 680 -32.91 26.49 29.41
N LEU A 681 -33.92 25.90 28.79
CA LEU A 681 -34.29 26.26 27.41
C LEU A 681 -34.79 27.71 27.30
N ASP A 682 -35.47 28.20 28.33
CA ASP A 682 -35.87 29.61 28.39
C ASP A 682 -34.66 30.54 28.45
N MET A 683 -33.63 30.13 29.16
CA MET A 683 -32.37 30.88 29.19
C MET A 683 -31.73 31.03 27.79
N THR A 684 -31.97 30.08 26.89
CA THR A 684 -31.40 30.15 25.53
C THR A 684 -32.06 31.20 24.64
N TYR A 685 -33.10 31.86 25.11
CA TYR A 685 -33.75 32.90 24.31
C TYR A 685 -32.85 34.09 24.05
N TYR A 686 -32.10 34.54 25.06
CA TYR A 686 -31.24 35.72 24.88
C TYR A 686 -30.18 35.59 23.77
N LEU A 687 -29.77 34.36 23.43
CA LEU A 687 -28.68 34.10 22.47
C LEU A 687 -28.83 34.72 21.05
N GLN A 688 -30.06 35.06 20.66
CA GLN A 688 -30.26 35.87 19.45
C GLN A 688 -29.73 37.29 19.59
N HIS A 689 -29.44 37.72 20.82
CA HIS A 689 -28.74 38.97 21.10
C HIS A 689 -27.27 38.81 21.53
N GLU A 690 -26.86 37.59 21.87
CA GLU A 690 -25.47 37.30 22.22
C GLU A 690 -24.57 37.36 21.00
N THR A 691 -23.48 38.11 21.12
CA THR A 691 -22.40 38.15 20.14
C THR A 691 -21.03 37.64 20.68
N SER A 692 -20.88 37.45 22.00
CA SER A 692 -19.73 36.71 22.54
C SER A 692 -19.83 35.25 22.11
N SER A 693 -19.07 34.88 21.08
CA SER A 693 -19.11 33.54 20.53
C SER A 693 -18.86 32.41 21.55
N PRO A 694 -18.04 32.66 22.58
CA PRO A 694 -17.99 31.70 23.67
C PRO A 694 -19.36 31.26 24.20
N ALA A 695 -20.19 32.21 24.59
CA ALA A 695 -21.53 31.91 25.09
C ALA A 695 -22.40 31.33 24.00
N LEU A 696 -22.40 31.97 22.83
CA LEU A 696 -23.27 31.57 21.73
C LEU A 696 -23.00 30.13 21.30
N LEU A 697 -21.74 29.77 21.14
CA LEU A 697 -21.36 28.39 20.80
C LEU A 697 -21.72 27.38 21.90
N GLU A 698 -21.47 27.75 23.16
CA GLU A 698 -21.85 26.91 24.30
C GLU A 698 -23.34 26.56 24.24
N GLY A 699 -24.18 27.60 24.18
CA GLY A 699 -25.62 27.44 24.16
C GLY A 699 -26.06 26.56 23.01
N LEU A 700 -25.64 26.93 21.80
CA LEU A 700 -25.96 26.14 20.61
C LEU A 700 -25.55 24.67 20.74
N SER A 701 -24.41 24.41 21.37
CA SER A 701 -23.91 23.04 21.54
C SER A 701 -24.91 22.15 22.28
N TYR A 702 -25.57 22.70 23.30
CA TYR A 702 -26.63 21.98 24.03
C TYR A 702 -27.84 21.69 23.14
N LEU A 703 -28.25 22.68 22.36
CA LEU A 703 -29.40 22.51 21.48
C LEU A 703 -29.08 21.56 20.33
N GLU A 704 -27.83 21.56 19.89
CA GLU A 704 -27.36 20.65 18.84
C GLU A 704 -27.20 19.25 19.42
N SER A 705 -26.69 19.18 20.64
CA SER A 705 -26.58 17.92 21.39
C SER A 705 -27.94 17.22 21.51
N PHE A 706 -28.98 18.00 21.84
CA PHE A 706 -30.33 17.45 21.96
C PHE A 706 -30.81 16.95 20.61
N TYR A 707 -30.65 17.76 19.56
CA TYR A 707 -31.01 17.30 18.21
C TYR A 707 -30.41 15.94 17.87
N HIS A 708 -29.14 15.74 18.20
CA HIS A 708 -28.45 14.48 17.87
C HIS A 708 -28.91 13.33 18.73
N MET A 709 -29.20 13.56 20.00
CA MET A 709 -29.86 12.55 20.84
C MET A 709 -31.16 12.06 20.19
N MET A 710 -31.97 13.01 19.76
CA MET A 710 -33.25 12.72 19.16
C MET A 710 -33.10 12.01 17.81
N ASP A 711 -32.06 12.35 17.05
CA ASP A 711 -31.90 11.80 15.70
C ASP A 711 -31.42 10.35 15.76
N ARG A 712 -30.58 10.04 16.74
CA ARG A 712 -30.02 8.69 16.92
C ARG A 712 -31.07 7.70 17.39
N ARG A 713 -31.85 8.07 18.40
CA ARG A 713 -33.15 7.43 18.66
C ARG A 713 -33.99 7.96 17.50
N ASN A 714 -35.10 7.37 17.14
CA ASN A 714 -35.75 7.86 15.92
C ASN A 714 -36.85 8.86 16.22
N ILE A 715 -36.61 9.75 17.18
CA ILE A 715 -37.66 10.58 17.76
C ILE A 715 -37.94 11.77 16.83
N SER A 716 -38.63 11.48 15.73
CA SER A 716 -38.76 12.39 14.58
C SER A 716 -39.44 13.71 14.89
N ASP A 717 -40.50 13.64 15.68
CA ASP A 717 -41.33 14.81 15.96
C ASP A 717 -40.56 15.90 16.70
N ILE A 718 -39.73 15.47 17.65
CA ILE A 718 -38.91 16.40 18.43
C ILE A 718 -37.72 16.91 17.61
N SER A 719 -37.04 15.99 16.92
CA SER A 719 -35.89 16.36 16.11
C SER A 719 -36.29 17.36 15.01
N GLU A 720 -37.41 17.11 14.33
CA GLU A 720 -37.86 18.00 13.25
C GLU A 720 -38.26 19.37 13.76
N ASN A 721 -38.86 19.43 14.96
CA ASN A 721 -39.14 20.72 15.63
C ASN A 721 -37.88 21.42 16.05
N LEU A 722 -36.92 20.67 16.57
CA LEU A 722 -35.68 21.25 17.07
C LEU A 722 -34.80 21.73 15.92
N LYS A 723 -34.82 21.02 14.79
CA LYS A 723 -34.30 21.52 13.52
C LYS A 723 -34.90 22.90 13.22
N ARG A 724 -36.22 22.96 13.08
CA ARG A 724 -36.91 24.21 12.72
C ARG A 724 -36.66 25.38 13.70
N TYR A 725 -36.60 25.09 15.00
CA TYR A 725 -36.34 26.14 16.00
C TYR A 725 -34.94 26.73 15.78
N LEU A 726 -33.94 25.86 15.62
CA LEU A 726 -32.57 26.27 15.41
C LEU A 726 -32.34 27.05 14.12
N LEU A 727 -33.11 26.77 13.08
CA LEU A 727 -32.95 27.46 11.79
C LEU A 727 -33.68 28.81 11.71
N GLN A 728 -34.80 28.95 12.41
CA GLN A 728 -35.56 30.22 12.42
C GLN A 728 -35.02 31.18 13.45
N TYR A 729 -35.13 30.81 14.73
CA TYR A 729 -34.32 31.46 15.76
C TYR A 729 -32.90 31.19 15.28
N PHE A 730 -31.98 32.15 15.39
CA PHE A 730 -30.60 32.00 14.83
C PHE A 730 -30.47 32.05 13.29
N LYS A 731 -31.55 32.37 12.57
CA LYS A 731 -31.46 32.73 11.14
C LYS A 731 -30.53 33.94 10.91
N PRO A 732 -30.69 35.04 11.69
CA PRO A 732 -29.86 36.23 11.45
C PRO A 732 -28.37 35.94 11.46
N VAL A 733 -27.89 35.28 12.51
CA VAL A 733 -26.46 35.00 12.66
C VAL A 733 -25.95 33.97 11.63
N ILE A 734 -26.75 32.97 11.27
CA ILE A 734 -26.38 31.99 10.22
C ILE A 734 -26.21 32.67 8.85
N ASP A 735 -27.18 33.49 8.48
CA ASP A 735 -27.16 34.16 7.17
C ASP A 735 -26.03 35.20 7.06
N ARG A 736 -25.52 35.68 8.20
CA ARG A 736 -24.41 36.64 8.26
C ARG A 736 -23.01 36.01 8.11
N GLN A 737 -22.90 34.80 7.55
CA GLN A 737 -21.63 34.08 7.57
C GLN A 737 -21.04 33.90 6.19
N SER A 738 -19.79 34.32 6.00
CA SER A 738 -19.14 34.29 4.70
C SER A 738 -18.48 32.95 4.51
N TRP A 739 -18.65 32.32 3.35
CA TRP A 739 -17.89 31.09 3.03
C TRP A 739 -16.44 31.47 2.69
N SER A 740 -15.69 31.80 3.75
CA SER A 740 -14.41 32.47 3.67
C SER A 740 -13.48 32.02 4.79
N ASP A 741 -12.26 32.56 4.83
CA ASP A 741 -11.35 32.40 5.97
C ASP A 741 -11.16 33.69 6.77
N LYS A 742 -11.99 34.72 6.49
CA LYS A 742 -11.82 36.07 7.06
C LYS A 742 -12.03 36.14 8.57
N GLY A 743 -11.66 37.28 9.16
CA GLY A 743 -11.93 37.58 10.57
C GLY A 743 -11.00 36.93 11.59
N SER A 744 -11.32 37.17 12.86
CA SER A 744 -10.55 36.71 14.03
C SER A 744 -10.53 35.19 14.16
N VAL A 745 -9.99 34.66 15.27
CA VAL A 745 -10.02 33.21 15.49
C VAL A 745 -11.40 32.73 15.91
N TRP A 746 -11.97 33.32 16.96
CA TRP A 746 -13.36 33.00 17.38
C TRP A 746 -14.38 33.32 16.30
N ASP A 747 -14.10 34.34 15.48
CA ASP A 747 -14.95 34.66 14.34
C ASP A 747 -14.97 33.51 13.36
N ARG A 748 -13.79 32.95 13.08
CA ARG A 748 -13.68 31.81 12.18
C ARG A 748 -14.26 30.52 12.75
N MET A 749 -14.14 30.34 14.06
CA MET A 749 -14.68 29.15 14.71
C MET A 749 -16.21 29.20 14.76
N LEU A 750 -16.76 30.38 15.03
CA LEU A 750 -18.20 30.59 14.96
C LEU A 750 -18.73 30.30 13.56
N ARG A 751 -18.02 30.76 12.53
CA ARG A 751 -18.43 30.49 11.15
C ARG A 751 -18.54 28.99 10.89
N SER A 752 -17.47 28.29 11.22
CA SER A 752 -17.38 26.85 10.99
C SER A 752 -18.49 26.12 11.71
N ALA A 753 -18.75 26.52 12.95
CA ALA A 753 -19.82 25.95 13.76
C ALA A 753 -21.18 26.12 13.09
N LEU A 754 -21.56 27.37 12.84
CA LEU A 754 -22.88 27.70 12.33
C LEU A 754 -23.13 27.18 10.92
N LEU A 755 -22.14 27.24 10.04
CA LEU A 755 -22.30 26.66 8.71
C LEU A 755 -22.39 25.14 8.73
N LYS A 756 -21.73 24.51 9.71
CA LYS A 756 -21.85 23.07 9.93
C LYS A 756 -23.24 22.73 10.42
N LEU A 757 -23.73 23.46 11.43
CA LEU A 757 -25.08 23.25 11.97
C LEU A 757 -26.15 23.37 10.91
N ALA A 758 -26.11 24.47 10.15
CA ALA A 758 -27.03 24.70 9.02
C ALA A 758 -27.00 23.56 7.98
N CYS A 759 -25.79 23.07 7.69
CA CYS A 759 -25.64 21.99 6.72
C CYS A 759 -25.96 20.63 7.31
N ASP A 760 -25.77 20.46 8.63
CA ASP A 760 -26.19 19.25 9.33
C ASP A 760 -27.71 19.19 9.44
N LEU A 761 -28.37 20.35 9.50
CA LEU A 761 -29.84 20.43 9.52
C LEU A 761 -30.47 20.70 8.15
N ASN A 762 -29.75 20.38 7.08
CA ASN A 762 -30.28 20.41 5.72
C ASN A 762 -30.80 21.74 5.13
N HIS A 763 -30.41 22.87 5.72
CA HIS A 763 -30.77 24.20 5.19
C HIS A 763 -30.35 24.27 3.72
N ALA A 764 -31.30 24.14 2.80
CA ALA A 764 -31.02 24.09 1.35
C ALA A 764 -30.03 25.12 0.79
N PRO A 765 -30.06 26.39 1.25
CA PRO A 765 -29.00 27.32 0.81
C PRO A 765 -27.57 26.88 1.17
N CYS A 766 -27.33 26.43 2.39
CA CYS A 766 -25.99 26.00 2.82
C CYS A 766 -25.55 24.71 2.09
N ILE A 767 -26.45 23.74 1.92
CA ILE A 767 -26.14 22.50 1.14
C ILE A 767 -25.78 22.84 -0.30
N GLN A 768 -26.52 23.75 -0.91
CA GLN A 768 -26.33 24.08 -2.33
C GLN A 768 -25.01 24.87 -2.56
N LYS A 769 -24.65 25.76 -1.63
CA LYS A 769 -23.34 26.47 -1.68
C LYS A 769 -22.20 25.49 -1.52
N ALA A 770 -22.25 24.71 -0.45
CA ALA A 770 -21.28 23.65 -0.18
C ALA A 770 -21.14 22.72 -1.37
N ALA A 771 -22.26 22.23 -1.89
CA ALA A 771 -22.29 21.34 -3.06
C ALA A 771 -21.63 21.93 -4.32
N GLU A 772 -21.77 23.25 -4.50
CA GLU A 772 -21.13 23.94 -5.61
C GLU A 772 -19.60 23.95 -5.41
N LEU A 773 -19.15 24.40 -4.24
CA LEU A 773 -17.72 24.49 -3.93
C LEU A 773 -17.01 23.16 -4.15
N PHE A 774 -17.64 22.08 -3.71
CA PHE A 774 -17.12 20.73 -3.94
C PHE A 774 -17.12 20.38 -5.42
N SER A 775 -18.24 20.62 -6.09
CA SER A 775 -18.35 20.26 -7.51
C SER A 775 -17.35 20.97 -8.39
N GLN A 776 -17.11 22.25 -8.13
CA GLN A 776 -16.08 23.03 -8.83
C GLN A 776 -14.68 22.46 -8.56
N TRP A 777 -14.45 22.07 -7.32
CA TRP A 777 -13.16 21.53 -6.85
C TRP A 777 -12.81 20.20 -7.52
N MET A 778 -13.73 19.24 -7.47
CA MET A 778 -13.55 17.95 -8.12
C MET A 778 -13.41 18.10 -9.65
N GLU A 779 -14.20 18.98 -10.25
CA GLU A 779 -14.14 19.23 -11.70
C GLU A 779 -12.79 19.82 -12.14
N SER A 780 -12.27 20.75 -11.35
CA SER A 780 -10.95 21.33 -11.60
C SER A 780 -9.79 20.40 -11.20
N SER A 781 -10.10 19.31 -10.49
CA SER A 781 -9.14 18.29 -10.06
C SER A 781 -8.15 18.82 -9.02
N GLY A 782 -8.70 19.21 -7.87
CA GLY A 782 -7.93 19.78 -6.75
C GLY A 782 -7.56 21.25 -6.88
N LYS A 783 -7.83 21.86 -8.03
CA LYS A 783 -7.23 23.16 -8.37
C LYS A 783 -7.82 24.33 -7.58
N LEU A 784 -9.14 24.50 -7.63
CA LEU A 784 -9.79 25.54 -6.84
C LEU A 784 -9.55 25.34 -5.33
N ASN A 785 -9.85 26.38 -4.59
CA ASN A 785 -9.49 26.45 -3.17
C ASN A 785 -10.70 26.70 -2.28
N ILE A 786 -11.11 25.66 -1.57
CA ILE A 786 -12.14 25.76 -0.56
C ILE A 786 -11.49 26.42 0.66
N PRO A 787 -12.09 27.50 1.18
CA PRO A 787 -11.54 28.09 2.41
C PRO A 787 -11.41 27.05 3.51
N THR A 788 -10.36 27.14 4.30
CA THR A 788 -10.07 26.11 5.29
C THR A 788 -11.18 25.95 6.35
N ASP A 789 -11.91 27.02 6.67
CA ASP A 789 -12.97 26.96 7.68
C ASP A 789 -14.27 26.32 7.22
N VAL A 790 -14.44 26.13 5.91
CA VAL A 790 -15.59 25.38 5.39
C VAL A 790 -15.15 24.08 4.70
N LEU A 791 -13.92 23.63 5.00
CA LEU A 791 -13.33 22.51 4.28
C LEU A 791 -14.03 21.19 4.66
N LYS A 792 -14.26 20.98 5.95
CA LYS A 792 -15.01 19.80 6.40
C LYS A 792 -16.42 19.79 5.85
N ILE A 793 -17.08 20.94 5.88
CA ILE A 793 -18.49 21.06 5.46
C ILE A 793 -18.66 20.71 3.99
N VAL A 794 -17.77 21.24 3.16
CA VAL A 794 -17.83 21.05 1.71
C VAL A 794 -17.56 19.58 1.37
N TYR A 795 -16.49 19.02 1.94
CA TYR A 795 -16.17 17.61 1.70
C TYR A 795 -17.26 16.66 2.18
N SER A 796 -17.80 16.91 3.37
CA SER A 796 -18.81 16.01 3.95
C SER A 796 -20.10 16.00 3.12
N VAL A 797 -20.58 17.17 2.70
CA VAL A 797 -21.68 17.30 1.73
C VAL A 797 -21.36 16.61 0.40
N GLY A 798 -20.14 16.81 -0.07
CA GLY A 798 -19.68 16.17 -1.31
C GLY A 798 -19.71 14.66 -1.26
N ALA A 799 -19.51 14.10 -0.06
CA ALA A 799 -19.42 12.66 0.15
C ALA A 799 -20.75 11.91 0.15
N GLN A 800 -21.85 12.63 -0.08
CA GLN A 800 -23.18 12.00 -0.11
C GLN A 800 -23.41 11.31 -1.45
N THR A 801 -23.00 11.93 -2.55
CA THR A 801 -22.93 11.24 -3.84
C THR A 801 -21.82 10.17 -3.83
N THR A 802 -22.03 9.10 -4.58
CA THR A 802 -21.07 7.97 -4.66
C THR A 802 -19.81 8.40 -5.36
N ALA A 803 -19.95 9.20 -6.41
CA ALA A 803 -18.81 9.77 -7.15
C ALA A 803 -17.91 10.58 -6.22
N GLY A 804 -18.52 11.40 -5.37
CA GLY A 804 -17.81 12.25 -4.45
C GLY A 804 -17.07 11.51 -3.37
N TRP A 805 -17.71 10.48 -2.84
CA TRP A 805 -17.10 9.62 -1.82
C TRP A 805 -15.87 8.90 -2.37
N ASN A 806 -15.98 8.39 -3.60
CA ASN A 806 -14.87 7.64 -4.22
C ASN A 806 -13.68 8.53 -4.59
N TYR A 807 -13.99 9.72 -5.08
CA TYR A 807 -12.95 10.71 -5.35
C TYR A 807 -12.30 11.24 -4.07
N LEU A 808 -13.09 11.39 -3.01
CA LEU A 808 -12.55 11.83 -1.71
C LEU A 808 -11.60 10.79 -1.12
N LEU A 809 -11.94 9.51 -1.22
CA LEU A 809 -11.09 8.43 -0.73
C LEU A 809 -9.80 8.37 -1.53
N GLU A 810 -9.90 8.60 -2.83
CA GLU A 810 -8.73 8.69 -3.71
C GLU A 810 -7.85 9.87 -3.29
N GLN A 811 -8.45 11.07 -3.16
CA GLN A 811 -7.72 12.27 -2.76
C GLN A 811 -7.08 12.14 -1.39
N TYR A 812 -7.69 11.32 -0.51
CA TYR A 812 -7.12 11.02 0.80
C TYR A 812 -5.73 10.40 0.70
N GLU A 813 -5.62 9.39 -0.14
CA GLU A 813 -4.38 8.62 -0.29
C GLU A 813 -3.23 9.46 -0.89
N LEU A 814 -3.61 10.40 -1.76
CA LEU A 814 -2.64 11.30 -2.45
C LEU A 814 -2.24 12.53 -1.64
N SER A 815 -3.00 12.89 -0.61
CA SER A 815 -2.79 14.15 0.11
C SER A 815 -1.45 14.19 0.86
N MET A 816 -0.84 15.39 0.88
CA MET A 816 0.38 15.64 1.65
C MET A 816 0.13 16.47 2.92
N SER A 817 -1.14 16.75 3.21
CA SER A 817 -1.49 17.38 4.48
C SER A 817 -2.26 16.38 5.31
N SER A 818 -1.66 15.99 6.42
CA SER A 818 -2.33 15.14 7.38
C SER A 818 -3.59 15.81 7.97
N ALA A 819 -3.61 17.14 7.99
CA ALA A 819 -4.79 17.89 8.41
C ALA A 819 -5.95 17.81 7.40
N GLU A 820 -5.64 17.96 6.11
CA GLU A 820 -6.65 17.78 5.06
C GLU A 820 -7.19 16.38 5.13
N GLN A 821 -6.29 15.41 5.20
CA GLN A 821 -6.62 13.99 5.39
C GLN A 821 -7.59 13.77 6.53
N ASN A 822 -7.31 14.38 7.67
CA ASN A 822 -8.20 14.30 8.82
C ASN A 822 -9.62 14.75 8.49
N LYS A 823 -9.72 15.89 7.83
CA LYS A 823 -10.99 16.44 7.42
C LYS A 823 -11.67 15.58 6.36
N ILE A 824 -10.89 15.01 5.44
CA ILE A 824 -11.42 14.11 4.43
C ILE A 824 -11.98 12.84 5.09
N LEU A 825 -11.27 12.33 6.11
CA LEU A 825 -11.75 11.11 6.78
C LEU A 825 -13.08 11.36 7.49
N TYR A 826 -13.23 12.51 8.13
CA TYR A 826 -14.53 12.91 8.70
C TYR A 826 -15.61 12.88 7.62
N ALA A 827 -15.32 13.54 6.50
CA ALA A 827 -16.29 13.70 5.41
C ALA A 827 -16.74 12.35 4.86
N LEU A 828 -15.79 11.44 4.70
CA LEU A 828 -16.08 10.08 4.26
C LEU A 828 -16.95 9.33 5.26
N SER A 829 -16.72 9.56 6.55
CA SER A 829 -17.45 8.85 7.59
C SER A 829 -18.87 9.39 7.84
N THR A 830 -19.29 10.40 7.07
CA THR A 830 -20.70 10.85 7.05
C THR A 830 -21.48 10.31 5.85
N SER A 831 -21.06 9.17 5.27
CA SER A 831 -21.86 8.51 4.25
C SER A 831 -23.02 7.81 4.92
N LYS A 832 -24.12 7.68 4.19
CA LYS A 832 -25.28 6.95 4.68
C LYS A 832 -25.16 5.47 4.30
N HIS A 833 -24.32 5.16 3.31
CA HIS A 833 -24.17 3.81 2.78
C HIS A 833 -23.38 2.94 3.76
N GLN A 834 -23.98 1.83 4.19
CA GLN A 834 -23.41 0.96 5.21
C GLN A 834 -22.12 0.29 4.76
N GLU A 835 -22.07 -0.15 3.50
CA GLU A 835 -20.85 -0.77 2.95
C GLU A 835 -19.68 0.21 2.90
N LYS A 836 -19.97 1.50 2.66
CA LYS A 836 -18.94 2.54 2.67
C LYS A 836 -18.38 2.80 4.06
N LEU A 837 -19.24 2.88 5.07
CA LEU A 837 -18.76 3.06 6.43
C LEU A 837 -17.90 1.89 6.88
N LEU A 838 -18.33 0.68 6.55
CA LEU A 838 -17.56 -0.54 6.84
C LEU A 838 -16.21 -0.53 6.16
N LYS A 839 -16.20 -0.21 4.87
CA LYS A 839 -14.96 -0.08 4.10
C LYS A 839 -13.93 0.76 4.84
N LEU A 840 -14.35 1.92 5.35
CA LEU A 840 -13.46 2.80 6.11
C LEU A 840 -12.86 2.10 7.33
N ILE A 841 -13.69 1.32 8.01
CA ILE A 841 -13.24 0.57 9.19
C ILE A 841 -12.23 -0.51 8.75
N GLU A 842 -12.57 -1.24 7.70
CA GLU A 842 -11.69 -2.30 7.18
C GLU A 842 -10.31 -1.79 6.75
N LEU A 843 -10.29 -0.63 6.10
CA LEU A 843 -9.03 0.02 5.74
C LEU A 843 -8.21 0.40 6.96
N GLY A 844 -8.89 0.91 7.98
CA GLY A 844 -8.25 1.30 9.24
C GLY A 844 -7.68 0.15 10.03
N MET A 845 -8.31 -1.03 9.92
CA MET A 845 -7.75 -2.28 10.42
C MET A 845 -6.49 -2.62 9.64
N GLU A 846 -6.66 -2.73 8.32
CA GLU A 846 -5.57 -3.04 7.39
C GLU A 846 -4.36 -2.13 7.62
N GLY A 847 -4.62 -0.85 7.84
CA GLY A 847 -3.60 0.08 8.35
C GLY A 847 -2.67 0.69 7.32
N LYS A 848 -2.82 0.33 6.05
CA LYS A 848 -1.91 0.80 5.00
C LYS A 848 -2.34 2.15 4.44
N VAL A 849 -3.64 2.27 4.13
CA VAL A 849 -4.19 3.49 3.51
C VAL A 849 -4.65 4.47 4.57
N ILE A 850 -5.47 3.98 5.50
CA ILE A 850 -5.87 4.75 6.69
C ILE A 850 -5.06 4.17 7.83
N LYS A 851 -4.14 4.96 8.37
CA LYS A 851 -3.21 4.49 9.41
C LYS A 851 -3.98 4.02 10.65
N THR A 852 -3.54 2.90 11.23
CA THR A 852 -4.16 2.32 12.42
C THR A 852 -4.30 3.31 13.58
N GLN A 853 -3.34 4.21 13.74
CA GLN A 853 -3.42 5.29 14.75
C GLN A 853 -4.71 6.12 14.66
N ASN A 854 -5.35 6.16 13.49
CA ASN A 854 -6.63 6.84 13.31
C ASN A 854 -7.89 6.01 13.56
N LEU A 855 -7.76 4.72 13.87
CA LEU A 855 -8.94 3.85 13.91
C LEU A 855 -9.96 4.20 15.01
N ALA A 856 -9.50 4.56 16.20
CA ALA A 856 -10.43 4.88 17.29
C ALA A 856 -11.27 6.10 16.96
N ALA A 857 -10.62 7.19 16.61
CA ALA A 857 -11.31 8.41 16.20
C ALA A 857 -12.29 8.15 15.07
N LEU A 858 -11.87 7.30 14.11
CA LEU A 858 -12.72 6.95 12.96
C LEU A 858 -13.99 6.21 13.37
N LEU A 859 -13.84 5.26 14.27
CA LEU A 859 -14.97 4.48 14.76
C LEU A 859 -15.96 5.38 15.48
N HIS A 860 -15.43 6.26 16.33
CA HIS A 860 -16.25 7.22 17.05
C HIS A 860 -16.97 8.15 16.09
N ALA A 861 -16.27 8.60 15.04
CA ALA A 861 -16.89 9.43 14.01
C ALA A 861 -18.10 8.73 13.40
N ILE A 862 -17.94 7.44 13.08
CA ILE A 862 -19.02 6.64 12.52
C ILE A 862 -20.14 6.40 13.54
N ALA A 863 -19.76 6.06 14.76
CA ALA A 863 -20.71 5.74 15.81
C ALA A 863 -21.59 6.91 16.26
N ARG A 864 -21.04 8.12 16.25
CA ARG A 864 -21.81 9.35 16.50
C ARG A 864 -23.10 9.45 15.69
N ARG A 865 -23.07 8.97 14.45
CA ARG A 865 -24.17 9.17 13.52
C ARG A 865 -25.18 8.03 13.64
N PRO A 866 -26.46 8.30 13.34
CA PRO A 866 -27.48 7.22 13.39
C PRO A 866 -27.20 6.04 12.44
N LYS A 867 -26.74 6.32 11.23
CA LYS A 867 -26.46 5.28 10.23
C LYS A 867 -25.25 4.38 10.54
N GLY A 868 -24.41 4.78 11.48
CA GLY A 868 -23.24 3.96 11.84
C GLY A 868 -23.14 3.49 13.29
N GLN A 869 -24.09 3.88 14.14
CA GLN A 869 -23.97 3.60 15.59
C GLN A 869 -24.08 2.13 15.90
N GLN A 870 -24.96 1.43 15.17
CA GLN A 870 -25.08 -0.02 15.22
C GLN A 870 -23.86 -0.69 14.60
N LEU A 871 -23.63 -0.42 13.31
CA LEU A 871 -22.47 -0.91 12.58
C LEU A 871 -21.20 -0.90 13.44
N ALA A 872 -20.85 0.27 13.97
CA ALA A 872 -19.69 0.45 14.83
C ALA A 872 -19.73 -0.46 16.05
N TRP A 873 -20.90 -0.55 16.68
CA TRP A 873 -21.09 -1.39 17.88
C TRP A 873 -20.88 -2.86 17.55
N ASP A 874 -21.56 -3.33 16.51
CA ASP A 874 -21.40 -4.70 16.03
C ASP A 874 -19.91 -5.01 15.81
N PHE A 875 -19.25 -4.16 15.05
CA PHE A 875 -17.85 -4.35 14.72
C PHE A 875 -16.96 -4.50 15.96
N VAL A 876 -17.14 -3.65 16.96
CA VAL A 876 -16.26 -3.67 18.16
C VAL A 876 -16.41 -4.96 18.94
N ARG A 877 -17.64 -5.46 19.05
CA ARG A 877 -17.89 -6.74 19.72
C ARG A 877 -17.29 -7.89 18.89
N GLU A 878 -17.73 -8.00 17.65
CA GLU A 878 -17.33 -9.06 16.74
C GLU A 878 -15.83 -9.14 16.42
N ASN A 879 -15.07 -8.07 16.69
CA ASN A 879 -13.62 -8.06 16.43
C ASN A 879 -12.75 -7.71 17.64
N TRP A 880 -13.17 -8.08 18.85
CA TRP A 880 -12.42 -7.71 20.07
C TRP A 880 -10.99 -8.30 20.11
N THR A 881 -10.89 -9.59 19.80
CA THR A 881 -9.60 -10.27 19.70
C THR A 881 -8.74 -9.61 18.61
N HIS A 882 -9.37 -9.43 17.44
CA HIS A 882 -8.74 -8.84 16.26
CA HIS A 882 -8.73 -8.86 16.27
C HIS A 882 -8.22 -7.43 16.57
N LEU A 883 -8.96 -6.69 17.41
CA LEU A 883 -8.56 -5.32 17.81
C LEU A 883 -7.38 -5.33 18.77
N LEU A 884 -7.38 -6.30 19.68
CA LEU A 884 -6.42 -6.33 20.77
C LEU A 884 -5.03 -6.86 20.39
N LYS A 885 -4.88 -7.38 19.16
CA LYS A 885 -3.53 -7.53 18.56
C LYS A 885 -2.96 -6.13 18.23
N LYS A 886 -3.78 -5.27 17.63
CA LYS A 886 -3.35 -3.96 17.09
C LYS A 886 -3.00 -2.94 18.17
N PHE A 887 -3.73 -2.99 19.28
CA PHE A 887 -3.46 -2.19 20.47
C PHE A 887 -3.56 -3.10 21.69
N ASP A 888 -2.83 -2.77 22.73
CA ASP A 888 -3.00 -3.40 24.05
C ASP A 888 -4.10 -2.66 24.80
N LEU A 889 -4.82 -3.36 25.67
CA LEU A 889 -5.64 -2.68 26.67
C LEU A 889 -4.71 -2.52 27.87
N GLY A 890 -4.78 -1.42 28.63
CA GLY A 890 -5.67 -0.28 28.44
C GLY A 890 -4.93 0.90 27.85
N SER A 891 -4.58 0.79 26.56
CA SER A 891 -4.09 1.94 25.81
C SER A 891 -5.20 2.97 25.68
N TYR A 892 -4.82 4.23 25.53
CA TYR A 892 -5.76 5.29 25.21
C TYR A 892 -6.60 4.90 23.98
N ASP A 893 -5.96 4.26 23.00
CA ASP A 893 -6.65 3.79 21.79
C ASP A 893 -7.80 2.83 22.08
N ILE A 894 -7.57 1.85 22.94
CA ILE A 894 -8.63 0.88 23.29
C ILE A 894 -9.73 1.51 24.14
N ARG A 895 -9.34 2.36 25.07
CA ARG A 895 -10.32 3.11 25.86
C ARG A 895 -11.28 3.90 24.99
N MET A 896 -10.76 4.57 23.97
CA MET A 896 -11.61 5.38 23.08
C MET A 896 -12.40 4.57 22.05
N ILE A 897 -11.99 3.34 21.77
CA ILE A 897 -12.81 2.44 20.95
C ILE A 897 -14.04 1.96 21.73
N ILE A 898 -13.87 1.65 23.01
CA ILE A 898 -14.99 1.22 23.87
C ILE A 898 -15.95 2.40 24.09
N SER A 899 -15.40 3.47 24.67
CA SER A 899 -16.14 4.68 24.99
C SER A 899 -16.84 5.25 23.75
N GLY A 900 -16.11 5.39 22.66
CA GLY A 900 -16.60 6.02 21.44
C GLY A 900 -17.69 5.29 20.67
N THR A 901 -17.87 3.99 20.92
CA THR A 901 -18.91 3.21 20.25
C THR A 901 -20.15 2.94 21.11
N THR A 902 -20.11 3.35 22.38
CA THR A 902 -21.10 2.95 23.40
C THR A 902 -21.75 4.06 24.24
N ALA A 903 -20.96 5.03 24.71
CA ALA A 903 -21.42 6.03 25.69
C ALA A 903 -22.56 6.94 25.21
N HIS A 904 -22.67 7.15 23.89
CA HIS A 904 -23.82 7.86 23.33
C HIS A 904 -25.16 7.09 23.39
N PHE A 905 -25.15 5.79 23.68
CA PHE A 905 -26.39 5.01 23.82
C PHE A 905 -27.24 5.59 24.93
N SER A 906 -28.55 5.49 24.77
CA SER A 906 -29.50 6.08 25.71
C SER A 906 -30.82 5.30 25.82
N SER A 907 -30.74 3.98 25.60
CA SER A 907 -31.90 3.07 25.73
C SER A 907 -31.56 1.93 26.67
N LYS A 908 -32.60 1.39 27.30
CA LYS A 908 -32.43 0.29 28.26
C LYS A 908 -31.93 -0.98 27.56
N ASP A 909 -32.40 -1.21 26.33
CA ASP A 909 -31.90 -2.29 25.48
C ASP A 909 -30.38 -2.27 25.31
N LYS A 910 -29.87 -1.18 24.74
CA LYS A 910 -28.45 -1.07 24.47
C LYS A 910 -27.59 -1.07 25.73
N LEU A 911 -28.15 -0.64 26.86
CA LEU A 911 -27.43 -0.73 28.13
C LEU A 911 -27.15 -2.19 28.45
N GLN A 912 -28.18 -3.03 28.30
CA GLN A 912 -28.03 -4.46 28.52
C GLN A 912 -27.01 -5.07 27.56
N GLU A 913 -27.07 -4.70 26.28
CA GLU A 913 -26.10 -5.23 25.29
C GLU A 913 -24.67 -4.92 25.73
N VAL A 914 -24.45 -3.70 26.23
CA VAL A 914 -23.12 -3.26 26.71
C VAL A 914 -22.75 -3.97 28.00
N LYS A 915 -23.74 -4.25 28.83
CA LYS A 915 -23.47 -4.97 30.06
C LYS A 915 -22.97 -6.33 29.67
N LEU A 916 -23.77 -6.97 28.86
CA LEU A 916 -23.43 -8.32 28.40
C LEU A 916 -22.01 -8.39 27.85
N PHE A 917 -21.69 -7.51 26.90
CA PHE A 917 -20.36 -7.47 26.30
C PHE A 917 -19.25 -7.24 27.33
N PHE A 918 -19.54 -6.42 28.36
CA PHE A 918 -18.52 -6.09 29.36
C PHE A 918 -18.23 -7.25 30.31
N GLU A 919 -19.27 -8.02 30.67
CA GLU A 919 -19.07 -9.25 31.45
C GLU A 919 -18.28 -10.27 30.64
N SER A 920 -18.75 -10.58 29.43
CA SER A 920 -18.01 -11.38 28.43
C SER A 920 -16.50 -11.21 28.50
N LEU A 921 -16.03 -9.98 28.72
CA LEU A 921 -14.61 -9.72 28.91
C LEU A 921 -14.15 -9.94 30.35
N GLU A 922 -14.54 -11.06 30.97
CA GLU A 922 -13.71 -11.74 32.00
C GLU A 922 -12.88 -12.89 31.43
N ALA A 923 -12.28 -12.71 30.25
CA ALA A 923 -10.95 -13.28 30.01
C ALA A 923 -9.97 -12.45 30.87
N GLN A 924 -8.77 -12.17 30.36
CA GLN A 924 -7.89 -11.16 30.98
C GLN A 924 -8.49 -9.74 30.86
N GLY A 925 -9.24 -9.55 29.77
CA GLY A 925 -10.11 -8.40 29.54
C GLY A 925 -10.63 -7.65 30.76
N SER A 926 -11.50 -8.26 31.55
CA SER A 926 -11.96 -7.63 32.79
C SER A 926 -10.70 -7.56 33.65
N HIS A 927 -10.18 -6.37 33.92
CA HIS A 927 -10.96 -5.11 33.87
C HIS A 927 -10.20 -3.80 33.63
N LEU A 928 -11.00 -2.78 33.34
CA LEU A 928 -10.60 -1.39 33.07
C LEU A 928 -11.62 -0.51 33.81
N ASP A 929 -11.22 0.70 34.17
CA ASP A 929 -12.14 1.67 34.77
C ASP A 929 -13.26 2.11 33.79
N ILE A 930 -12.93 2.13 32.50
CA ILE A 930 -13.85 2.63 31.48
C ILE A 930 -15.10 1.77 31.26
N PHE A 931 -15.10 0.52 31.72
CA PHE A 931 -16.33 -0.30 31.66
C PHE A 931 -17.41 0.30 32.54
N GLN A 932 -17.01 0.71 33.75
CA GLN A 932 -17.96 1.30 34.70
C GLN A 932 -18.49 2.65 34.21
N THR A 933 -17.58 3.55 33.84
CA THR A 933 -17.94 4.92 33.44
C THR A 933 -18.83 4.95 32.19
N VAL A 934 -18.68 3.97 31.30
CA VAL A 934 -19.58 3.85 30.15
C VAL A 934 -20.97 3.44 30.61
N LEU A 935 -21.06 2.44 31.50
CA LEU A 935 -22.36 2.01 32.03
C LEU A 935 -23.07 3.17 32.72
N GLU A 936 -22.34 3.91 33.55
CA GLU A 936 -22.90 5.08 34.24
C GLU A 936 -23.25 6.19 33.27
N THR A 937 -22.49 6.33 32.20
CA THR A 937 -22.82 7.30 31.15
C THR A 937 -24.11 6.89 30.43
N ILE A 938 -24.25 5.62 30.08
CA ILE A 938 -25.48 5.18 29.41
C ILE A 938 -26.67 5.37 30.35
N THR A 939 -26.55 4.98 31.63
CA THR A 939 -27.69 5.11 32.57
C THR A 939 -28.09 6.57 32.80
N LYS A 940 -27.08 7.44 32.90
CA LYS A 940 -27.29 8.91 32.93
C LYS A 940 -28.18 9.38 31.77
N ASN A 941 -27.92 8.86 30.56
CA ASN A 941 -28.71 9.17 29.38
C ASN A 941 -30.10 8.55 29.42
N ILE A 942 -30.20 7.34 29.98
CA ILE A 942 -31.50 6.73 30.21
C ILE A 942 -32.33 7.67 31.08
N LYS A 943 -31.77 8.04 32.24
CA LYS A 943 -32.46 8.83 33.26
C LYS A 943 -32.83 10.22 32.74
N TRP A 944 -31.86 10.91 32.14
CA TRP A 944 -32.09 12.23 31.57
C TRP A 944 -33.29 12.26 30.63
N LEU A 945 -33.37 11.27 29.75
CA LEU A 945 -34.49 11.16 28.82
C LEU A 945 -35.84 10.94 29.53
N GLU A 946 -35.91 9.94 30.41
CA GLU A 946 -37.16 9.69 31.14
C GLU A 946 -37.59 10.94 31.92
N LYS A 947 -36.66 11.58 32.63
CA LYS A 947 -36.99 12.77 33.45
C LYS A 947 -37.25 14.10 32.71
N ASN A 948 -36.67 14.28 31.52
CA ASN A 948 -36.73 15.56 30.81
C ASN A 948 -37.27 15.56 29.37
N LEU A 949 -37.52 14.40 28.77
CA LEU A 949 -37.96 14.34 27.36
C LEU A 949 -39.35 14.95 27.11
N PRO A 950 -40.36 14.60 27.93
CA PRO A 950 -41.64 15.25 27.71
C PRO A 950 -41.60 16.78 27.89
N THR A 951 -40.69 17.29 28.72
CA THR A 951 -40.50 18.74 28.85
C THR A 951 -39.91 19.35 27.59
N LEU A 952 -38.91 18.69 27.01
CA LEU A 952 -38.35 19.11 25.71
C LEU A 952 -39.40 19.10 24.59
N ARG A 953 -40.30 18.11 24.59
CA ARG A 953 -41.32 18.00 23.56
C ARG A 953 -42.31 19.17 23.64
N THR A 954 -42.83 19.42 24.84
CA THR A 954 -43.84 20.46 25.02
C THR A 954 -43.24 21.83 24.80
N TRP A 955 -42.04 22.05 25.33
CA TRP A 955 -41.35 23.35 25.22
C TRP A 955 -41.18 23.77 23.77
N LEU A 956 -40.82 22.82 22.91
CA LEU A 956 -40.68 23.08 21.47
C LEU A 956 -42.03 23.40 20.85
N MET A 957 -43.06 22.65 21.26
CA MET A 957 -44.44 22.88 20.78
C MET A 957 -45.04 24.20 21.29
N VAL A 958 -44.61 24.67 22.46
CA VAL A 958 -44.98 26.00 22.95
C VAL A 958 -44.47 27.06 21.97
N ASN A 959 -43.21 26.94 21.54
CA ASN A 959 -42.65 27.87 20.56
C ASN A 959 -43.44 27.91 19.26
N THR A 960 -43.63 26.75 18.64
CA THR A 960 -44.28 26.67 17.34
C THR A 960 -45.64 27.40 17.30
N ARG A 961 -46.22 27.69 18.47
CA ARG A 961 -47.43 28.51 18.61
C ARG A 961 -47.12 30.00 18.82
N VAL B 55 -10.81 17.65 -43.22
CA VAL B 55 -9.35 17.33 -43.36
C VAL B 55 -8.66 17.31 -42.00
N ALA B 56 -8.86 18.35 -41.18
CA ALA B 56 -8.00 18.62 -40.01
C ALA B 56 -8.47 19.45 -38.81
N THR B 57 -7.64 19.34 -37.76
CA THR B 57 -7.48 20.30 -36.64
C THR B 57 -5.97 20.70 -36.34
N ASN B 58 -5.59 21.60 -35.42
CA ASN B 58 -6.40 22.46 -34.54
C ASN B 58 -6.43 23.94 -34.98
N GLY B 59 -7.64 24.43 -35.22
CA GLY B 59 -7.88 25.47 -36.19
C GLY B 59 -7.98 24.83 -37.54
N GLU B 60 -6.87 24.83 -38.29
CA GLU B 60 -6.90 24.73 -39.75
C GLU B 60 -6.48 23.35 -40.31
N ARG B 61 -6.56 23.23 -41.65
CA ARG B 61 -6.14 22.06 -42.44
C ARG B 61 -4.75 21.56 -42.01
N PHE B 62 -4.45 20.33 -42.39
CA PHE B 62 -3.26 19.63 -41.93
C PHE B 62 -2.66 19.01 -43.17
N PRO B 63 -1.40 19.32 -43.51
CA PRO B 63 -0.86 19.08 -44.86
C PRO B 63 -0.99 17.65 -45.41
N TRP B 64 -0.78 16.67 -44.54
CA TRP B 64 -0.59 15.29 -44.94
C TRP B 64 -1.74 14.44 -44.40
N GLN B 65 -2.25 13.54 -45.24
CA GLN B 65 -3.50 12.82 -44.94
C GLN B 65 -3.39 11.31 -44.65
N GLU B 66 -2.35 10.64 -45.15
CA GLU B 66 -2.12 9.21 -44.85
C GLU B 66 -1.63 9.03 -43.41
N LEU B 67 -1.92 7.86 -42.81
CA LEU B 67 -1.45 7.55 -41.45
C LEU B 67 -0.01 7.00 -41.48
N ARG B 68 0.45 6.55 -42.66
CA ARG B 68 1.89 6.38 -42.90
C ARG B 68 2.52 7.74 -43.14
N LEU B 69 3.78 7.88 -42.76
CA LEU B 69 4.53 9.13 -43.00
C LEU B 69 4.94 9.19 -44.48
N PRO B 70 5.26 10.39 -45.01
CA PRO B 70 5.81 10.52 -46.35
C PRO B 70 7.24 10.04 -46.41
N SER B 71 7.65 9.71 -47.62
CA SER B 71 9.00 9.24 -47.89
C SER B 71 10.02 10.40 -47.94
N VAL B 72 9.53 11.63 -48.15
CA VAL B 72 10.33 12.79 -48.59
C VAL B 72 11.46 13.29 -47.66
N VAL B 73 11.35 13.05 -46.36
CA VAL B 73 12.31 13.60 -45.39
C VAL B 73 12.73 12.52 -44.35
N ILE B 74 14.03 12.22 -44.35
CA ILE B 74 14.59 11.04 -43.69
C ILE B 74 15.47 11.48 -42.53
N PRO B 75 15.17 11.02 -41.30
CA PRO B 75 16.09 11.33 -40.20
C PRO B 75 17.39 10.53 -40.31
N LEU B 76 18.50 11.19 -39.99
CA LEU B 76 19.82 10.55 -39.92
C LEU B 76 20.28 10.36 -38.48
N HIS B 77 19.96 11.31 -37.60
CA HIS B 77 20.52 11.33 -36.25
C HIS B 77 19.60 12.11 -35.30
N TYR B 78 19.44 11.58 -34.08
CA TYR B 78 18.71 12.24 -33.02
C TYR B 78 19.67 12.53 -31.88
N ASP B 79 19.77 13.79 -31.49
CA ASP B 79 20.23 14.15 -30.15
C ASP B 79 18.96 14.25 -29.34
N LEU B 80 18.97 13.69 -28.15
CA LEU B 80 17.76 13.56 -27.35
C LEU B 80 18.11 13.73 -25.88
N PHE B 81 17.63 14.81 -25.28
CA PHE B 81 17.87 15.09 -23.89
C PHE B 81 16.56 14.84 -23.16
N VAL B 82 16.63 14.07 -22.07
CA VAL B 82 15.44 13.80 -21.26
C VAL B 82 15.79 14.08 -19.81
N HIS B 83 14.88 14.80 -19.13
CA HIS B 83 15.02 15.16 -17.72
C HIS B 83 13.77 14.67 -16.99
N PRO B 84 13.77 13.39 -16.56
CA PRO B 84 12.68 12.89 -15.77
C PRO B 84 12.77 13.32 -14.32
N ASN B 85 11.65 13.33 -13.63
CA ASN B 85 11.57 13.62 -12.22
C ASN B 85 10.70 12.59 -11.51
N LEU B 86 11.30 11.79 -10.65
CA LEU B 86 10.62 10.66 -10.02
C LEU B 86 9.95 11.02 -8.68
N THR B 87 9.80 12.31 -8.38
CA THR B 87 8.98 12.78 -7.27
C THR B 87 7.75 13.50 -7.82
N SER B 88 7.99 14.38 -8.76
CA SER B 88 6.97 14.97 -9.61
C SER B 88 6.26 13.96 -10.53
N LEU B 89 6.90 12.84 -10.83
CA LEU B 89 6.42 11.83 -11.80
C LEU B 89 6.08 12.39 -13.19
N ASP B 90 7.01 13.19 -13.73
CA ASP B 90 6.88 13.78 -15.06
C ASP B 90 8.26 14.04 -15.65
N PHE B 91 8.30 14.56 -16.88
CA PHE B 91 9.58 14.90 -17.51
C PHE B 91 9.53 16.12 -18.40
N VAL B 92 10.70 16.73 -18.58
CA VAL B 92 10.93 17.74 -19.65
C VAL B 92 12.02 17.21 -20.54
N ALA B 93 11.95 17.56 -21.81
CA ALA B 93 12.85 16.98 -22.79
C ALA B 93 13.00 17.86 -24.01
N SER B 94 14.11 17.66 -24.72
CA SER B 94 14.35 18.32 -26.01
C SER B 94 15.08 17.36 -26.94
N GLU B 95 14.92 17.59 -28.23
CA GLU B 95 15.62 16.82 -29.23
C GLU B 95 16.08 17.70 -30.39
N LYS B 96 17.05 17.18 -31.15
CA LYS B 96 17.53 17.78 -32.39
C LYS B 96 17.66 16.65 -33.42
N ILE B 97 16.81 16.69 -34.45
CA ILE B 97 16.76 15.64 -35.47
C ILE B 97 17.47 16.11 -36.73
N GLU B 98 18.65 15.55 -36.99
CA GLU B 98 19.36 15.80 -38.26
C GLU B 98 18.62 15.05 -39.36
N VAL B 99 18.04 15.79 -40.29
CA VAL B 99 17.16 15.23 -41.31
C VAL B 99 17.80 15.48 -42.69
N LEU B 100 17.40 14.70 -43.69
CA LEU B 100 17.82 14.87 -45.09
C LEU B 100 16.59 14.92 -45.99
N VAL B 101 16.36 16.08 -46.61
CA VAL B 101 15.25 16.26 -47.54
C VAL B 101 15.60 15.57 -48.87
N SER B 102 14.59 15.14 -49.62
CA SER B 102 14.77 14.51 -50.95
C SER B 102 13.96 15.25 -52.01
N ASN B 103 12.64 15.29 -51.86
CA ASN B 103 11.79 16.16 -52.67
C ASN B 103 11.56 17.47 -51.90
N ALA B 104 11.40 18.57 -52.63
CA ALA B 104 11.14 19.89 -52.04
C ALA B 104 9.77 19.91 -51.35
N THR B 105 9.66 20.65 -50.25
CA THR B 105 8.47 20.54 -49.38
C THR B 105 8.24 21.77 -48.50
N GLN B 106 6.96 22.02 -48.16
CA GLN B 106 6.55 23.11 -47.25
C GLN B 106 6.33 22.66 -45.81
N PHE B 107 6.46 21.36 -45.55
CA PHE B 107 5.97 20.78 -44.30
C PHE B 107 6.73 19.50 -43.96
N ILE B 108 7.25 19.45 -42.73
CA ILE B 108 7.81 18.21 -42.19
C ILE B 108 6.73 17.56 -41.36
N ILE B 109 6.59 16.25 -41.51
CA ILE B 109 5.53 15.51 -40.85
C ILE B 109 6.18 14.36 -40.04
N LEU B 110 5.73 14.16 -38.80
CA LEU B 110 6.26 13.09 -37.94
C LEU B 110 5.31 12.76 -36.77
N HIS B 111 5.59 11.68 -36.05
CA HIS B 111 4.69 11.19 -35.01
C HIS B 111 4.92 11.89 -33.67
N SER B 112 3.82 12.11 -32.94
CA SER B 112 3.88 12.58 -31.55
C SER B 112 2.53 12.32 -30.90
N LYS B 113 2.54 11.95 -29.62
CA LYS B 113 1.31 11.60 -28.90
C LYS B 113 1.40 11.93 -27.41
N ASP B 114 0.39 12.63 -26.91
CA ASP B 114 0.33 13.04 -25.50
C ASP B 114 1.60 13.76 -25.08
N LEU B 115 2.11 14.60 -25.98
CA LEU B 115 3.28 15.42 -25.71
C LEU B 115 2.91 16.86 -25.92
N GLU B 116 3.24 17.71 -24.94
CA GLU B 116 3.10 19.15 -25.06
C GLU B 116 4.40 19.72 -25.67
N ILE B 117 4.31 20.23 -26.89
CA ILE B 117 5.47 20.76 -27.60
C ILE B 117 5.48 22.29 -27.46
N THR B 118 6.61 22.81 -26.99
CA THR B 118 6.71 24.19 -26.53
C THR B 118 8.04 24.80 -26.96
N ASN B 119 8.10 25.18 -28.25
CA ASN B 119 9.31 25.65 -29.00
C ASN B 119 9.64 24.61 -30.07
N ALA B 120 9.91 25.10 -31.27
CA ALA B 120 10.16 24.29 -32.44
C ALA B 120 10.94 25.14 -33.45
N THR B 121 12.24 24.84 -33.60
CA THR B 121 13.17 25.63 -34.43
C THR B 121 13.76 24.77 -35.54
N LEU B 122 14.06 25.37 -36.70
CA LEU B 122 14.73 24.68 -37.79
C LEU B 122 16.01 25.42 -38.19
N GLN B 123 17.16 24.81 -37.91
CA GLN B 123 18.49 25.32 -38.32
C GLN B 123 18.97 24.60 -39.59
N SER B 124 20.13 25.02 -40.11
CA SER B 124 20.65 24.49 -41.37
C SER B 124 22.16 24.69 -41.50
N GLU B 125 22.74 23.95 -42.44
CA GLU B 125 24.14 24.12 -42.81
C GLU B 125 24.27 24.51 -44.29
N GLU B 126 23.17 24.98 -44.90
CA GLU B 126 23.17 25.48 -46.28
C GLU B 126 22.12 26.62 -46.48
N ASP B 127 20.83 26.31 -46.34
CA ASP B 127 19.75 27.27 -46.62
C ASP B 127 19.74 28.42 -45.57
N LYS B 132 20.86 29.80 -42.48
CA LYS B 132 19.90 30.10 -41.43
C LYS B 132 20.23 29.43 -40.08
N PRO B 133 20.98 30.13 -39.19
CA PRO B 133 20.93 29.76 -37.75
C PRO B 133 20.36 30.82 -36.76
N GLY B 134 19.08 30.75 -36.40
CA GLY B 134 18.14 29.65 -36.72
C GLY B 134 16.66 30.01 -36.49
N LYS B 135 15.77 29.56 -37.37
CA LYS B 135 14.36 30.08 -37.45
C LYS B 135 13.30 29.17 -36.80
N GLU B 136 12.10 29.72 -36.61
CA GLU B 136 11.02 29.09 -35.85
C GLU B 136 9.90 28.48 -36.72
N LEU B 137 9.33 27.35 -36.29
CA LEU B 137 8.22 26.67 -37.02
C LEU B 137 6.89 26.66 -36.27
N LYS B 138 5.81 26.57 -37.04
CA LYS B 138 4.43 26.51 -36.52
C LYS B 138 4.01 25.04 -36.46
N VAL B 139 3.38 24.65 -35.35
CA VAL B 139 3.03 23.25 -35.07
C VAL B 139 1.54 23.02 -35.22
N LEU B 140 1.16 22.19 -36.19
CA LEU B 140 -0.20 21.67 -36.29
C LEU B 140 -0.21 20.26 -35.72
N SER B 141 -1.17 19.96 -34.85
CA SER B 141 -1.31 18.64 -34.23
C SER B 141 -2.57 17.95 -34.75
N TYR B 142 -2.43 16.67 -35.13
CA TYR B 142 -3.56 15.85 -35.62
C TYR B 142 -3.58 14.51 -34.88
N PRO B 143 -4.25 14.45 -33.70
CA PRO B 143 -4.26 13.25 -32.84
C PRO B 143 -4.78 11.96 -33.46
N ALA B 144 -5.71 12.06 -34.40
CA ALA B 144 -6.32 10.88 -35.01
C ALA B 144 -5.37 10.02 -35.84
N HIS B 145 -4.21 10.55 -36.22
CA HIS B 145 -3.13 9.78 -36.84
C HIS B 145 -1.84 9.85 -35.99
N GLU B 146 -1.95 10.38 -34.78
CA GLU B 146 -0.82 10.59 -33.87
C GLU B 146 0.34 11.33 -34.57
N GLN B 147 -0.03 12.32 -35.38
CA GLN B 147 0.91 13.10 -36.16
C GLN B 147 0.89 14.55 -35.71
N ILE B 148 2.02 15.21 -35.89
CA ILE B 148 2.13 16.66 -35.84
C ILE B 148 2.82 17.09 -37.12
N ALA B 149 2.47 18.27 -37.61
CA ALA B 149 3.08 18.86 -38.81
C ALA B 149 3.85 20.12 -38.43
N LEU B 150 5.12 20.17 -38.84
CA LEU B 150 5.95 21.36 -38.68
C LEU B 150 5.88 22.16 -39.98
N LEU B 151 5.22 23.33 -39.92
CA LEU B 151 5.13 24.23 -41.06
C LEU B 151 6.35 25.14 -41.13
N VAL B 152 7.03 25.11 -42.27
CA VAL B 152 8.19 25.97 -42.52
C VAL B 152 7.77 27.23 -43.30
N PRO B 153 8.53 28.33 -43.17
CA PRO B 153 8.29 29.53 -43.98
C PRO B 153 8.88 29.53 -45.42
N GLU B 154 9.40 28.40 -45.90
CA GLU B 154 10.18 28.32 -47.16
C GLU B 154 10.14 26.91 -47.73
N LYS B 155 9.84 26.77 -49.02
CA LYS B 155 9.98 25.49 -49.69
C LYS B 155 11.44 24.99 -49.55
N LEU B 156 11.65 23.96 -48.73
CA LEU B 156 13.00 23.40 -48.45
C LEU B 156 13.61 22.83 -49.72
N THR B 157 14.94 22.74 -49.72
CA THR B 157 15.72 22.40 -50.91
C THR B 157 16.14 20.94 -50.86
N PRO B 158 15.91 20.19 -51.95
CA PRO B 158 16.38 18.81 -52.11
C PRO B 158 17.86 18.58 -51.75
N HIS B 159 18.16 17.36 -51.28
CA HIS B 159 19.54 16.90 -51.04
C HIS B 159 20.37 17.68 -49.97
N LEU B 160 19.72 18.49 -49.12
CA LEU B 160 20.44 19.26 -48.07
C LEU B 160 19.98 18.86 -46.68
N LYS B 161 20.90 18.98 -45.72
CA LYS B 161 20.67 18.55 -44.34
C LYS B 161 20.27 19.70 -43.41
N TYR B 162 19.11 19.54 -42.76
CA TYR B 162 18.56 20.52 -41.83
C TYR B 162 18.54 19.92 -40.41
N TYR B 163 18.16 20.73 -39.43
CA TYR B 163 18.08 20.28 -38.03
C TYR B 163 16.78 20.73 -37.39
N VAL B 164 15.91 19.76 -37.08
CA VAL B 164 14.63 20.00 -36.43
C VAL B 164 14.83 19.92 -34.93
N ALA B 165 14.53 21.00 -34.21
CA ALA B 165 14.67 21.01 -32.75
C ALA B 165 13.36 21.38 -32.10
N MET B 166 12.98 20.63 -31.07
CA MET B 166 11.76 20.90 -30.29
C MET B 166 12.02 20.68 -28.81
N ASP B 167 11.37 21.48 -27.98
CA ASP B 167 11.24 21.20 -26.56
C ASP B 167 9.85 20.63 -26.32
N PHE B 168 9.77 19.65 -25.43
CA PHE B 168 8.52 18.96 -25.18
C PHE B 168 8.49 18.32 -23.79
N GLN B 169 7.30 18.19 -23.21
CA GLN B 169 7.13 17.68 -21.84
C GLN B 169 5.85 16.88 -21.71
N ALA B 170 5.78 16.10 -20.63
CA ALA B 170 4.65 15.24 -20.35
C ALA B 170 4.76 14.61 -18.97
N LYS B 171 3.62 14.16 -18.44
CA LYS B 171 3.59 13.28 -17.27
C LYS B 171 4.19 11.93 -17.62
N LEU B 172 4.81 11.26 -16.65
CA LEU B 172 5.29 9.91 -16.88
C LEU B 172 4.08 9.04 -17.13
N GLY B 173 4.22 8.11 -18.05
CA GLY B 173 3.19 7.14 -18.36
C GLY B 173 2.52 6.56 -17.14
N ASP B 174 1.22 6.32 -17.29
CA ASP B 174 0.35 5.81 -16.24
C ASP B 174 0.13 4.29 -16.38
N GLY B 175 0.55 3.72 -17.52
CA GLY B 175 0.20 2.35 -17.89
C GLY B 175 1.44 1.51 -18.11
N PHE B 176 1.55 0.94 -19.30
CA PHE B 176 2.70 0.10 -19.70
C PHE B 176 3.26 0.54 -21.06
N GLU B 177 3.10 1.80 -21.40
CA GLU B 177 3.40 2.27 -22.75
C GLU B 177 4.21 3.53 -22.65
N GLY B 178 5.09 3.74 -23.65
CA GLY B 178 5.91 4.93 -23.72
C GLY B 178 6.83 5.01 -22.53
N PHE B 179 7.03 6.21 -21.98
CA PHE B 179 7.95 6.40 -20.85
C PHE B 179 7.15 6.44 -19.54
N TYR B 180 7.08 5.30 -18.85
CA TYR B 180 6.14 5.12 -17.73
C TYR B 180 6.78 4.86 -16.37
N LYS B 181 6.01 5.07 -15.30
CA LYS B 181 6.48 4.78 -13.94
C LYS B 181 6.15 3.34 -13.52
N SER B 182 7.11 2.68 -12.90
CA SER B 182 6.91 1.39 -12.27
C SER B 182 7.34 1.51 -10.83
N THR B 183 6.89 0.59 -9.99
CA THR B 183 7.25 0.56 -8.57
C THR B 183 7.73 -0.82 -8.17
N TYR B 184 8.38 -0.90 -7.01
CA TYR B 184 8.81 -2.17 -6.45
C TYR B 184 8.94 -2.11 -4.93
N ARG B 185 8.86 -3.28 -4.32
CA ARG B 185 8.88 -3.43 -2.87
C ARG B 185 10.25 -3.89 -2.40
N THR B 186 10.81 -3.16 -1.46
CA THR B 186 12.11 -3.52 -0.88
C THR B 186 11.84 -4.54 0.23
N LEU B 187 12.89 -5.20 0.70
CA LEU B 187 12.75 -6.18 1.77
C LEU B 187 12.19 -5.55 3.06
N GLY B 188 12.57 -4.31 3.33
CA GLY B 188 12.03 -3.54 4.45
C GLY B 188 10.57 -3.09 4.33
N GLY B 189 9.98 -3.25 3.14
CA GLY B 189 8.61 -2.85 2.91
C GLY B 189 8.51 -1.44 2.37
N GLU B 190 9.64 -0.90 1.92
CA GLU B 190 9.63 0.38 1.20
C GLU B 190 9.10 0.13 -0.21
N THR B 191 8.54 1.18 -0.81
CA THR B 191 8.05 1.17 -2.19
C THR B 191 8.93 2.17 -2.93
N ARG B 192 9.45 1.80 -4.09
CA ARG B 192 10.44 2.61 -4.81
C ARG B 192 10.05 2.80 -6.26
N ILE B 193 10.16 4.02 -6.77
CA ILE B 193 9.77 4.35 -8.15
C ILE B 193 10.96 4.23 -9.08
N LEU B 194 10.71 3.72 -10.29
CA LEU B 194 11.64 3.87 -11.41
C LEU B 194 10.88 4.31 -12.65
N ALA B 195 11.59 4.81 -13.66
CA ALA B 195 10.97 5.19 -14.92
C ALA B 195 11.61 4.38 -16.03
N VAL B 196 10.80 3.92 -16.99
CA VAL B 196 11.21 2.89 -17.97
C VAL B 196 10.55 3.12 -19.29
N THR B 197 11.14 2.69 -20.40
CA THR B 197 10.48 2.75 -21.70
C THR B 197 9.97 1.40 -22.23
N ASP B 198 8.85 1.47 -22.96
CA ASP B 198 8.42 0.44 -23.90
C ASP B 198 7.76 1.09 -25.11
N PHE B 199 8.43 0.99 -26.25
CA PHE B 199 8.03 1.71 -27.45
C PHE B 199 7.44 0.85 -28.56
N GLU B 200 7.52 -0.48 -28.46
CA GLU B 200 7.04 -1.33 -29.55
C GLU B 200 5.53 -1.52 -29.48
N PRO B 201 4.82 -1.31 -30.59
CA PRO B 201 5.38 -0.90 -31.89
C PRO B 201 5.48 0.62 -32.08
N THR B 202 4.57 1.37 -31.47
CA THR B 202 4.35 2.76 -31.86
C THR B 202 4.20 3.73 -30.69
N GLN B 203 4.91 3.50 -29.58
CA GLN B 203 4.86 4.42 -28.45
C GLN B 203 6.17 5.13 -28.17
N ALA B 204 7.15 5.03 -29.08
CA ALA B 204 8.31 5.94 -29.05
C ALA B 204 7.81 7.38 -29.09
N ARG B 205 6.82 7.61 -29.96
CA ARG B 205 6.13 8.90 -30.11
C ARG B 205 5.46 9.45 -28.84
N MET B 206 5.24 8.62 -27.82
CA MET B 206 4.72 9.08 -26.54
C MET B 206 5.79 9.60 -25.59
N ALA B 207 7.05 9.49 -26.00
CA ALA B 207 8.21 9.87 -25.18
C ALA B 207 9.01 11.01 -25.79
N PHE B 208 9.10 11.02 -27.11
CA PHE B 208 9.70 12.12 -27.87
C PHE B 208 9.16 12.10 -29.29
N PRO B 209 8.93 13.29 -29.90
CA PRO B 209 8.42 13.27 -31.28
C PRO B 209 9.44 12.65 -32.22
N CYS B 210 9.00 11.91 -33.22
CA CYS B 210 9.93 11.22 -34.11
C CYS B 210 9.25 10.59 -35.31
N PHE B 211 10.07 10.13 -36.24
CA PHE B 211 9.61 9.38 -37.40
C PHE B 211 9.56 7.95 -36.93
N ASP B 212 8.51 7.64 -36.18
CA ASP B 212 8.28 6.36 -35.50
C ASP B 212 7.65 5.29 -36.41
N GLU B 213 8.36 4.96 -37.49
CA GLU B 213 8.14 3.73 -38.24
C GLU B 213 9.51 3.06 -38.34
N PRO B 214 9.54 1.72 -38.28
CA PRO B 214 10.81 1.02 -38.13
C PRO B 214 11.72 1.04 -39.36
N LEU B 215 11.20 1.51 -40.50
CA LEU B 215 12.02 1.78 -41.68
C LEU B 215 12.90 3.05 -41.54
N PHE B 216 12.39 4.09 -40.86
CA PHE B 216 13.16 5.33 -40.61
C PHE B 216 14.22 5.17 -39.51
N LYS B 217 15.31 4.47 -39.84
CA LYS B 217 16.41 4.26 -38.89
C LYS B 217 17.30 5.48 -38.78
N ALA B 218 17.96 5.61 -37.64
CA ALA B 218 18.83 6.74 -37.35
C ALA B 218 19.76 6.42 -36.19
N ASN B 219 20.72 7.31 -35.96
CA ASN B 219 21.60 7.21 -34.80
C ASN B 219 20.97 7.98 -33.65
N PHE B 220 21.21 7.51 -32.44
CA PHE B 220 20.62 8.14 -31.26
C PHE B 220 21.68 8.45 -30.20
N SER B 221 21.81 9.75 -29.89
CA SER B 221 22.66 10.20 -28.80
C SER B 221 21.73 10.65 -27.70
N ILE B 222 21.73 9.91 -26.60
CA ILE B 222 20.84 10.21 -25.50
C ILE B 222 21.68 10.87 -24.41
N LYS B 223 21.13 11.93 -23.82
CA LYS B 223 21.61 12.52 -22.57
C LYS B 223 20.47 12.43 -21.55
N ILE B 224 20.79 12.17 -20.29
CA ILE B 224 19.77 11.99 -19.24
C ILE B 224 20.21 12.64 -17.94
N ARG B 225 19.36 13.50 -17.38
CA ARG B 225 19.63 14.15 -16.11
C ARG B 225 18.95 13.41 -14.97
N ARG B 226 19.60 13.37 -13.81
CA ARG B 226 19.14 12.50 -12.71
C ARG B 226 19.62 12.95 -11.35
N GLU B 227 18.87 12.60 -10.31
CA GLU B 227 19.34 12.74 -8.95
C GLU B 227 20.48 11.75 -8.70
N SER B 228 21.28 12.05 -7.68
CA SER B 228 22.42 11.20 -7.31
C SER B 228 21.98 9.81 -6.86
N ARG B 229 20.80 9.70 -6.25
CA ARG B 229 20.28 8.41 -5.80
C ARG B 229 19.92 7.43 -6.92
N HIS B 230 19.81 7.90 -8.17
CA HIS B 230 19.53 7.02 -9.31
C HIS B 230 20.70 6.79 -10.25
N ILE B 231 20.58 5.73 -11.03
CA ILE B 231 21.45 5.49 -12.18
C ILE B 231 20.59 5.75 -13.41
N ALA B 232 21.22 5.85 -14.57
CA ALA B 232 20.50 5.92 -15.83
C ALA B 232 21.14 4.94 -16.80
N LEU B 233 20.32 4.09 -17.40
CA LEU B 233 20.76 3.17 -18.44
C LEU B 233 20.13 3.62 -19.74
N SER B 234 20.73 3.21 -20.84
CA SER B 234 20.13 3.38 -22.15
C SER B 234 20.74 2.30 -23.03
N ASN B 235 20.47 2.39 -24.32
CA ASN B 235 20.92 1.37 -25.27
C ASN B 235 22.42 1.18 -25.16
N MET B 236 23.13 2.31 -25.22
CA MET B 236 24.59 2.33 -25.30
C MET B 236 25.24 2.50 -23.94
N PRO B 237 26.57 2.28 -23.85
CA PRO B 237 27.23 2.51 -22.58
C PRO B 237 27.42 3.99 -22.31
N LYS B 238 27.72 4.30 -21.06
CA LYS B 238 27.79 5.68 -20.58
C LYS B 238 29.21 6.23 -20.80
N VAL B 239 29.32 7.22 -21.69
CA VAL B 239 30.59 7.87 -21.99
C VAL B 239 31.04 8.73 -20.81
N LYS B 240 30.16 9.58 -20.28
CA LYS B 240 30.52 10.40 -19.12
C LYS B 240 29.35 10.87 -18.28
N THR B 241 29.66 11.23 -17.03
CA THR B 241 28.71 11.76 -16.06
C THR B 241 29.22 13.09 -15.54
N ILE B 242 28.59 14.19 -15.97
CA ILE B 242 29.00 15.52 -15.55
C ILE B 242 28.10 16.00 -14.40
N GLU B 243 28.70 16.62 -13.38
CA GLU B 243 27.95 17.19 -12.25
C GLU B 243 27.46 18.57 -12.62
N LEU B 244 26.31 18.97 -12.08
CA LEU B 244 25.71 20.25 -12.42
C LEU B 244 25.59 21.12 -11.19
N GLU B 245 25.52 22.43 -11.44
CA GLU B 245 25.40 23.44 -10.41
C GLU B 245 24.52 23.06 -9.19
N GLY B 246 23.29 22.60 -9.43
CA GLY B 246 22.34 22.36 -8.35
C GLY B 246 22.46 21.04 -7.61
N GLY B 247 23.48 20.24 -7.91
CA GLY B 247 23.65 18.92 -7.31
C GLY B 247 23.29 17.76 -8.21
N LEU B 248 22.49 18.02 -9.25
CA LEU B 248 22.07 16.97 -10.20
C LEU B 248 23.19 16.56 -11.14
N LEU B 249 23.14 15.31 -11.57
CA LEU B 249 24.14 14.71 -12.43
C LEU B 249 23.51 14.55 -13.80
N GLU B 250 24.32 14.52 -14.84
CA GLU B 250 23.84 14.29 -16.20
C GLU B 250 24.73 13.23 -16.86
N ASP B 251 24.12 12.22 -17.47
CA ASP B 251 24.82 11.09 -18.09
C ASP B 251 24.75 11.19 -19.61
N HIS B 252 25.87 10.94 -20.25
CA HIS B 252 26.03 11.03 -21.69
C HIS B 252 26.30 9.62 -22.19
N PHE B 253 25.58 9.21 -23.23
CA PHE B 253 25.61 7.83 -23.70
C PHE B 253 26.18 7.82 -25.09
N GLU B 254 27.01 6.82 -25.37
CA GLU B 254 27.63 6.67 -26.67
C GLU B 254 26.53 6.71 -27.73
N THR B 255 26.83 7.31 -28.88
CA THR B 255 25.84 7.41 -29.93
C THR B 255 25.55 6.01 -30.43
N THR B 256 24.28 5.72 -30.70
CA THR B 256 23.91 4.37 -31.14
C THR B 256 24.35 4.15 -32.59
N VAL B 257 24.20 2.90 -33.00
CA VAL B 257 24.26 2.52 -34.40
C VAL B 257 22.94 2.96 -35.06
N LYS B 258 22.88 2.82 -36.38
CA LYS B 258 21.62 2.93 -37.12
C LYS B 258 20.62 1.89 -36.62
N MET B 259 19.46 2.37 -36.16
CA MET B 259 18.43 1.48 -35.60
C MET B 259 17.04 2.11 -35.63
N SER B 260 16.02 1.28 -35.46
CA SER B 260 14.65 1.76 -35.49
C SER B 260 14.26 2.40 -34.16
N THR B 261 13.27 3.29 -34.20
CA THR B 261 12.84 4.06 -33.02
C THR B 261 12.26 3.18 -31.91
N TYR B 262 11.53 2.12 -32.27
CA TYR B 262 10.90 1.24 -31.27
C TYR B 262 11.86 0.54 -30.30
N LEU B 263 13.15 0.49 -30.67
CA LEU B 263 14.22 -0.12 -29.86
C LEU B 263 14.94 0.86 -28.94
N VAL B 264 14.82 2.15 -29.22
CA VAL B 264 15.39 3.17 -28.34
C VAL B 264 14.86 2.94 -26.93
N ALA B 265 15.72 3.10 -25.94
CA ALA B 265 15.30 2.89 -24.57
C ALA B 265 16.15 3.65 -23.56
N TYR B 266 15.54 3.93 -22.43
CA TYR B 266 16.23 4.52 -21.30
C TYR B 266 15.47 4.25 -20.04
N ILE B 267 16.20 4.23 -18.93
CA ILE B 267 15.64 3.86 -17.64
C ILE B 267 16.28 4.73 -16.59
N VAL B 268 15.56 5.04 -15.52
CA VAL B 268 16.13 5.70 -14.35
C VAL B 268 15.67 4.93 -13.12
N CYS B 269 16.61 4.44 -12.32
CA CYS B 269 16.28 3.58 -11.19
C CYS B 269 17.47 3.49 -10.24
N ASP B 270 17.24 2.85 -9.09
CA ASP B 270 18.31 2.58 -8.14
C ASP B 270 18.63 1.08 -8.07
N PHE B 271 18.80 0.46 -9.24
CA PHE B 271 19.04 -0.99 -9.30
C PHE B 271 20.51 -1.33 -9.08
N HIS B 272 20.78 -2.56 -8.62
CA HIS B 272 22.14 -3.11 -8.54
C HIS B 272 22.30 -4.25 -9.55
N SER B 273 23.50 -4.36 -10.10
CA SER B 273 23.83 -5.36 -11.12
C SER B 273 24.81 -6.44 -10.67
N LEU B 274 24.87 -7.50 -11.48
CA LEU B 274 26.02 -8.42 -11.54
C LEU B 274 26.53 -8.43 -12.96
N SER B 275 27.84 -8.46 -13.11
CA SER B 275 28.46 -8.25 -14.41
C SER B 275 29.43 -9.37 -14.73
N GLY B 276 29.64 -9.55 -16.02
CA GLY B 276 30.51 -10.58 -16.56
C GLY B 276 30.89 -10.19 -17.97
N PHE B 277 31.91 -10.85 -18.51
CA PHE B 277 32.38 -10.59 -19.86
C PHE B 277 32.34 -11.85 -20.72
N THR B 278 31.89 -11.73 -21.97
CA THR B 278 31.83 -12.85 -22.90
C THR B 278 33.23 -13.00 -23.44
N SER B 279 33.54 -14.16 -24.02
CA SER B 279 34.86 -14.38 -24.65
C SER B 279 35.26 -13.26 -25.64
N SER B 280 34.26 -12.67 -26.29
CA SER B 280 34.44 -11.55 -27.22
C SER B 280 34.43 -10.14 -26.55
N GLY B 281 34.61 -10.07 -25.22
CA GLY B 281 34.75 -8.80 -24.50
C GLY B 281 33.50 -7.97 -24.22
N VAL B 282 32.32 -8.56 -24.44
CA VAL B 282 31.07 -7.83 -24.24
C VAL B 282 30.72 -7.84 -22.76
N LYS B 283 30.39 -6.67 -22.21
CA LYS B 283 30.03 -6.56 -20.79
C LYS B 283 28.52 -6.79 -20.58
N VAL B 284 28.18 -8.03 -20.26
CA VAL B 284 26.83 -8.39 -19.89
C VAL B 284 26.64 -8.04 -18.42
N SER B 285 25.62 -7.23 -18.13
CA SER B 285 25.21 -6.96 -16.75
C SER B 285 23.73 -7.30 -16.57
N ILE B 286 23.39 -7.83 -15.39
CA ILE B 286 22.03 -8.24 -15.07
C ILE B 286 21.57 -7.28 -13.97
N TYR B 287 20.68 -6.36 -14.33
CA TYR B 287 20.19 -5.39 -13.39
C TYR B 287 18.89 -5.88 -12.81
N ALA B 288 18.71 -5.62 -11.52
CA ALA B 288 17.48 -5.96 -10.83
C ALA B 288 17.35 -5.08 -9.60
N SER B 289 16.19 -5.17 -8.94
CA SER B 289 15.99 -4.56 -7.63
C SER B 289 17.19 -4.90 -6.68
N PRO B 290 17.54 -3.98 -5.74
CA PRO B 290 18.68 -4.21 -4.86
C PRO B 290 18.64 -5.49 -4.03
N ASP B 291 17.51 -5.77 -3.37
CA ASP B 291 17.41 -6.94 -2.50
C ASP B 291 17.18 -8.24 -3.28
N LYS B 292 17.21 -8.17 -4.62
CA LYS B 292 17.01 -9.34 -5.49
C LYS B 292 18.25 -9.68 -6.31
N ARG B 293 19.41 -9.16 -5.91
CA ARG B 293 20.62 -9.37 -6.70
C ARG B 293 21.08 -10.83 -6.68
N ASN B 294 20.83 -11.55 -5.58
CA ASN B 294 21.07 -12.99 -5.53
C ASN B 294 20.40 -13.77 -6.67
N GLN B 295 19.25 -13.28 -7.15
CA GLN B 295 18.49 -13.98 -8.19
C GLN B 295 18.99 -13.78 -9.63
N THR B 296 19.97 -12.89 -9.81
CA THR B 296 20.51 -12.55 -11.13
C THR B 296 21.57 -13.49 -11.66
N HIS B 297 22.08 -14.38 -10.80
CA HIS B 297 23.17 -15.30 -11.16
C HIS B 297 22.92 -16.16 -12.41
N TYR B 298 21.83 -16.92 -12.44
CA TYR B 298 21.58 -17.80 -13.57
C TYR B 298 21.48 -17.03 -14.89
N ALA B 299 20.76 -15.91 -14.88
CA ALA B 299 20.59 -15.07 -16.07
C ALA B 299 21.92 -14.60 -16.65
N LEU B 300 22.86 -14.26 -15.77
CA LEU B 300 24.21 -13.88 -16.16
C LEU B 300 24.93 -15.06 -16.83
N GLN B 301 24.97 -16.19 -16.13
CA GLN B 301 25.57 -17.42 -16.66
C GLN B 301 25.01 -17.77 -18.03
N ALA B 302 23.69 -17.80 -18.14
CA ALA B 302 23.04 -18.26 -19.36
C ALA B 302 23.28 -17.29 -20.51
N SER B 303 23.08 -16.00 -20.26
CA SER B 303 23.25 -14.98 -21.29
C SER B 303 24.67 -14.98 -21.84
N LEU B 304 25.67 -15.05 -20.95
CA LEU B 304 27.07 -15.25 -21.35
C LEU B 304 27.22 -16.40 -22.34
N LYS B 305 26.84 -17.61 -21.93
CA LYS B 305 26.94 -18.81 -22.80
C LYS B 305 26.16 -18.62 -24.10
N LEU B 306 25.00 -17.99 -24.00
CA LEU B 306 24.11 -17.78 -25.15
C LEU B 306 24.63 -16.75 -26.15
N LEU B 307 25.20 -15.65 -25.66
CA LEU B 307 25.74 -14.64 -26.56
C LEU B 307 26.96 -15.18 -27.30
N ASP B 308 27.78 -15.97 -26.60
CA ASP B 308 28.88 -16.71 -27.23
C ASP B 308 28.32 -17.57 -28.36
N PHE B 309 27.32 -18.39 -28.07
CA PHE B 309 26.71 -19.23 -29.10
C PHE B 309 26.29 -18.40 -30.30
N TYR B 310 25.44 -17.39 -30.05
CA TYR B 310 24.83 -16.60 -31.13
C TYR B 310 25.86 -15.89 -32.01
N GLU B 311 26.87 -15.32 -31.36
CA GLU B 311 28.03 -14.74 -32.07
C GLU B 311 28.64 -15.71 -33.09
N LYS B 312 29.04 -16.90 -32.63
CA LYS B 312 29.57 -17.98 -33.50
C LYS B 312 28.57 -18.41 -34.56
N TYR B 313 27.36 -18.74 -34.11
CA TYR B 313 26.33 -19.31 -35.00
C TYR B 313 26.06 -18.42 -36.20
N PHE B 314 25.84 -17.13 -35.92
CA PHE B 314 25.56 -16.17 -36.98
C PHE B 314 26.83 -15.72 -37.70
N ASP B 315 27.98 -15.84 -37.04
CA ASP B 315 29.29 -15.37 -37.54
C ASP B 315 29.29 -13.84 -37.68
N ILE B 316 28.60 -13.21 -36.74
CA ILE B 316 28.49 -11.76 -36.66
C ILE B 316 28.62 -11.40 -35.18
N TYR B 317 29.66 -10.65 -34.84
CA TYR B 317 29.83 -10.19 -33.46
C TYR B 317 28.69 -9.28 -33.03
N TYR B 318 28.37 -9.34 -31.75
CA TYR B 318 27.46 -8.38 -31.15
C TYR B 318 28.19 -7.03 -31.19
N PRO B 319 27.59 -6.00 -31.82
CA PRO B 319 28.36 -4.78 -32.09
C PRO B 319 28.70 -3.91 -30.87
N LEU B 320 27.87 -3.95 -29.82
CA LEU B 320 28.01 -3.01 -28.72
C LEU B 320 28.99 -3.52 -27.66
N SER B 321 29.61 -2.60 -26.93
CA SER B 321 30.47 -2.94 -25.79
C SER B 321 29.73 -3.70 -24.70
N LYS B 322 28.48 -3.31 -24.46
CA LYS B 322 27.68 -3.90 -23.41
C LYS B 322 26.32 -4.37 -23.90
N LEU B 323 25.77 -5.30 -23.13
CA LEU B 323 24.40 -5.73 -23.24
C LEU B 323 23.85 -5.84 -21.82
N ASP B 324 22.84 -5.04 -21.51
CA ASP B 324 22.20 -5.07 -20.20
C ASP B 324 20.87 -5.81 -20.28
N LEU B 325 20.61 -6.59 -19.24
CA LEU B 325 19.37 -7.29 -19.07
C LEU B 325 18.83 -6.79 -17.74
N ILE B 326 17.68 -6.14 -17.78
CA ILE B 326 17.11 -5.52 -16.57
C ILE B 326 15.75 -6.15 -16.28
N ALA B 327 15.49 -6.39 -15.00
CA ALA B 327 14.27 -7.05 -14.53
C ALA B 327 13.30 -6.02 -13.97
N ILE B 328 12.41 -5.52 -14.85
CA ILE B 328 11.43 -4.50 -14.49
C ILE B 328 10.25 -5.12 -13.78
N PRO B 329 9.88 -4.60 -12.60
CA PRO B 329 8.70 -5.08 -11.83
C PRO B 329 7.33 -4.98 -12.52
N ASP B 330 6.98 -3.79 -13.02
CA ASP B 330 5.77 -3.59 -13.81
C ASP B 330 6.10 -3.66 -15.30
N PHE B 331 5.96 -4.85 -15.88
CA PHE B 331 6.28 -5.06 -17.28
C PHE B 331 5.24 -5.94 -18.01
N ALA B 332 4.55 -5.34 -18.97
CA ALA B 332 3.45 -6.01 -19.67
C ALA B 332 3.90 -7.22 -20.47
N PRO B 333 4.75 -7.04 -21.50
CA PRO B 333 5.21 -8.24 -22.23
C PRO B 333 6.14 -9.13 -21.39
N GLY B 334 6.55 -10.26 -21.95
CA GLY B 334 7.47 -11.17 -21.27
C GLY B 334 8.84 -10.56 -21.19
N ALA B 335 9.23 -9.94 -22.30
CA ALA B 335 10.47 -9.20 -22.41
C ALA B 335 10.44 -8.33 -23.66
N MET B 336 11.38 -7.39 -23.76
CA MET B 336 11.49 -6.51 -24.93
C MET B 336 12.94 -6.32 -25.34
N GLU B 337 13.21 -6.51 -26.63
CA GLU B 337 14.57 -6.65 -27.14
C GLU B 337 15.38 -5.35 -27.36
N ASN B 338 14.99 -4.27 -26.69
CA ASN B 338 15.71 -2.99 -26.74
C ASN B 338 17.24 -3.20 -26.83
N TRP B 339 17.83 -2.84 -27.98
CA TRP B 339 19.25 -3.08 -28.29
C TRP B 339 20.19 -2.66 -27.16
N GLY B 340 20.86 -3.62 -26.54
CA GLY B 340 21.77 -3.31 -25.43
C GLY B 340 21.12 -3.06 -24.08
N LEU B 341 19.79 -2.95 -24.03
CA LEU B 341 19.07 -2.78 -22.77
C LEU B 341 17.76 -3.52 -22.83
N ILE B 342 17.87 -4.83 -22.69
CA ILE B 342 16.71 -5.74 -22.81
C ILE B 342 15.94 -5.75 -21.50
N THR B 343 14.67 -5.36 -21.59
CA THR B 343 13.75 -5.31 -20.46
C THR B 343 13.01 -6.64 -20.32
N TYR B 344 12.90 -7.16 -19.11
CA TYR B 344 12.24 -8.44 -18.83
C TYR B 344 11.32 -8.33 -17.64
N ARG B 345 10.23 -9.08 -17.67
CA ARG B 345 9.51 -9.39 -16.44
C ARG B 345 10.42 -10.13 -15.48
N GLU B 346 10.28 -9.86 -14.18
CA GLU B 346 11.04 -10.57 -13.16
C GLU B 346 10.96 -12.12 -13.26
N THR B 347 9.83 -12.64 -13.75
CA THR B 347 9.70 -14.08 -13.97
C THR B 347 10.34 -14.59 -15.26
N SER B 348 10.71 -13.68 -16.16
CA SER B 348 11.39 -14.04 -17.39
C SER B 348 12.92 -14.05 -17.23
N LEU B 349 13.44 -13.76 -16.04
CA LEU B 349 14.86 -13.47 -15.87
C LEU B 349 15.42 -13.85 -14.53
N LEU B 350 14.74 -13.47 -13.44
CA LEU B 350 15.20 -13.84 -12.10
C LEU B 350 14.99 -15.34 -11.81
N PHE B 351 15.83 -15.90 -10.95
CA PHE B 351 15.79 -17.31 -10.61
C PHE B 351 16.37 -17.54 -9.23
N ASP B 352 15.62 -18.19 -8.37
CA ASP B 352 16.00 -18.48 -6.99
C ASP B 352 15.76 -19.97 -6.81
N PRO B 353 16.83 -20.76 -6.63
CA PRO B 353 16.65 -22.23 -6.57
C PRO B 353 15.82 -22.73 -5.40
N LYS B 354 15.60 -21.89 -4.38
CA LYS B 354 14.73 -22.24 -3.25
C LYS B 354 13.21 -22.23 -3.55
N THR B 355 12.84 -21.86 -4.78
CA THR B 355 11.46 -21.39 -5.08
C THR B 355 11.13 -21.40 -6.58
N SER B 356 12.10 -21.17 -7.45
CA SER B 356 11.95 -21.44 -8.89
C SER B 356 12.14 -22.94 -9.12
N SER B 357 11.44 -23.48 -10.12
CA SER B 357 11.49 -24.92 -10.46
C SER B 357 12.06 -25.17 -11.86
N ALA B 358 12.36 -26.42 -12.14
CA ALA B 358 12.79 -26.89 -13.48
C ALA B 358 12.15 -26.14 -14.65
N SER B 359 10.82 -26.00 -14.59
CA SER B 359 10.05 -25.31 -15.62
C SER B 359 10.42 -23.84 -15.71
N ASP B 360 10.50 -23.18 -14.54
CA ASP B 360 10.96 -21.79 -14.47
C ASP B 360 12.34 -21.64 -15.06
N LYS B 361 13.26 -22.54 -14.66
CA LYS B 361 14.59 -22.52 -15.25
C LYS B 361 14.51 -22.62 -16.78
N LEU B 362 13.71 -23.56 -17.25
CA LEU B 362 13.52 -23.74 -18.68
C LEU B 362 12.92 -22.51 -19.35
N TRP B 363 11.99 -21.85 -18.65
CA TRP B 363 11.38 -20.61 -19.13
C TRP B 363 12.38 -19.43 -19.19
N VAL B 364 13.11 -19.17 -18.10
CA VAL B 364 14.08 -18.08 -18.06
C VAL B 364 15.11 -18.25 -19.17
N THR B 365 15.67 -19.45 -19.29
CA THR B 365 16.61 -19.78 -20.36
C THR B 365 16.03 -19.51 -21.73
N ARG B 366 14.76 -19.85 -21.90
CA ARG B 366 14.08 -19.73 -23.16
C ARG B 366 13.85 -18.26 -23.55
N VAL B 367 13.47 -17.41 -22.60
CA VAL B 367 13.20 -15.98 -22.94
C VAL B 367 14.51 -15.19 -23.03
N ILE B 368 15.55 -15.59 -22.30
CA ILE B 368 16.90 -15.00 -22.50
C ILE B 368 17.41 -15.30 -23.90
N ALA B 369 17.32 -16.56 -24.32
CA ALA B 369 17.73 -16.96 -25.66
C ALA B 369 16.89 -16.30 -26.75
N HIS B 370 15.61 -16.09 -26.47
CA HIS B 370 14.69 -15.41 -27.38
C HIS B 370 15.09 -13.95 -27.63
N GLU B 371 15.37 -13.23 -26.54
CA GLU B 371 15.73 -11.82 -26.60
C GLU B 371 17.14 -11.58 -27.13
N LEU B 372 18.08 -12.47 -26.80
CA LEU B 372 19.43 -12.37 -27.35
C LEU B 372 19.43 -12.65 -28.85
N ALA B 373 18.63 -13.60 -29.32
CA ALA B 373 18.48 -13.83 -30.77
C ALA B 373 17.88 -12.62 -31.50
N HIS B 374 17.04 -11.85 -30.81
CA HIS B 374 16.44 -10.63 -31.37
C HIS B 374 17.48 -9.58 -31.74
N GLN B 375 18.59 -9.55 -30.99
CA GLN B 375 19.69 -8.61 -31.22
C GLN B 375 20.24 -8.68 -32.66
N TRP B 376 20.11 -9.86 -33.28
CA TRP B 376 20.41 -10.05 -34.69
C TRP B 376 19.12 -10.00 -35.51
N PHE B 377 18.14 -10.84 -35.16
CA PHE B 377 16.85 -10.89 -35.85
C PHE B 377 15.89 -9.88 -35.27
N GLY B 378 15.91 -8.68 -35.84
CA GLY B 378 15.07 -7.58 -35.38
C GLY B 378 15.84 -6.28 -35.32
N ASN B 379 16.84 -6.24 -34.46
CA ASN B 379 17.61 -5.01 -34.20
C ASN B 379 18.66 -4.74 -35.27
N LEU B 380 19.47 -5.76 -35.55
CA LEU B 380 20.48 -5.72 -36.60
C LEU B 380 19.79 -5.72 -37.96
N VAL B 381 18.80 -6.60 -38.14
CA VAL B 381 18.00 -6.65 -39.36
C VAL B 381 16.53 -6.50 -39.02
N THR B 382 16.00 -5.30 -39.27
CA THR B 382 14.62 -4.97 -38.94
C THR B 382 13.73 -5.15 -40.16
N MET B 383 12.49 -5.58 -39.93
CA MET B 383 11.50 -5.70 -41.00
C MET B 383 11.07 -4.32 -41.47
N GLU B 384 10.64 -4.25 -42.73
CA GLU B 384 10.22 -2.98 -43.33
C GLU B 384 8.98 -2.39 -42.69
N TRP B 385 8.02 -3.24 -42.36
CA TRP B 385 6.77 -2.79 -41.77
C TRP B 385 6.14 -3.93 -40.94
N TRP B 386 5.23 -3.55 -40.04
CA TRP B 386 4.64 -4.44 -39.04
C TRP B 386 3.82 -5.62 -39.58
N ASN B 387 3.39 -5.56 -40.83
CA ASN B 387 2.77 -6.72 -41.50
C ASN B 387 3.66 -7.97 -41.43
N ASP B 388 4.96 -7.76 -41.55
CA ASP B 388 5.93 -8.86 -41.55
C ASP B 388 6.70 -9.00 -40.22
N ILE B 389 6.05 -8.60 -39.12
CA ILE B 389 6.58 -8.78 -37.75
C ILE B 389 7.13 -10.19 -37.47
N TRP B 390 6.57 -11.21 -38.11
CA TRP B 390 7.01 -12.58 -37.87
C TRP B 390 8.50 -12.85 -38.20
N LEU B 391 9.03 -12.25 -39.27
CA LEU B 391 10.47 -12.38 -39.64
C LEU B 391 11.42 -12.15 -38.47
N LYS B 392 10.95 -11.36 -37.51
CA LYS B 392 11.61 -11.08 -36.25
C LYS B 392 11.16 -12.07 -35.17
N GLU B 393 9.84 -12.15 -34.96
CA GLU B 393 9.27 -12.89 -33.81
C GLU B 393 9.30 -14.39 -33.97
N GLY B 394 9.06 -14.85 -35.20
CA GLY B 394 9.13 -16.26 -35.56
C GLY B 394 10.54 -16.77 -35.47
N PHE B 395 11.45 -16.14 -36.20
CA PHE B 395 12.88 -16.49 -36.14
C PHE B 395 13.47 -16.45 -34.74
N ALA B 396 13.13 -15.44 -33.96
CA ALA B 396 13.57 -15.39 -32.57
C ALA B 396 13.08 -16.63 -31.79
N LYS B 397 11.81 -17.01 -31.97
CA LYS B 397 11.26 -18.20 -31.31
C LYS B 397 11.92 -19.51 -31.77
N TYR B 398 12.14 -19.63 -33.08
CA TYR B 398 12.89 -20.74 -33.67
C TYR B 398 14.30 -20.82 -33.07
N MET B 399 15.00 -19.70 -33.00
CA MET B 399 16.38 -19.71 -32.50
C MET B 399 16.51 -20.08 -31.01
N GLU B 400 15.43 -19.98 -30.23
CA GLU B 400 15.41 -20.54 -28.87
C GLU B 400 15.80 -22.02 -28.94
N LEU B 401 15.18 -22.74 -29.87
CA LEU B 401 15.43 -24.16 -30.08
C LEU B 401 16.90 -24.44 -30.36
N ILE B 402 17.40 -23.84 -31.43
CA ILE B 402 18.76 -24.06 -31.91
C ILE B 402 19.74 -23.73 -30.79
N ALA B 403 19.56 -22.57 -30.16
CA ALA B 403 20.50 -22.04 -29.17
C ALA B 403 20.46 -22.80 -27.84
N VAL B 404 19.26 -23.15 -27.37
CA VAL B 404 19.12 -23.83 -26.07
C VAL B 404 19.52 -25.29 -26.21
N ASN B 405 19.21 -25.90 -27.36
CA ASN B 405 19.68 -27.25 -27.65
C ASN B 405 21.20 -27.31 -27.59
N ALA B 406 21.86 -26.29 -28.14
CA ALA B 406 23.33 -26.20 -28.15
C ALA B 406 23.94 -25.92 -26.77
N THR B 407 23.48 -24.87 -26.11
CA THR B 407 24.07 -24.42 -24.83
C THR B 407 23.64 -25.26 -23.61
N TYR B 408 22.36 -25.67 -23.59
CA TYR B 408 21.75 -26.35 -22.44
C TYR B 408 20.99 -27.63 -22.88
N PRO B 409 21.71 -28.61 -23.46
CA PRO B 409 21.06 -29.84 -23.97
C PRO B 409 20.38 -30.70 -22.88
N GLU B 410 20.89 -30.62 -21.65
CA GLU B 410 20.24 -31.22 -20.47
C GLU B 410 18.78 -30.79 -20.25
N LEU B 411 18.44 -29.56 -20.67
CA LEU B 411 17.05 -29.06 -20.57
C LEU B 411 16.04 -29.76 -21.50
N GLN B 412 16.51 -30.48 -22.52
CA GLN B 412 15.65 -31.25 -23.44
C GLN B 412 14.56 -30.37 -24.02
N PHE B 413 14.96 -29.20 -24.47
CA PHE B 413 14.01 -28.19 -24.89
C PHE B 413 13.29 -28.55 -26.21
N ASP B 414 13.86 -29.44 -27.01
CA ASP B 414 13.27 -29.78 -28.32
C ASP B 414 12.00 -30.66 -28.25
N ASP B 415 11.86 -31.40 -27.15
CA ASP B 415 10.63 -32.14 -26.86
C ASP B 415 9.52 -31.14 -26.49
N TYR B 416 9.90 -30.08 -25.78
CA TYR B 416 8.99 -28.99 -25.42
C TYR B 416 8.58 -28.11 -26.60
N PHE B 417 9.43 -28.01 -27.62
CA PHE B 417 9.12 -27.24 -28.82
C PHE B 417 7.94 -27.82 -29.61
N LEU B 418 7.79 -29.16 -29.61
CA LEU B 418 6.62 -29.81 -30.20
C LEU B 418 5.34 -29.31 -29.56
N ASN B 419 5.34 -29.33 -28.23
CA ASN B 419 4.23 -28.80 -27.43
C ASN B 419 3.74 -27.44 -27.95
N VAL B 420 4.67 -26.52 -28.17
CA VAL B 420 4.32 -25.16 -28.58
C VAL B 420 3.72 -25.19 -29.99
N CYS B 421 4.23 -26.06 -30.87
CA CYS B 421 3.68 -26.21 -32.23
C CYS B 421 2.28 -26.81 -32.24
N PHE B 422 2.05 -27.83 -31.42
CA PHE B 422 0.72 -28.43 -31.31
C PHE B 422 -0.27 -27.39 -30.82
N GLU B 423 0.03 -26.72 -29.72
CA GLU B 423 -0.87 -25.69 -29.17
C GLU B 423 -1.23 -24.58 -30.18
N VAL B 424 -0.36 -24.34 -31.15
CA VAL B 424 -0.72 -23.49 -32.31
C VAL B 424 -1.80 -24.17 -33.15
N ILE B 425 -1.56 -25.40 -33.60
CA ILE B 425 -2.54 -26.15 -34.45
C ILE B 425 -3.97 -26.05 -33.92
N THR B 426 -4.13 -26.17 -32.60
CA THR B 426 -5.43 -26.04 -31.92
C THR B 426 -6.17 -24.73 -32.28
N LYS B 427 -5.45 -23.60 -32.25
CA LYS B 427 -6.06 -22.29 -32.59
C LYS B 427 -6.07 -22.05 -34.11
N ASP B 428 -5.08 -22.59 -34.82
CA ASP B 428 -4.95 -22.44 -36.28
C ASP B 428 -5.94 -23.30 -37.10
N SER B 429 -6.66 -24.21 -36.42
CA SER B 429 -7.64 -25.08 -37.07
C SER B 429 -9.04 -24.48 -37.18
N LEU B 430 -9.22 -23.20 -36.85
CA LEU B 430 -10.54 -22.55 -36.97
C LEU B 430 -10.62 -21.71 -38.24
N ASN B 431 -11.84 -21.32 -38.60
CA ASN B 431 -12.10 -20.43 -39.74
C ASN B 431 -11.50 -19.05 -39.49
N SER B 432 -11.65 -18.56 -38.26
CA SER B 432 -11.23 -17.21 -37.88
C SER B 432 -9.75 -17.11 -37.48
N SER B 433 -8.91 -18.06 -37.91
CA SER B 433 -7.47 -17.87 -37.83
C SER B 433 -7.06 -16.91 -38.95
N ARG B 434 -5.80 -16.47 -38.91
CA ARG B 434 -5.27 -15.50 -39.88
C ARG B 434 -3.87 -15.93 -40.34
N PRO B 435 -3.40 -15.40 -41.48
CA PRO B 435 -2.03 -15.72 -41.90
C PRO B 435 -0.96 -15.12 -40.98
N ILE B 436 0.23 -15.71 -40.99
CA ILE B 436 1.40 -15.18 -40.28
C ILE B 436 1.81 -13.78 -40.77
N SER B 437 1.56 -13.51 -42.05
CA SER B 437 1.91 -12.24 -42.66
C SER B 437 0.71 -11.75 -43.49
N LYS B 438 -0.02 -10.80 -42.91
CA LYS B 438 -1.14 -10.12 -43.57
C LYS B 438 -0.90 -8.62 -43.45
N PRO B 439 -1.52 -7.80 -44.32
CA PRO B 439 -1.31 -6.35 -44.21
C PRO B 439 -1.82 -5.75 -42.87
N ALA B 440 -1.24 -4.62 -42.48
CA ALA B 440 -1.59 -3.96 -41.21
C ALA B 440 -1.48 -2.43 -41.32
N GLU B 441 -2.33 -1.74 -40.56
CA GLU B 441 -2.65 -0.32 -40.77
C GLU B 441 -2.88 0.48 -39.46
N THR B 442 -4.09 0.41 -38.87
CA THR B 442 -4.46 1.28 -37.72
C THR B 442 -3.66 0.92 -36.46
N PRO B 443 -3.42 1.89 -35.55
CA PRO B 443 -2.80 1.64 -34.24
C PRO B 443 -3.23 0.36 -33.50
N THR B 444 -4.49 -0.07 -33.67
CA THR B 444 -4.97 -1.35 -33.11
C THR B 444 -4.52 -2.58 -33.92
N GLN B 445 -4.77 -2.56 -35.24
CA GLN B 445 -4.41 -3.67 -36.16
C GLN B 445 -2.97 -4.08 -36.07
N ILE B 446 -2.09 -3.13 -35.78
CA ILE B 446 -0.71 -3.43 -35.56
C ILE B 446 -0.59 -4.20 -34.24
N GLN B 447 -1.25 -3.72 -33.18
CA GLN B 447 -1.29 -4.43 -31.89
C GLN B 447 -1.87 -5.84 -32.03
N GLU B 448 -2.82 -6.00 -32.95
CA GLU B 448 -3.37 -7.32 -33.28
C GLU B 448 -2.37 -8.33 -33.82
N MET B 449 -1.27 -7.85 -34.41
CA MET B 449 -0.25 -8.74 -34.95
C MET B 449 0.56 -9.48 -33.88
N PHE B 450 0.38 -9.12 -32.60
CA PHE B 450 1.16 -9.67 -31.49
C PHE B 450 0.38 -10.75 -30.76
N ASP B 451 0.75 -12.02 -30.97
CA ASP B 451 0.03 -13.15 -30.37
C ASP B 451 0.87 -14.46 -30.34
N GLU B 452 0.39 -15.52 -30.99
CA GLU B 452 1.09 -16.79 -31.13
C GLU B 452 1.16 -17.30 -32.59
N VAL B 453 0.25 -16.85 -33.47
CA VAL B 453 0.29 -17.20 -34.89
C VAL B 453 1.58 -16.64 -35.49
N SER B 454 1.76 -15.31 -35.45
CA SER B 454 2.94 -14.67 -36.05
C SER B 454 4.27 -15.09 -35.39
N TYR B 455 4.18 -15.99 -34.42
CA TYR B 455 5.22 -16.20 -33.45
C TYR B 455 5.54 -17.68 -33.49
N ASN B 456 4.70 -18.51 -32.87
CA ASN B 456 4.98 -19.92 -32.78
C ASN B 456 4.78 -20.59 -34.13
N LYS B 457 3.63 -20.36 -34.78
CA LYS B 457 3.42 -20.88 -36.14
C LYS B 457 4.63 -20.51 -36.99
N GLY B 458 5.06 -19.25 -36.91
CA GLY B 458 6.32 -18.81 -37.49
C GLY B 458 7.47 -19.76 -37.24
N ALA B 459 7.78 -19.98 -35.95
CA ALA B 459 8.90 -20.84 -35.54
C ALA B 459 8.80 -22.30 -36.02
N CYS B 460 7.58 -22.86 -36.01
CA CYS B 460 7.35 -24.23 -36.48
C CYS B 460 7.59 -24.33 -37.98
N ILE B 461 7.01 -23.41 -38.74
CA ILE B 461 7.18 -23.42 -40.21
C ILE B 461 8.63 -23.16 -40.61
N LEU B 462 9.39 -22.44 -39.80
CA LEU B 462 10.86 -22.37 -39.97
C LEU B 462 11.54 -23.69 -39.61
N ASN B 463 11.14 -24.30 -38.50
CA ASN B 463 11.65 -25.61 -38.09
C ASN B 463 11.41 -26.71 -39.12
N MET B 464 10.27 -26.63 -39.80
CA MET B 464 10.01 -27.47 -40.97
C MET B 464 11.10 -27.26 -42.01
N LEU B 465 11.44 -26.00 -42.31
CA LEU B 465 12.40 -25.72 -43.37
C LEU B 465 13.81 -26.13 -43.06
N LYS B 466 14.21 -26.02 -41.80
CA LYS B 466 15.49 -26.57 -41.37
C LYS B 466 15.55 -28.03 -41.78
N ASP B 467 14.49 -28.78 -41.45
CA ASP B 467 14.42 -30.20 -41.81
C ASP B 467 14.50 -30.45 -43.33
N PHE B 468 13.82 -29.61 -44.12
CA PHE B 468 13.81 -29.76 -45.60
C PHE B 468 15.11 -29.28 -46.28
N LEU B 469 15.85 -28.35 -45.68
CA LEU B 469 17.13 -27.87 -46.23
C LEU B 469 18.37 -28.35 -45.46
N GLY B 470 18.18 -28.92 -44.27
CA GLY B 470 19.29 -29.38 -43.43
C GLY B 470 19.89 -28.23 -42.65
N GLU B 471 20.38 -28.51 -41.45
CA GLU B 471 20.97 -27.50 -40.54
C GLU B 471 22.06 -26.65 -41.21
N GLU B 472 22.90 -27.27 -42.03
CA GLU B 472 24.09 -26.63 -42.59
C GLU B 472 23.75 -25.61 -43.70
N LYS B 473 22.86 -25.99 -44.64
CA LYS B 473 22.39 -25.06 -45.69
C LYS B 473 21.49 -23.98 -45.15
N PHE B 474 20.67 -24.33 -44.15
CA PHE B 474 19.79 -23.37 -43.49
C PHE B 474 20.63 -22.30 -42.81
N GLN B 475 21.60 -22.73 -42.01
CA GLN B 475 22.53 -21.82 -41.30
C GLN B 475 23.18 -20.83 -42.26
N LYS B 476 23.87 -21.35 -43.27
CA LYS B 476 24.56 -20.52 -44.28
C LYS B 476 23.66 -19.47 -44.94
N GLY B 477 22.40 -19.84 -45.19
CA GLY B 477 21.39 -18.93 -45.73
C GLY B 477 21.00 -17.75 -44.85
N ILE B 478 20.91 -17.98 -43.53
CA ILE B 478 20.62 -16.89 -42.60
C ILE B 478 21.87 -16.10 -42.21
N ILE B 479 23.06 -16.68 -42.37
CA ILE B 479 24.29 -15.93 -42.17
C ILE B 479 24.36 -14.84 -43.25
N GLN B 480 24.09 -15.22 -44.50
CA GLN B 480 24.08 -14.24 -45.60
C GLN B 480 22.89 -13.26 -45.50
N TYR B 481 21.72 -13.71 -45.05
CA TYR B 481 20.58 -12.81 -44.78
C TYR B 481 20.96 -11.71 -43.79
N LEU B 482 21.55 -12.11 -42.66
CA LEU B 482 21.92 -11.16 -41.60
C LEU B 482 22.98 -10.15 -42.07
N LYS B 483 24.01 -10.65 -42.75
CA LYS B 483 25.08 -9.79 -43.27
C LYS B 483 24.63 -8.86 -44.40
N LYS B 484 23.81 -9.38 -45.31
CA LYS B 484 23.33 -8.59 -46.46
C LYS B 484 22.44 -7.42 -46.05
N PHE B 485 21.68 -7.58 -44.96
CA PHE B 485 20.78 -6.52 -44.50
C PHE B 485 21.13 -5.99 -43.11
N SER B 486 22.41 -6.05 -42.75
CA SER B 486 22.87 -5.51 -41.47
C SER B 486 22.66 -4.00 -41.44
N TYR B 487 22.16 -3.50 -40.32
CA TYR B 487 21.88 -2.07 -40.10
C TYR B 487 20.87 -1.49 -41.13
N ARG B 488 20.07 -2.38 -41.72
CA ARG B 488 19.18 -2.10 -42.85
C ARG B 488 17.86 -2.84 -42.61
N ASN B 489 16.89 -2.68 -43.53
CA ASN B 489 15.64 -3.44 -43.48
C ASN B 489 15.37 -4.42 -44.63
N ALA B 490 14.46 -5.36 -44.40
CA ALA B 490 14.21 -6.50 -45.29
C ALA B 490 12.76 -7.00 -45.27
N LYS B 491 12.25 -7.40 -46.46
CA LYS B 491 10.90 -7.95 -46.63
C LYS B 491 10.91 -9.47 -46.43
N ASN B 492 9.72 -10.07 -46.55
CA ASN B 492 9.57 -11.53 -46.67
C ASN B 492 10.47 -12.14 -47.74
N ASP B 493 10.37 -11.61 -48.96
CA ASP B 493 11.07 -12.17 -50.10
C ASP B 493 12.58 -12.17 -49.95
N ASP B 494 13.11 -11.09 -49.37
CA ASP B 494 14.54 -10.96 -49.09
C ASP B 494 15.12 -12.13 -48.27
N LEU B 495 14.32 -12.64 -47.33
CA LEU B 495 14.67 -13.86 -46.58
C LEU B 495 14.72 -15.10 -47.47
N TRP B 496 13.74 -15.26 -48.36
CA TRP B 496 13.64 -16.49 -49.15
C TRP B 496 14.70 -16.60 -50.22
N SER B 497 14.98 -15.49 -50.89
CA SER B 497 16.09 -15.43 -51.84
C SER B 497 17.45 -15.74 -51.17
N SER B 498 17.58 -15.35 -49.90
CA SER B 498 18.79 -15.65 -49.12
C SER B 498 18.91 -17.13 -48.76
N LEU B 499 17.79 -17.78 -48.43
CA LEU B 499 17.76 -19.20 -48.09
C LEU B 499 17.87 -20.11 -49.33
N SER B 500 17.34 -19.68 -50.48
CA SER B 500 17.55 -20.39 -51.76
C SER B 500 18.98 -20.32 -52.28
N ASN B 501 19.45 -19.09 -52.47
CA ASN B 501 20.68 -18.83 -53.22
C ASN B 501 21.92 -18.75 -52.33
N SER B 502 22.71 -19.83 -52.28
CA SER B 502 23.93 -19.87 -51.46
C SER B 502 24.84 -21.05 -51.82
N ALA B 532 16.58 -24.16 -58.65
CA ALA B 532 15.74 -24.59 -57.54
C ALA B 532 15.38 -23.39 -56.63
N GLU B 533 14.08 -23.19 -56.41
CA GLU B 533 13.58 -22.10 -55.54
C GLU B 533 12.81 -22.61 -54.29
N VAL B 534 12.45 -21.67 -53.41
CA VAL B 534 11.72 -21.88 -52.11
C VAL B 534 10.58 -20.89 -51.85
N LYS B 535 10.74 -19.66 -52.34
CA LYS B 535 9.70 -18.62 -52.40
C LYS B 535 8.29 -19.22 -52.61
N GLU B 536 8.15 -20.02 -53.66
CA GLU B 536 6.86 -20.65 -54.02
C GLU B 536 6.34 -21.55 -52.87
N MET B 537 7.25 -22.29 -52.23
CA MET B 537 6.88 -23.16 -51.09
C MET B 537 6.36 -22.34 -49.90
N MET B 538 6.99 -21.19 -49.64
CA MET B 538 6.67 -20.38 -48.46
C MET B 538 5.55 -19.37 -48.68
N THR B 539 5.34 -18.91 -49.92
CA THR B 539 4.13 -18.15 -50.28
C THR B 539 2.90 -18.78 -49.64
N THR B 540 2.87 -20.11 -49.67
CA THR B 540 1.76 -20.91 -49.19
C THR B 540 1.66 -21.06 -47.68
N TRP B 541 2.81 -21.17 -47.02
CA TRP B 541 2.84 -21.29 -45.56
C TRP B 541 2.68 -19.95 -44.85
N THR B 542 3.06 -18.85 -45.51
CA THR B 542 3.09 -17.53 -44.86
C THR B 542 1.85 -16.70 -45.15
N LEU B 543 1.57 -16.48 -46.43
CA LEU B 543 0.54 -15.53 -46.83
C LEU B 543 -0.85 -16.21 -47.01
N GLN B 544 -0.96 -17.48 -46.61
CA GLN B 544 -2.23 -18.22 -46.65
C GLN B 544 -2.61 -18.72 -45.24
N LYS B 545 -3.92 -18.77 -45.00
CA LYS B 545 -4.48 -19.05 -43.67
C LYS B 545 -4.37 -20.54 -43.30
N GLY B 546 -4.56 -20.88 -42.03
CA GLY B 546 -4.89 -22.25 -41.62
C GLY B 546 -3.79 -23.29 -41.70
N ILE B 547 -4.20 -24.57 -41.84
CA ILE B 547 -3.29 -25.73 -41.81
C ILE B 547 -3.81 -26.87 -42.71
N PRO B 548 -2.90 -27.55 -43.45
CA PRO B 548 -3.33 -28.74 -44.22
C PRO B 548 -3.60 -29.99 -43.40
N LEU B 549 -4.62 -30.76 -43.83
CA LEU B 549 -4.82 -32.15 -43.41
C LEU B 549 -4.34 -33.03 -44.56
N LEU B 550 -3.51 -34.03 -44.25
CA LEU B 550 -3.10 -35.04 -45.21
C LEU B 550 -3.88 -36.32 -44.96
N VAL B 551 -4.75 -36.69 -45.91
CA VAL B 551 -5.42 -38.00 -45.87
C VAL B 551 -4.63 -39.02 -46.71
N VAL B 552 -4.43 -40.22 -46.16
CA VAL B 552 -3.71 -41.28 -46.86
C VAL B 552 -4.56 -42.57 -46.87
N LYS B 553 -4.70 -43.16 -48.04
CA LYS B 553 -5.31 -44.48 -48.18
C LYS B 553 -4.20 -45.41 -48.63
N GLN B 554 -4.19 -46.63 -48.11
CA GLN B 554 -3.20 -47.63 -48.49
C GLN B 554 -3.92 -48.89 -48.95
N ASP B 555 -4.20 -48.95 -50.26
CA ASP B 555 -4.75 -50.14 -50.91
C ASP B 555 -3.61 -51.05 -51.41
N GLY B 556 -3.15 -51.95 -50.54
CA GLY B 556 -2.09 -52.89 -50.87
C GLY B 556 -0.70 -52.25 -50.90
N CYS B 557 -0.25 -51.84 -52.08
CA CYS B 557 1.09 -51.28 -52.30
C CYS B 557 1.14 -49.84 -52.85
N SER B 558 -0.01 -49.21 -53.09
CA SER B 558 -0.09 -47.84 -53.63
C SER B 558 -0.79 -46.92 -52.64
N LEU B 559 -0.27 -45.69 -52.50
CA LEU B 559 -0.80 -44.70 -51.56
C LEU B 559 -1.53 -43.55 -52.28
N ARG B 560 -2.76 -43.28 -51.83
CA ARG B 560 -3.54 -42.12 -52.27
C ARG B 560 -3.20 -40.98 -51.31
N LEU B 561 -2.89 -39.81 -51.85
CA LEU B 561 -2.66 -38.61 -51.03
C LEU B 561 -3.45 -37.42 -51.56
N GLN B 562 -4.44 -37.01 -50.76
CA GLN B 562 -5.17 -35.77 -50.95
C GLN B 562 -4.77 -34.84 -49.79
N GLN B 563 -4.88 -33.54 -50.03
CA GLN B 563 -4.75 -32.53 -48.99
C GLN B 563 -6.01 -31.68 -48.97
N GLU B 564 -6.33 -31.16 -47.80
CA GLU B 564 -7.38 -30.15 -47.70
C GLU B 564 -7.08 -29.29 -46.49
N ARG B 565 -7.85 -28.24 -46.33
CA ARG B 565 -7.76 -27.41 -45.15
C ARG B 565 -8.40 -28.18 -44.00
N PHE B 566 -7.69 -28.22 -42.87
CA PHE B 566 -8.19 -28.83 -41.64
C PHE B 566 -9.03 -27.79 -40.89
N LEU B 567 -10.30 -28.14 -40.63
CA LEU B 567 -11.19 -27.34 -39.81
C LEU B 567 -11.78 -28.18 -38.67
N GLN B 568 -12.39 -27.51 -37.70
CA GLN B 568 -12.97 -28.18 -36.54
C GLN B 568 -14.51 -28.09 -36.55
N GLY B 569 -15.08 -28.47 -37.69
CA GLY B 569 -16.52 -28.33 -37.97
C GLY B 569 -16.84 -27.95 -39.41
N VAL B 570 -17.34 -28.86 -40.26
CA VAL B 570 -17.76 -30.25 -39.90
C VAL B 570 -16.50 -31.11 -39.69
N ARG B 583 -10.82 -23.57 -51.89
CA ARG B 583 -9.96 -22.40 -52.11
C ARG B 583 -8.46 -22.69 -51.99
N TYR B 584 -8.06 -23.34 -50.89
CA TYR B 584 -6.66 -23.39 -50.45
C TYR B 584 -5.84 -24.52 -51.10
N LEU B 585 -4.52 -24.41 -50.99
CA LEU B 585 -3.58 -25.45 -51.47
C LEU B 585 -2.16 -25.12 -51.03
N TRP B 586 -1.49 -26.09 -50.39
CA TRP B 586 -0.11 -25.95 -49.91
C TRP B 586 0.96 -26.73 -50.69
N HIS B 587 2.19 -26.28 -50.52
CA HIS B 587 3.41 -26.89 -51.06
C HIS B 587 4.08 -27.52 -49.87
N ILE B 588 3.67 -28.74 -49.56
CA ILE B 588 3.86 -29.32 -48.23
C ILE B 588 4.89 -30.44 -48.39
N PRO B 589 6.09 -30.30 -47.78
CA PRO B 589 7.08 -31.37 -47.84
C PRO B 589 6.67 -32.49 -46.88
N LEU B 590 6.90 -33.73 -47.29
CA LEU B 590 6.44 -34.89 -46.51
C LEU B 590 7.54 -35.87 -46.21
N THR B 591 7.36 -36.60 -45.11
CA THR B 591 8.39 -37.49 -44.56
C THR B 591 7.70 -38.72 -43.98
N TYR B 592 7.90 -39.85 -44.64
CA TYR B 592 7.28 -41.10 -44.22
C TYR B 592 8.32 -42.13 -43.80
N SER B 593 7.91 -42.98 -42.87
CA SER B 593 8.68 -44.17 -42.45
C SER B 593 7.66 -45.31 -42.45
N THR B 594 8.16 -46.54 -42.33
CA THR B 594 7.32 -47.72 -42.46
C THR B 594 7.75 -48.79 -41.44
N SER B 595 6.93 -49.83 -41.28
CA SER B 595 7.31 -50.99 -40.45
C SER B 595 8.54 -51.74 -41.00
N SER B 596 8.57 -51.96 -42.32
CA SER B 596 9.67 -52.66 -43.02
C SER B 596 11.09 -52.17 -42.66
N SER B 597 11.36 -50.89 -42.91
CA SER B 597 12.62 -50.27 -42.53
C SER B 597 12.33 -48.93 -41.87
N ASN B 598 13.25 -48.48 -41.02
CA ASN B 598 13.13 -47.17 -40.36
C ASN B 598 13.80 -46.02 -41.13
N VAL B 599 14.07 -46.21 -42.42
CA VAL B 599 14.72 -45.18 -43.25
C VAL B 599 13.69 -44.10 -43.59
N ILE B 600 14.12 -42.85 -43.57
CA ILE B 600 13.25 -41.72 -43.92
C ILE B 600 13.31 -41.48 -45.43
N HIS B 601 12.16 -41.61 -46.10
CA HIS B 601 12.05 -41.18 -47.50
C HIS B 601 11.13 -39.98 -47.60
N ARG B 602 11.46 -39.11 -48.56
CA ARG B 602 10.92 -37.77 -48.65
C ARG B 602 10.27 -37.55 -50.00
N HIS B 603 9.06 -36.99 -49.97
CA HIS B 603 8.34 -36.59 -51.16
C HIS B 603 7.81 -35.20 -50.87
N ILE B 604 7.79 -34.33 -51.87
CA ILE B 604 7.25 -32.98 -51.71
C ILE B 604 5.79 -33.09 -52.18
N LEU B 605 5.34 -32.28 -53.14
CA LEU B 605 3.92 -32.14 -53.52
C LEU B 605 3.60 -30.65 -53.71
N LYS B 606 2.79 -30.35 -54.74
CA LYS B 606 2.27 -29.00 -55.01
C LYS B 606 0.93 -29.11 -55.75
N SER B 607 -0.01 -29.84 -55.15
CA SER B 607 -1.30 -30.15 -55.78
C SER B 607 -2.36 -30.68 -54.79
N LYS B 608 -3.63 -30.53 -55.18
CA LYS B 608 -4.78 -31.13 -54.48
C LYS B 608 -4.69 -32.65 -54.27
N THR B 609 -4.06 -33.35 -55.21
CA THR B 609 -3.84 -34.79 -55.09
C THR B 609 -2.46 -35.27 -55.63
N ASP B 610 -2.08 -36.50 -55.29
CA ASP B 610 -0.81 -37.08 -55.76
C ASP B 610 -0.42 -38.39 -55.06
N THR B 611 0.69 -38.99 -55.49
CA THR B 611 1.22 -40.22 -54.87
C THR B 611 0.50 -41.47 -55.39
N LEU B 612 1.14 -42.66 -55.44
CA LEU B 612 2.53 -42.98 -55.08
C LEU B 612 2.56 -44.47 -54.73
N ASP B 613 3.70 -45.16 -54.87
CA ASP B 613 3.73 -46.57 -54.49
C ASP B 613 5.01 -46.86 -53.71
N LEU B 614 4.89 -47.67 -52.65
CA LEU B 614 6.02 -47.98 -51.78
C LEU B 614 6.74 -49.25 -52.29
N PRO B 615 8.05 -49.42 -52.00
CA PRO B 615 8.76 -50.62 -52.50
C PRO B 615 8.67 -51.88 -51.60
N GLU B 616 7.47 -52.21 -51.12
CA GLU B 616 7.23 -53.34 -50.19
C GLU B 616 5.76 -53.46 -49.79
N LYS B 617 5.33 -54.67 -49.39
CA LYS B 617 4.07 -54.80 -48.64
C LYS B 617 4.43 -54.77 -47.15
N THR B 618 3.66 -54.03 -46.36
CA THR B 618 4.05 -53.70 -44.97
C THR B 618 2.83 -53.37 -44.11
N SER B 619 2.99 -53.47 -42.79
CA SER B 619 1.86 -53.32 -41.85
C SER B 619 1.30 -51.90 -41.83
N TRP B 620 2.17 -50.92 -41.58
CA TRP B 620 1.78 -49.50 -41.53
C TRP B 620 2.81 -48.55 -42.15
N VAL B 621 2.31 -47.38 -42.52
CA VAL B 621 3.15 -46.21 -42.86
C VAL B 621 2.94 -45.18 -41.75
N LYS B 622 3.98 -44.39 -41.47
CA LYS B 622 3.87 -43.26 -40.56
C LYS B 622 4.47 -42.01 -41.22
N PHE B 623 3.59 -41.17 -41.75
CA PHE B 623 3.97 -39.87 -42.31
C PHE B 623 4.24 -38.84 -41.22
N ASN B 624 5.09 -37.86 -41.55
CA ASN B 624 5.55 -36.82 -40.65
C ASN B 624 6.45 -37.35 -39.51
N VAL B 625 7.71 -37.64 -39.84
CA VAL B 625 8.65 -38.28 -38.92
C VAL B 625 9.00 -37.31 -37.79
N ASP B 626 9.00 -37.79 -36.55
CA ASP B 626 9.21 -36.97 -35.35
C ASP B 626 8.26 -35.75 -35.21
N SER B 627 7.23 -35.66 -36.04
CA SER B 627 6.38 -34.47 -36.18
C SER B 627 7.16 -33.15 -36.42
N ASN B 628 8.16 -33.19 -37.28
CA ASN B 628 8.90 -31.99 -37.72
C ASN B 628 8.24 -31.23 -38.86
N GLY B 629 7.12 -31.73 -39.35
CA GLY B 629 6.25 -30.99 -40.27
C GLY B 629 5.08 -30.42 -39.50
N TYR B 630 4.35 -29.55 -40.18
CA TYR B 630 3.33 -28.69 -39.59
C TYR B 630 2.10 -29.00 -40.45
N TYR B 631 1.62 -30.21 -40.23
CA TYR B 631 0.40 -30.69 -40.84
C TYR B 631 -0.06 -31.86 -40.00
N ILE B 632 -1.26 -32.34 -40.29
CA ILE B 632 -1.91 -33.39 -39.52
C ILE B 632 -2.23 -34.54 -40.48
N VAL B 633 -2.05 -35.78 -40.01
CA VAL B 633 -2.26 -36.99 -40.83
C VAL B 633 -3.53 -37.73 -40.42
N HIS B 634 -4.33 -38.11 -41.42
CA HIS B 634 -5.49 -38.97 -41.23
C HIS B 634 -5.28 -40.23 -42.08
N TYR B 635 -5.25 -41.38 -41.41
CA TYR B 635 -5.15 -42.69 -42.06
C TYR B 635 -6.54 -43.32 -42.28
N GLU B 636 -7.16 -43.00 -43.42
CA GLU B 636 -8.42 -43.63 -43.82
C GLU B 636 -8.18 -45.08 -44.28
N GLY B 637 -9.25 -45.88 -44.25
CA GLY B 637 -9.12 -47.33 -44.35
C GLY B 637 -8.63 -47.87 -43.01
N HIS B 638 -7.94 -49.01 -43.04
CA HIS B 638 -7.43 -49.63 -41.80
C HIS B 638 -6.16 -48.99 -41.22
N GLY B 639 -5.57 -48.02 -41.93
CA GLY B 639 -4.31 -47.38 -41.54
C GLY B 639 -4.16 -46.95 -40.10
N TRP B 640 -5.20 -46.34 -39.52
CA TRP B 640 -5.17 -45.95 -38.09
C TRP B 640 -5.12 -47.17 -37.19
N ASP B 641 -6.01 -48.13 -37.43
CA ASP B 641 -6.12 -49.35 -36.61
C ASP B 641 -4.81 -50.15 -36.50
N GLN B 642 -4.01 -50.21 -37.57
CA GLN B 642 -2.66 -50.85 -37.46
C GLN B 642 -1.74 -50.10 -36.49
N LEU B 643 -1.73 -48.77 -36.60
CA LEU B 643 -0.87 -47.94 -35.74
C LEU B 643 -1.24 -48.07 -34.26
N ILE B 644 -2.54 -48.18 -33.94
CA ILE B 644 -2.99 -48.40 -32.56
C ILE B 644 -2.66 -49.82 -32.07
N THR B 645 -2.87 -50.84 -32.91
CA THR B 645 -2.45 -52.21 -32.53
C THR B 645 -0.91 -52.31 -32.42
N GLN B 646 -0.18 -51.44 -33.13
CA GLN B 646 1.28 -51.34 -32.98
C GLN B 646 1.68 -50.75 -31.62
N LEU B 647 0.96 -49.72 -31.18
CA LEU B 647 1.19 -49.09 -29.88
C LEU B 647 0.95 -50.07 -28.71
N ASN B 648 -0.15 -50.82 -28.76
CA ASN B 648 -0.47 -51.81 -27.70
C ASN B 648 0.46 -53.04 -27.70
N GLN B 649 1.02 -53.39 -28.85
CA GLN B 649 1.95 -54.52 -28.94
C GLN B 649 3.36 -54.12 -28.53
N ASN B 650 4.07 -53.39 -29.39
CA ASN B 650 5.46 -53.01 -29.15
C ASN B 650 5.65 -51.55 -29.60
N HIS B 651 5.32 -50.61 -28.71
CA HIS B 651 5.30 -49.18 -29.03
C HIS B 651 6.64 -48.54 -29.41
N THR B 652 7.74 -49.17 -28.97
CA THR B 652 9.09 -48.67 -29.27
C THR B 652 9.52 -48.92 -30.72
N LEU B 653 8.67 -49.54 -31.54
CA LEU B 653 8.92 -49.63 -32.99
C LEU B 653 8.47 -48.33 -33.71
N LEU B 654 7.80 -47.42 -32.97
CA LEU B 654 7.57 -46.03 -33.41
C LEU B 654 8.48 -45.10 -32.62
N ARG B 655 8.90 -44.00 -33.24
CA ARG B 655 9.86 -43.09 -32.61
C ARG B 655 9.14 -42.32 -31.50
N PRO B 656 9.88 -41.90 -30.45
CA PRO B 656 9.20 -41.31 -29.28
C PRO B 656 8.53 -39.95 -29.57
N LYS B 657 8.98 -39.26 -30.62
CA LYS B 657 8.31 -38.08 -31.12
C LYS B 657 7.22 -38.45 -32.15
N ASP B 658 7.42 -39.54 -32.88
CA ASP B 658 6.36 -40.07 -33.75
C ASP B 658 5.10 -40.36 -32.94
N ARG B 659 5.28 -40.85 -31.71
CA ARG B 659 4.16 -41.21 -30.85
C ARG B 659 3.34 -40.00 -30.41
N VAL B 660 3.97 -39.04 -29.71
CA VAL B 660 3.29 -37.78 -29.35
C VAL B 660 2.48 -37.17 -30.50
N GLY B 661 3.02 -37.29 -31.72
CA GLY B 661 2.36 -36.85 -32.93
C GLY B 661 1.06 -37.59 -33.21
N LEU B 662 1.09 -38.91 -33.07
CA LEU B 662 -0.10 -39.73 -33.28
C LEU B 662 -1.18 -39.47 -32.24
N ILE B 663 -0.80 -39.47 -30.96
CA ILE B 663 -1.73 -39.12 -29.87
C ILE B 663 -2.43 -37.80 -30.19
N HIS B 664 -1.62 -36.78 -30.51
CA HIS B 664 -2.12 -35.46 -30.87
C HIS B 664 -3.13 -35.54 -32.01
N ASP B 665 -2.65 -36.05 -33.15
CA ASP B 665 -3.46 -36.13 -34.37
C ASP B 665 -4.79 -36.87 -34.17
N VAL B 666 -4.78 -37.97 -33.42
CA VAL B 666 -6.00 -38.76 -33.22
C VAL B 666 -7.11 -37.90 -32.60
N PHE B 667 -6.84 -37.37 -31.41
CA PHE B 667 -7.80 -36.53 -30.69
C PHE B 667 -8.28 -35.30 -31.46
N GLN B 668 -7.41 -34.74 -32.30
CA GLN B 668 -7.80 -33.62 -33.16
C GLN B 668 -8.77 -34.07 -34.26
N LEU B 669 -8.52 -35.24 -34.83
CA LEU B 669 -9.40 -35.83 -35.85
C LEU B 669 -10.77 -36.25 -35.31
N VAL B 670 -10.87 -36.42 -33.99
CA VAL B 670 -12.18 -36.61 -33.37
C VAL B 670 -12.98 -35.31 -33.46
N GLY B 671 -12.36 -34.20 -33.05
CA GLY B 671 -12.95 -32.86 -33.26
C GLY B 671 -13.31 -32.54 -34.72
N ALA B 672 -12.54 -33.07 -35.66
CA ALA B 672 -12.84 -32.95 -37.09
C ALA B 672 -14.02 -33.81 -37.56
N GLY B 673 -14.42 -34.81 -36.76
CA GLY B 673 -15.46 -35.77 -37.14
C GLY B 673 -15.00 -36.81 -38.16
N ARG B 674 -13.69 -37.01 -38.26
CA ARG B 674 -13.08 -38.00 -39.17
C ARG B 674 -12.85 -39.32 -38.45
N LEU B 675 -12.65 -39.24 -37.13
CA LEU B 675 -12.58 -40.41 -36.27
C LEU B 675 -13.57 -40.27 -35.14
N THR B 676 -13.82 -41.37 -34.45
CA THR B 676 -14.77 -41.41 -33.35
C THR B 676 -13.98 -41.51 -32.06
N LEU B 677 -14.54 -41.00 -30.98
CA LEU B 677 -13.80 -40.82 -29.73
C LEU B 677 -13.26 -42.12 -29.12
N ASP B 678 -13.99 -43.22 -29.29
CA ASP B 678 -13.55 -44.54 -28.80
C ASP B 678 -12.22 -45.03 -29.41
N LYS B 679 -11.95 -44.67 -30.66
CA LYS B 679 -10.65 -44.97 -31.30
C LYS B 679 -9.53 -44.28 -30.56
N ALA B 680 -9.76 -43.00 -30.26
CA ALA B 680 -8.82 -42.18 -29.51
C ALA B 680 -8.59 -42.70 -28.10
N LEU B 681 -9.67 -42.93 -27.37
CA LEU B 681 -9.59 -43.40 -25.99
C LEU B 681 -8.99 -44.80 -25.89
N ASP B 682 -9.26 -45.66 -26.88
CA ASP B 682 -8.60 -46.98 -26.95
C ASP B 682 -7.08 -46.87 -27.16
N MET B 683 -6.65 -45.89 -27.95
CA MET B 683 -5.23 -45.61 -28.09
C MET B 683 -4.54 -45.25 -26.76
N THR B 684 -5.27 -44.67 -25.81
CA THR B 684 -4.69 -44.31 -24.50
C THR B 684 -4.39 -45.49 -23.59
N TYR B 685 -4.76 -46.71 -24.01
CA TYR B 685 -4.48 -47.90 -23.21
C TYR B 685 -2.98 -48.17 -23.06
N TYR B 686 -2.22 -48.01 -24.14
CA TYR B 686 -0.77 -48.31 -24.08
C TYR B 686 0.01 -47.47 -23.04
N LEU B 687 -0.48 -46.28 -22.69
CA LEU B 687 0.23 -45.32 -21.82
C LEU B 687 0.64 -45.83 -20.41
N GLN B 688 0.00 -46.90 -19.94
CA GLN B 688 0.50 -47.62 -18.75
C GLN B 688 1.85 -48.32 -18.98
N HIS B 689 2.24 -48.48 -20.25
CA HIS B 689 3.57 -48.95 -20.64
C HIS B 689 4.50 -47.86 -21.18
N GLU B 690 3.96 -46.69 -21.51
CA GLU B 690 4.77 -45.54 -21.96
C GLU B 690 5.58 -44.95 -20.81
N THR B 691 6.88 -44.78 -21.07
CA THR B 691 7.78 -44.06 -20.17
C THR B 691 8.40 -42.78 -20.79
N SER B 692 8.26 -42.57 -22.09
CA SER B 692 8.59 -41.26 -22.71
C SER B 692 7.58 -40.23 -22.22
N SER B 693 7.98 -39.42 -21.24
CA SER B 693 7.10 -38.43 -20.65
C SER B 693 6.45 -37.45 -21.64
N PRO B 694 7.14 -37.12 -22.75
CA PRO B 694 6.43 -36.39 -23.81
C PRO B 694 5.08 -37.00 -24.20
N ALA B 695 5.07 -38.28 -24.57
CA ALA B 695 3.84 -38.97 -24.94
C ALA B 695 2.89 -39.11 -23.76
N LEU B 696 3.42 -39.56 -22.63
CA LEU B 696 2.61 -39.80 -21.43
C LEU B 696 1.87 -38.53 -20.98
N LEU B 697 2.59 -37.41 -20.90
CA LEU B 697 1.97 -36.12 -20.54
C LEU B 697 0.93 -35.65 -21.56
N GLU B 698 1.25 -35.79 -22.84
CA GLU B 698 0.31 -35.46 -23.92
C GLU B 698 -1.01 -36.20 -23.73
N GLY B 699 -0.93 -37.53 -23.64
CA GLY B 699 -2.10 -38.36 -23.50
C GLY B 699 -2.91 -37.99 -22.29
N LEU B 700 -2.26 -37.96 -21.13
CA LEU B 700 -2.91 -37.54 -19.88
C LEU B 700 -3.61 -36.18 -19.98
N SER B 701 -3.00 -35.24 -20.70
CA SER B 701 -3.56 -33.91 -20.86
C SER B 701 -4.97 -33.95 -21.46
N TYR B 702 -5.18 -34.81 -22.46
CA TYR B 702 -6.50 -35.01 -23.07
C TYR B 702 -7.51 -35.58 -22.09
N LEU B 703 -7.10 -36.56 -21.31
CA LEU B 703 -7.98 -37.19 -20.32
C LEU B 703 -8.28 -36.25 -19.16
N GLU B 704 -7.30 -35.41 -18.82
CA GLU B 704 -7.48 -34.38 -17.80
C GLU B 704 -8.35 -33.23 -18.32
N SER B 705 -8.12 -32.85 -19.58
CA SER B 705 -8.94 -31.89 -20.30
C SER B 705 -10.43 -32.27 -20.29
N PHE B 706 -10.71 -33.54 -20.55
CA PHE B 706 -12.09 -34.05 -20.53
C PHE B 706 -12.66 -33.99 -19.13
N TYR B 707 -11.92 -34.45 -18.13
CA TYR B 707 -12.37 -34.31 -16.74
C TYR B 707 -12.82 -32.88 -16.40
N HIS B 708 -12.02 -31.89 -16.81
CA HIS B 708 -12.32 -30.49 -16.51
C HIS B 708 -13.52 -29.95 -17.28
N MET B 709 -13.68 -30.35 -18.56
CA MET B 709 -14.92 -30.06 -19.28
C MET B 709 -16.14 -30.54 -18.52
N MET B 710 -16.08 -31.78 -18.05
CA MET B 710 -17.17 -32.40 -17.33
C MET B 710 -17.41 -31.74 -15.99
N ASP B 711 -16.35 -31.29 -15.31
CA ASP B 711 -16.48 -30.72 -13.98
C ASP B 711 -17.12 -29.32 -14.02
N ARG B 712 -16.78 -28.55 -15.05
CA ARG B 712 -17.27 -27.16 -15.24
C ARG B 712 -18.75 -27.14 -15.57
N ARG B 713 -19.15 -27.97 -16.54
CA ARG B 713 -20.57 -28.37 -16.65
C ARG B 713 -20.72 -29.27 -15.45
N ASN B 714 -21.91 -29.56 -14.95
CA ASN B 714 -21.97 -30.32 -13.70
C ASN B 714 -22.14 -31.83 -13.95
N ILE B 715 -21.43 -32.36 -14.94
CA ILE B 715 -21.70 -33.70 -15.47
C ILE B 715 -21.01 -34.73 -14.56
N SER B 716 -21.61 -34.95 -13.39
CA SER B 716 -21.01 -35.69 -12.28
C SER B 716 -20.68 -37.14 -12.59
N ASP B 717 -21.60 -37.82 -13.28
CA ASP B 717 -21.46 -39.25 -13.55
C ASP B 717 -20.23 -39.56 -14.40
N ILE B 718 -19.96 -38.72 -15.39
CA ILE B 718 -18.82 -38.91 -16.27
C ILE B 718 -17.52 -38.47 -15.57
N SER B 719 -17.56 -37.31 -14.90
CA SER B 719 -16.40 -36.80 -14.20
C SER B 719 -15.93 -37.80 -13.11
N GLU B 720 -16.87 -38.34 -12.33
CA GLU B 720 -16.53 -39.30 -11.27
C GLU B 720 -15.97 -40.60 -11.79
N ASN B 721 -16.47 -41.06 -12.93
CA ASN B 721 -15.88 -42.21 -13.64
C ASN B 721 -14.50 -41.91 -14.19
N LEU B 722 -14.34 -40.73 -14.76
CA LEU B 722 -13.08 -40.35 -15.38
C LEU B 722 -12.01 -40.10 -14.31
N LYS B 723 -12.41 -39.56 -13.17
CA LYS B 723 -11.57 -39.56 -11.96
C LYS B 723 -11.07 -40.98 -11.69
N ARG B 724 -11.99 -41.90 -11.44
CA ARG B 724 -11.64 -43.28 -11.07
C ARG B 724 -10.76 -44.01 -12.09
N TYR B 725 -11.01 -43.78 -13.39
CA TYR B 725 -10.20 -44.40 -14.45
C TYR B 725 -8.75 -43.91 -14.37
N LEU B 726 -8.59 -42.59 -14.26
CA LEU B 726 -7.27 -41.96 -14.17
C LEU B 726 -6.46 -42.35 -12.93
N LEU B 727 -7.13 -42.64 -11.82
CA LEU B 727 -6.44 -43.01 -10.58
C LEU B 727 -6.07 -44.49 -10.49
N GLN B 728 -6.89 -45.38 -11.09
CA GLN B 728 -6.62 -46.83 -11.06
C GLN B 728 -5.65 -47.19 -12.19
N TYR B 729 -6.07 -47.02 -13.45
CA TYR B 729 -5.12 -46.97 -14.57
C TYR B 729 -4.21 -45.81 -14.22
N PHE B 730 -2.90 -45.91 -14.43
CA PHE B 730 -1.92 -44.86 -13.98
C PHE B 730 -1.66 -44.78 -12.46
N LYS B 731 -2.18 -45.72 -11.67
CA LYS B 731 -1.74 -45.88 -10.28
C LYS B 731 -0.23 -46.15 -10.18
N PRO B 732 0.33 -47.10 -10.99
CA PRO B 732 1.77 -47.42 -10.84
C PRO B 732 2.68 -46.21 -10.97
N VAL B 733 2.49 -45.43 -12.03
CA VAL B 733 3.33 -44.24 -12.28
C VAL B 733 3.12 -43.13 -11.25
N ILE B 734 1.87 -42.91 -10.79
CA ILE B 734 1.58 -41.91 -9.74
C ILE B 734 2.27 -42.26 -8.41
N ASP B 735 2.16 -43.52 -7.99
CA ASP B 735 2.73 -43.98 -6.72
C ASP B 735 4.27 -43.99 -6.75
N ARG B 736 4.86 -44.03 -7.95
CA ARG B 736 6.32 -43.98 -8.12
C ARG B 736 6.94 -42.56 -8.09
N GLN B 737 6.27 -41.59 -7.47
CA GLN B 737 6.71 -40.19 -7.57
C GLN B 737 7.14 -39.64 -6.22
N SER B 738 8.37 -39.10 -6.16
CA SER B 738 8.93 -38.62 -4.91
C SER B 738 8.54 -37.17 -4.71
N TRP B 739 8.10 -36.79 -3.53
CA TRP B 739 7.86 -35.37 -3.21
C TRP B 739 9.22 -34.68 -3.00
N SER B 740 9.90 -34.45 -4.12
CA SER B 740 11.31 -34.08 -4.17
C SER B 740 11.59 -33.15 -5.37
N ASP B 741 12.85 -32.75 -5.51
CA ASP B 741 13.31 -32.03 -6.71
C ASP B 741 14.26 -32.89 -7.56
N LYS B 742 14.36 -34.18 -7.26
CA LYS B 742 15.33 -35.08 -7.90
C LYS B 742 15.11 -35.31 -9.41
N GLY B 743 16.09 -35.93 -10.06
CA GLY B 743 15.97 -36.36 -11.46
C GLY B 743 16.16 -35.29 -12.53
N SER B 744 15.98 -35.72 -13.77
CA SER B 744 16.13 -34.88 -14.99
C SER B 744 15.11 -33.72 -15.06
N VAL B 745 15.05 -33.00 -16.17
CA VAL B 745 14.05 -31.94 -16.33
C VAL B 745 12.66 -32.52 -16.62
N TRP B 746 12.56 -33.39 -17.65
CA TRP B 746 11.28 -34.09 -17.95
C TRP B 746 10.82 -34.99 -16.81
N ASP B 747 11.78 -35.54 -16.07
CA ASP B 747 11.47 -36.32 -14.86
C ASP B 747 10.75 -35.45 -13.83
N ARG B 748 11.27 -34.25 -13.62
CA ARG B 748 10.68 -33.29 -12.68
C ARG B 748 9.33 -32.74 -13.16
N MET B 749 9.19 -32.54 -14.47
CA MET B 749 7.93 -32.05 -15.03
C MET B 749 6.82 -33.11 -14.97
N LEU B 750 7.18 -34.36 -15.25
CA LEU B 750 6.26 -35.49 -15.06
C LEU B 750 5.81 -35.60 -13.61
N ARG B 751 6.73 -35.44 -12.66
CA ARG B 751 6.37 -35.47 -11.25
C ARG B 751 5.32 -34.44 -10.92
N SER B 752 5.61 -33.19 -11.29
CA SER B 752 4.72 -32.07 -11.02
C SER B 752 3.34 -32.28 -11.62
N ALA B 753 3.30 -32.80 -12.86
CA ALA B 753 2.05 -33.11 -13.55
C ALA B 753 1.23 -34.14 -12.79
N LEU B 754 1.81 -35.31 -12.56
CA LEU B 754 1.10 -36.43 -11.95
C LEU B 754 0.68 -36.19 -10.51
N LEU B 755 1.54 -35.54 -9.72
CA LEU B 755 1.15 -35.18 -8.35
C LEU B 755 0.06 -34.12 -8.30
N LYS B 756 0.06 -33.24 -9.29
CA LYS B 756 -1.02 -32.26 -9.46
C LYS B 756 -2.34 -32.97 -9.82
N LEU B 757 -2.29 -33.86 -10.81
CA LEU B 757 -3.46 -34.61 -11.24
C LEU B 757 -4.08 -35.40 -10.07
N ALA B 758 -3.26 -36.17 -9.38
CA ALA B 758 -3.68 -36.93 -8.18
C ALA B 758 -4.32 -36.05 -7.11
N CYS B 759 -3.73 -34.87 -6.89
CA CYS B 759 -4.25 -33.94 -5.90
C CYS B 759 -5.47 -33.16 -6.41
N ASP B 760 -5.54 -32.95 -7.73
CA ASP B 760 -6.72 -32.34 -8.35
C ASP B 760 -7.90 -33.31 -8.35
N LEU B 761 -7.62 -34.62 -8.40
CA LEU B 761 -8.66 -35.66 -8.30
C LEU B 761 -8.81 -36.25 -6.89
N ASN B 762 -8.39 -35.51 -5.86
CA ASN B 762 -8.66 -35.86 -4.46
C ASN B 762 -8.09 -37.17 -3.88
N HIS B 763 -7.09 -37.76 -4.55
CA HIS B 763 -6.43 -38.98 -4.05
C HIS B 763 -5.94 -38.72 -2.62
N ALA B 764 -6.65 -39.25 -1.63
CA ALA B 764 -6.35 -39.00 -0.20
C ALA B 764 -4.87 -39.06 0.24
N PRO B 765 -4.08 -40.04 -0.29
CA PRO B 765 -2.64 -40.00 0.02
C PRO B 765 -1.92 -38.71 -0.43
N CYS B 766 -2.15 -38.24 -1.66
CA CYS B 766 -1.53 -36.98 -2.15
C CYS B 766 -1.97 -35.78 -1.36
N ILE B 767 -3.27 -35.65 -1.11
CA ILE B 767 -3.83 -34.54 -0.34
C ILE B 767 -3.20 -34.50 1.05
N GLN B 768 -3.07 -35.65 1.69
CA GLN B 768 -2.55 -35.68 3.05
C GLN B 768 -1.07 -35.36 3.14
N LYS B 769 -0.27 -35.83 2.17
CA LYS B 769 1.16 -35.50 2.09
C LYS B 769 1.33 -34.00 1.89
N ALA B 770 0.67 -33.49 0.85
CA ALA B 770 0.64 -32.07 0.55
C ALA B 770 0.21 -31.24 1.77
N ALA B 771 -0.90 -31.63 2.38
CA ALA B 771 -1.42 -30.96 3.58
C ALA B 771 -0.44 -30.92 4.76
N GLU B 772 0.36 -31.97 4.90
CA GLU B 772 1.41 -32.03 5.93
C GLU B 772 2.52 -31.02 5.63
N LEU B 773 3.06 -31.07 4.40
CA LEU B 773 4.14 -30.17 3.97
C LEU B 773 3.78 -28.71 4.18
N PHE B 774 2.54 -28.35 3.83
CA PHE B 774 2.04 -27.00 4.06
C PHE B 774 1.92 -26.70 5.56
N SER B 775 1.31 -27.61 6.31
CA SER B 775 1.08 -27.42 7.74
C SER B 775 2.39 -27.24 8.54
N GLN B 776 3.41 -28.01 8.19
CA GLN B 776 4.74 -27.85 8.78
C GLN B 776 5.35 -26.49 8.43
N TRP B 777 5.16 -26.08 7.18
CA TRP B 777 5.72 -24.83 6.63
C TRP B 777 5.15 -23.61 7.31
N MET B 778 3.83 -23.51 7.35
CA MET B 778 3.15 -22.43 8.04
C MET B 778 3.47 -22.40 9.55
N GLU B 779 3.52 -23.58 10.19
CA GLU B 779 3.87 -23.68 11.63
C GLU B 779 5.28 -23.20 11.93
N SER B 780 6.23 -23.57 11.07
CA SER B 780 7.62 -23.10 11.19
C SER B 780 7.82 -21.64 10.75
N SER B 781 6.80 -21.05 10.11
CA SER B 781 6.78 -19.64 9.64
C SER B 781 7.78 -19.42 8.50
N GLY B 782 7.56 -20.12 7.38
CA GLY B 782 8.40 -20.04 6.19
C GLY B 782 9.68 -20.86 6.24
N LYS B 783 9.99 -21.48 7.39
CA LYS B 783 11.32 -22.04 7.64
C LYS B 783 11.63 -23.30 6.83
N LEU B 784 10.80 -24.35 6.95
CA LEU B 784 11.06 -25.56 6.12
C LEU B 784 10.99 -25.24 4.63
N ASN B 785 11.52 -26.16 3.82
CA ASN B 785 11.57 -26.04 2.37
C ASN B 785 10.70 -27.09 1.66
N ILE B 786 9.62 -26.63 1.03
CA ILE B 786 8.84 -27.46 0.12
C ILE B 786 9.66 -27.54 -1.16
N PRO B 787 9.90 -28.76 -1.68
CA PRO B 787 10.60 -28.86 -2.97
C PRO B 787 9.90 -28.04 -4.03
N THR B 788 10.66 -27.43 -4.91
CA THR B 788 10.10 -26.49 -5.89
C THR B 788 9.09 -27.14 -6.86
N ASP B 789 9.25 -28.42 -7.16
CA ASP B 789 8.33 -29.11 -8.07
C ASP B 789 6.98 -29.48 -7.49
N VAL B 790 6.83 -29.44 -6.16
CA VAL B 790 5.52 -29.65 -5.52
C VAL B 790 5.03 -28.38 -4.82
N LEU B 791 5.60 -27.23 -5.20
CA LEU B 791 5.35 -25.97 -4.49
C LEU B 791 3.92 -25.47 -4.77
N LYS B 792 3.51 -25.50 -6.04
CA LYS B 792 2.13 -25.16 -6.39
C LYS B 792 1.11 -26.08 -5.73
N ILE B 793 1.40 -27.40 -5.74
CA ILE B 793 0.47 -28.40 -5.21
C ILE B 793 0.25 -28.22 -3.72
N VAL B 794 1.33 -28.00 -2.98
CA VAL B 794 1.27 -27.86 -1.52
C VAL B 794 0.51 -26.57 -1.15
N TYR B 795 0.87 -25.45 -1.78
CA TYR B 795 0.18 -24.18 -1.53
C TYR B 795 -1.30 -24.22 -1.89
N SER B 796 -1.63 -24.80 -3.04
CA SER B 796 -3.02 -24.83 -3.50
C SER B 796 -3.92 -25.66 -2.58
N VAL B 797 -3.44 -26.85 -2.17
CA VAL B 797 -4.17 -27.64 -1.14
C VAL B 797 -4.22 -26.91 0.22
N GLY B 798 -3.14 -26.20 0.57
CA GLY B 798 -3.12 -25.39 1.80
C GLY B 798 -4.14 -24.27 1.81
N ALA B 799 -4.46 -23.76 0.63
CA ALA B 799 -5.39 -22.64 0.45
C ALA B 799 -6.89 -22.99 0.58
N GLN B 800 -7.20 -24.25 0.86
CA GLN B 800 -8.59 -24.67 1.03
C GLN B 800 -9.13 -24.30 2.41
N THR B 801 -8.31 -24.45 3.45
CA THR B 801 -8.62 -23.85 4.76
C THR B 801 -8.52 -22.31 4.69
N THR B 802 -9.34 -21.64 5.48
CA THR B 802 -9.40 -20.17 5.49
C THR B 802 -8.13 -19.58 6.13
N ALA B 803 -7.61 -20.24 7.16
CA ALA B 803 -6.33 -19.87 7.77
C ALA B 803 -5.17 -19.91 6.76
N GLY B 804 -5.15 -20.95 5.93
CA GLY B 804 -4.11 -21.14 4.93
C GLY B 804 -4.15 -20.12 3.82
N TRP B 805 -5.36 -19.79 3.37
CA TRP B 805 -5.56 -18.78 2.34
C TRP B 805 -5.12 -17.40 2.81
N ASN B 806 -5.44 -17.06 4.05
CA ASN B 806 -5.06 -15.75 4.62
C ASN B 806 -3.56 -15.61 4.87
N TYR B 807 -2.94 -16.68 5.33
CA TYR B 807 -1.50 -16.73 5.51
C TYR B 807 -0.77 -16.73 4.15
N LEU B 808 -1.34 -17.39 3.15
CA LEU B 808 -0.75 -17.38 1.80
C LEU B 808 -0.78 -16.00 1.16
N LEU B 809 -1.90 -15.29 1.33
CA LEU B 809 -2.02 -13.91 0.82
C LEU B 809 -1.06 -12.99 1.53
N GLU B 810 -0.88 -13.20 2.83
CA GLU B 810 0.11 -12.46 3.62
C GLU B 810 1.52 -12.76 3.10
N GLN B 811 1.86 -14.05 2.97
CA GLN B 811 3.18 -14.46 2.47
C GLN B 811 3.47 -13.97 1.05
N TYR B 812 2.42 -13.80 0.25
CA TYR B 812 2.52 -13.23 -1.09
C TYR B 812 3.13 -11.85 -1.07
N GLU B 813 2.58 -11.00 -0.21
CA GLU B 813 2.98 -9.59 -0.12
C GLU B 813 4.41 -9.42 0.38
N LEU B 814 4.84 -10.35 1.24
CA LEU B 814 6.21 -10.36 1.81
C LEU B 814 7.28 -11.01 0.93
N SER B 815 6.89 -11.81 -0.05
CA SER B 815 7.84 -12.61 -0.83
C SER B 815 8.77 -11.76 -1.70
N MET B 816 10.02 -12.21 -1.81
CA MET B 816 11.01 -11.60 -2.67
C MET B 816 11.27 -12.41 -3.93
N SER B 817 10.54 -13.48 -4.15
CA SER B 817 10.61 -14.21 -5.40
C SER B 817 9.32 -14.01 -6.13
N SER B 818 9.39 -13.37 -7.29
CA SER B 818 8.24 -13.23 -8.17
C SER B 818 7.73 -14.59 -8.69
N ALA B 819 8.61 -15.59 -8.76
CA ALA B 819 8.22 -16.96 -9.11
C ALA B 819 7.42 -17.66 -8.00
N GLU B 820 7.85 -17.52 -6.75
CA GLU B 820 7.07 -18.04 -5.62
C GLU B 820 5.71 -17.36 -5.59
N GLN B 821 5.72 -16.04 -5.70
CA GLN B 821 4.51 -15.22 -5.81
C GLN B 821 3.55 -15.75 -6.86
N ASN B 822 4.07 -16.05 -8.04
CA ASN B 822 3.28 -16.62 -9.13
C ASN B 822 2.55 -17.88 -8.70
N LYS B 823 3.29 -18.77 -8.08
CA LYS B 823 2.76 -20.03 -7.59
C LYS B 823 1.77 -19.82 -6.44
N ILE B 824 2.05 -18.85 -5.57
CA ILE B 824 1.12 -18.51 -4.48
C ILE B 824 -0.19 -17.95 -5.07
N LEU B 825 -0.10 -17.14 -6.12
CA LEU B 825 -1.30 -16.56 -6.72
C LEU B 825 -2.19 -17.65 -7.33
N TYR B 826 -1.58 -18.63 -8.00
CA TYR B 826 -2.32 -19.81 -8.48
C TYR B 826 -3.04 -20.49 -7.32
N ALA B 827 -2.30 -20.75 -6.24
CA ALA B 827 -2.83 -21.48 -5.08
C ALA B 827 -4.02 -20.76 -4.44
N LEU B 828 -3.90 -19.44 -4.31
CA LEU B 828 -5.00 -18.61 -3.81
C LEU B 828 -6.22 -18.67 -4.72
N SER B 829 -6.00 -18.72 -6.04
CA SER B 829 -7.09 -18.71 -7.00
C SER B 829 -7.79 -20.07 -7.15
N THR B 830 -7.37 -21.08 -6.38
CA THR B 830 -8.11 -22.34 -6.25
C THR B 830 -8.96 -22.43 -4.97
N SER B 831 -9.35 -21.30 -4.39
CA SER B 831 -10.31 -21.32 -3.27
C SER B 831 -11.69 -21.59 -3.83
N LYS B 832 -12.53 -22.21 -3.00
CA LYS B 832 -13.94 -22.43 -3.37
C LYS B 832 -14.81 -21.25 -2.95
N HIS B 833 -14.31 -20.42 -2.03
CA HIS B 833 -15.06 -19.29 -1.48
C HIS B 833 -15.13 -18.15 -2.51
N GLN B 834 -16.35 -17.72 -2.84
CA GLN B 834 -16.59 -16.73 -3.89
C GLN B 834 -16.06 -15.36 -3.53
N GLU B 835 -16.21 -14.95 -2.27
CA GLU B 835 -15.67 -13.67 -1.80
C GLU B 835 -14.15 -13.62 -1.86
N LYS B 836 -13.49 -14.77 -1.66
CA LYS B 836 -12.03 -14.88 -1.77
C LYS B 836 -11.55 -14.74 -3.20
N LEU B 837 -12.22 -15.39 -4.15
CA LEU B 837 -11.85 -15.25 -5.56
C LEU B 837 -12.02 -13.81 -6.03
N LEU B 838 -13.12 -13.18 -5.62
CA LEU B 838 -13.39 -11.77 -5.93
C LEU B 838 -12.32 -10.85 -5.36
N LYS B 839 -12.00 -11.06 -4.08
CA LYS B 839 -10.94 -10.29 -3.40
C LYS B 839 -9.67 -10.26 -4.25
N LEU B 840 -9.24 -11.41 -4.76
CA LEU B 840 -8.06 -11.50 -5.62
C LEU B 840 -8.18 -10.61 -6.86
N ILE B 841 -9.36 -10.60 -7.46
CA ILE B 841 -9.62 -9.78 -8.63
C ILE B 841 -9.56 -8.29 -8.25
N GLU B 842 -10.21 -7.93 -7.14
CA GLU B 842 -10.24 -6.55 -6.65
C GLU B 842 -8.84 -6.00 -6.33
N LEU B 843 -8.00 -6.83 -5.71
CA LEU B 843 -6.60 -6.46 -5.47
C LEU B 843 -5.83 -6.24 -6.79
N GLY B 844 -6.09 -7.11 -7.78
CA GLY B 844 -5.46 -7.02 -9.09
C GLY B 844 -5.86 -5.80 -9.90
N MET B 845 -7.09 -5.34 -9.70
CA MET B 845 -7.54 -4.03 -10.20
C MET B 845 -6.79 -2.94 -9.50
N GLU B 846 -6.88 -2.92 -8.16
CA GLU B 846 -6.20 -1.93 -7.32
C GLU B 846 -4.72 -1.82 -7.69
N GLY B 847 -4.08 -2.95 -7.93
CA GLY B 847 -2.76 -2.98 -8.55
C GLY B 847 -1.57 -2.78 -7.63
N LYS B 848 -1.81 -2.57 -6.34
CA LYS B 848 -0.72 -2.28 -5.38
C LYS B 848 -0.12 -3.57 -4.83
N VAL B 849 -0.98 -4.51 -4.42
CA VAL B 849 -0.53 -5.76 -3.78
C VAL B 849 -0.30 -6.84 -4.83
N ILE B 850 -1.31 -7.04 -5.68
CA ILE B 850 -1.20 -7.92 -6.85
C ILE B 850 -1.07 -6.99 -8.05
N LYS B 851 0.10 -6.99 -8.70
CA LYS B 851 0.36 -6.05 -9.80
C LYS B 851 -0.63 -6.25 -10.95
N THR B 852 -1.09 -5.14 -11.52
CA THR B 852 -2.05 -5.14 -12.62
C THR B 852 -1.61 -6.02 -13.80
N GLN B 853 -0.32 -6.07 -14.07
CA GLN B 853 0.22 -6.96 -15.12
C GLN B 853 -0.14 -8.43 -14.94
N ASN B 854 -0.48 -8.85 -13.72
CA ASN B 854 -0.93 -10.20 -13.45
C ASN B 854 -2.43 -10.43 -13.60
N LEU B 855 -3.22 -9.39 -13.88
CA LEU B 855 -4.67 -9.49 -13.80
C LEU B 855 -5.27 -10.48 -14.81
N ALA B 856 -4.78 -10.48 -16.06
CA ALA B 856 -5.34 -11.36 -17.10
C ALA B 856 -5.13 -12.82 -16.74
N ALA B 857 -3.88 -13.18 -16.48
CA ALA B 857 -3.55 -14.53 -16.05
C ALA B 857 -4.35 -14.96 -14.82
N LEU B 858 -4.53 -14.03 -13.87
CA LEU B 858 -5.30 -14.30 -12.65
C LEU B 858 -6.75 -14.61 -12.94
N LEU B 859 -7.35 -13.81 -13.82
CA LEU B 859 -8.75 -13.99 -14.20
C LEU B 859 -8.96 -15.33 -14.87
N HIS B 860 -8.06 -15.67 -15.80
CA HIS B 860 -8.08 -16.94 -16.48
C HIS B 860 -7.90 -18.10 -15.50
N ALA B 861 -7.00 -17.94 -14.52
CA ALA B 861 -6.83 -18.94 -13.47
C ALA B 861 -8.13 -19.22 -12.73
N ILE B 862 -8.84 -18.15 -12.38
CA ILE B 862 -10.13 -18.24 -11.71
C ILE B 862 -11.19 -18.85 -12.64
N ALA B 863 -11.24 -18.37 -13.86
CA ALA B 863 -12.26 -18.76 -14.82
C ALA B 863 -12.17 -20.22 -15.25
N ARG B 864 -10.95 -20.76 -15.33
CA ARG B 864 -10.73 -22.20 -15.55
C ARG B 864 -11.55 -23.10 -14.64
N ARG B 865 -11.75 -22.72 -13.40
CA ARG B 865 -12.39 -23.60 -12.43
C ARG B 865 -13.87 -23.37 -12.27
N PRO B 866 -14.62 -24.41 -11.93
CA PRO B 866 -16.09 -24.29 -11.90
C PRO B 866 -16.58 -23.19 -10.93
N LYS B 867 -15.94 -23.06 -9.77
CA LYS B 867 -16.35 -22.08 -8.76
C LYS B 867 -16.08 -20.61 -9.13
N GLY B 868 -15.26 -20.36 -10.15
CA GLY B 868 -14.97 -18.99 -10.59
C GLY B 868 -15.32 -18.60 -12.02
N GLN B 869 -15.84 -19.54 -12.81
CA GLN B 869 -16.07 -19.30 -14.24
C GLN B 869 -17.15 -18.26 -14.48
N GLN B 870 -18.20 -18.32 -13.65
CA GLN B 870 -19.27 -17.32 -13.66
C GLN B 870 -18.76 -15.99 -13.12
N LEU B 871 -18.30 -16.01 -11.87
CA LEU B 871 -17.70 -14.85 -11.21
C LEU B 871 -16.82 -14.04 -12.18
N ALA B 872 -15.84 -14.71 -12.77
CA ALA B 872 -14.94 -14.10 -13.74
C ALA B 872 -15.67 -13.48 -14.92
N TRP B 873 -16.65 -14.21 -15.46
CA TRP B 873 -17.45 -13.72 -16.60
C TRP B 873 -18.23 -12.48 -16.23
N ASP B 874 -18.96 -12.54 -15.12
CA ASP B 874 -19.72 -11.39 -14.62
C ASP B 874 -18.81 -10.18 -14.51
N PHE B 875 -17.68 -10.35 -13.83
CA PHE B 875 -16.74 -9.27 -13.62
C PHE B 875 -16.27 -8.60 -14.92
N VAL B 876 -15.91 -9.38 -15.93
CA VAL B 876 -15.39 -8.82 -17.18
C VAL B 876 -16.45 -7.96 -17.90
N ARG B 877 -17.70 -8.41 -17.90
CA ARG B 877 -18.78 -7.64 -18.49
C ARG B 877 -19.04 -6.37 -17.69
N GLU B 878 -19.33 -6.56 -16.40
CA GLU B 878 -19.66 -5.46 -15.49
C GLU B 878 -18.56 -4.40 -15.30
N ASN B 879 -17.31 -4.69 -15.66
CA ASN B 879 -16.19 -3.74 -15.51
C ASN B 879 -15.42 -3.46 -16.80
N TRP B 880 -16.07 -3.51 -17.96
CA TRP B 880 -15.37 -3.32 -19.24
C TRP B 880 -14.72 -1.93 -19.38
N THR B 881 -15.47 -0.89 -19.04
CA THR B 881 -14.96 0.49 -19.02
C THR B 881 -13.80 0.59 -18.03
N HIS B 882 -14.05 0.07 -16.83
CA HIS B 882 -13.07 0.10 -15.74
C HIS B 882 -11.76 -0.63 -16.13
N LEU B 883 -11.89 -1.71 -16.92
CA LEU B 883 -10.73 -2.48 -17.40
C LEU B 883 -9.94 -1.72 -18.46
N LEU B 884 -10.67 -1.02 -19.34
CA LEU B 884 -10.07 -0.39 -20.51
C LEU B 884 -9.34 0.95 -20.22
N LYS B 885 -9.46 1.45 -19.00
CA LYS B 885 -8.52 2.44 -18.48
C LYS B 885 -7.14 1.82 -18.26
N LYS B 886 -7.14 0.65 -17.62
CA LYS B 886 -5.91 -0.05 -17.18
C LYS B 886 -5.06 -0.62 -18.32
N PHE B 887 -5.74 -1.08 -19.37
CA PHE B 887 -5.11 -1.55 -20.60
C PHE B 887 -5.88 -0.95 -21.76
N ASP B 888 -5.20 -0.74 -22.88
CA ASP B 888 -5.87 -0.42 -24.14
C ASP B 888 -6.26 -1.73 -24.83
N LEU B 889 -7.32 -1.70 -25.63
CA LEU B 889 -7.57 -2.78 -26.58
C LEU B 889 -6.86 -2.31 -27.86
N GLY B 890 -6.26 -3.19 -28.66
CA GLY B 890 -6.16 -4.63 -28.42
C GLY B 890 -4.77 -5.00 -27.93
N SER B 891 -4.47 -4.65 -26.68
CA SER B 891 -3.29 -5.18 -26.01
C SER B 891 -3.43 -6.68 -25.83
N TYR B 892 -2.30 -7.37 -25.76
CA TYR B 892 -2.29 -8.78 -25.38
C TYR B 892 -3.06 -9.02 -24.08
N ASP B 893 -2.93 -8.09 -23.14
CA ASP B 893 -3.64 -8.16 -21.85
C ASP B 893 -5.16 -8.21 -22.02
N ILE B 894 -5.71 -7.34 -22.86
CA ILE B 894 -7.17 -7.32 -23.10
C ILE B 894 -7.62 -8.55 -23.87
N ARG B 895 -6.85 -8.96 -24.88
CA ARG B 895 -7.17 -10.18 -25.64
C ARG B 895 -7.26 -11.41 -24.73
N MET B 896 -6.36 -11.53 -23.75
CA MET B 896 -6.39 -12.67 -22.80
C MET B 896 -7.43 -12.55 -21.69
N ILE B 897 -7.92 -11.35 -21.39
CA ILE B 897 -9.05 -11.18 -20.48
C ILE B 897 -10.35 -11.67 -21.13
N ILE B 898 -10.54 -11.36 -22.41
CA ILE B 898 -11.73 -11.80 -23.16
C ILE B 898 -11.66 -13.32 -23.35
N SER B 899 -10.60 -13.77 -24.00
CA SER B 899 -10.37 -15.18 -24.30
C SER B 899 -10.40 -16.04 -23.04
N GLY B 900 -9.67 -15.63 -22.02
CA GLY B 900 -9.51 -16.39 -20.78
C GLY B 900 -10.73 -16.56 -19.89
N THR B 901 -11.75 -15.71 -20.07
CA THR B 901 -12.98 -15.80 -19.29
C THR B 901 -14.15 -16.44 -20.04
N THR B 902 -13.95 -16.74 -21.33
CA THR B 902 -15.06 -17.13 -22.24
C THR B 902 -14.87 -18.40 -23.08
N ALA B 903 -13.68 -18.61 -23.64
CA ALA B 903 -13.44 -19.72 -24.60
C ALA B 903 -13.63 -21.14 -24.06
N HIS B 904 -13.46 -21.33 -22.76
CA HIS B 904 -13.80 -22.61 -22.11
C HIS B 904 -15.29 -22.92 -22.02
N PHE B 905 -16.18 -21.94 -22.26
CA PHE B 905 -17.63 -22.18 -22.28
C PHE B 905 -17.98 -23.22 -23.34
N SER B 906 -18.99 -24.03 -23.05
CA SER B 906 -19.39 -25.12 -23.93
C SER B 906 -20.90 -25.41 -23.91
N SER B 907 -21.70 -24.36 -23.66
CA SER B 907 -23.16 -24.47 -23.64
C SER B 907 -23.77 -23.41 -24.57
N LYS B 908 -24.94 -23.71 -25.10
CA LYS B 908 -25.63 -22.81 -26.02
C LYS B 908 -26.05 -21.51 -25.33
N ASP B 909 -26.44 -21.61 -24.06
CA ASP B 909 -26.73 -20.45 -23.21
C ASP B 909 -25.58 -19.45 -23.17
N LYS B 910 -24.43 -19.91 -22.68
CA LYS B 910 -23.27 -19.03 -22.53
C LYS B 910 -22.75 -18.50 -23.87
N LEU B 911 -22.95 -19.23 -24.96
CA LEU B 911 -22.59 -18.72 -26.29
C LEU B 911 -23.37 -17.46 -26.56
N GLN B 912 -24.68 -17.52 -26.31
CA GLN B 912 -25.53 -16.35 -26.50
C GLN B 912 -25.10 -15.18 -25.60
N GLU B 913 -24.79 -15.45 -24.33
CA GLU B 913 -24.35 -14.39 -23.41
C GLU B 913 -23.11 -13.68 -23.97
N VAL B 914 -22.18 -14.46 -24.52
CA VAL B 914 -20.95 -13.93 -25.14
C VAL B 914 -21.26 -13.19 -26.45
N LYS B 915 -22.17 -13.76 -27.25
CA LYS B 915 -22.69 -13.11 -28.45
C LYS B 915 -23.21 -11.71 -28.12
N LEU B 916 -24.08 -11.65 -27.10
CA LEU B 916 -24.71 -10.41 -26.64
C LEU B 916 -23.66 -9.39 -26.18
N PHE B 917 -22.76 -9.80 -25.30
CA PHE B 917 -21.68 -8.94 -24.82
C PHE B 917 -20.78 -8.41 -25.95
N PHE B 918 -20.52 -9.24 -26.97
CA PHE B 918 -19.64 -8.84 -28.08
C PHE B 918 -20.27 -7.80 -29.00
N GLU B 919 -21.57 -7.94 -29.27
CA GLU B 919 -22.31 -6.92 -30.03
C GLU B 919 -22.35 -5.60 -29.25
N SER B 920 -22.82 -5.65 -28.00
CA SER B 920 -22.73 -4.53 -27.03
C SER B 920 -21.50 -3.64 -27.22
N LEU B 921 -20.34 -4.26 -27.48
CA LEU B 921 -19.12 -3.54 -27.76
C LEU B 921 -19.00 -3.12 -29.25
N GLU B 922 -20.08 -2.63 -29.86
CA GLU B 922 -20.03 -1.72 -31.03
C GLU B 922 -20.53 -0.35 -30.57
N ALA B 923 -20.50 -0.19 -29.24
CA ALA B 923 -20.51 1.05 -28.54
C ALA B 923 -19.19 1.04 -27.78
N GLN B 924 -18.38 2.07 -27.98
CA GLN B 924 -17.00 2.16 -27.45
C GLN B 924 -16.02 1.15 -28.18
N GLY B 925 -15.20 0.35 -27.48
CA GLY B 925 -14.15 -0.53 -28.07
C GLY B 925 -14.54 -1.38 -29.26
N SER B 926 -14.46 -0.84 -30.47
CA SER B 926 -15.23 -1.39 -31.60
C SER B 926 -14.96 -2.88 -31.98
N HIS B 927 -14.00 -3.22 -32.83
CA HIS B 927 -13.77 -4.65 -33.07
C HIS B 927 -12.34 -5.11 -32.99
N LEU B 928 -12.23 -6.41 -32.73
CA LEU B 928 -11.02 -7.18 -32.58
C LEU B 928 -11.26 -8.51 -33.28
N ASP B 929 -10.20 -9.18 -33.72
CA ASP B 929 -10.31 -10.54 -34.28
C ASP B 929 -10.73 -11.56 -33.22
N ILE B 930 -10.35 -11.33 -31.96
CA ILE B 930 -10.60 -12.30 -30.88
C ILE B 930 -12.07 -12.47 -30.52
N PHE B 931 -12.95 -11.56 -30.94
CA PHE B 931 -14.39 -11.77 -30.75
C PHE B 931 -14.87 -12.97 -31.57
N GLN B 932 -14.42 -13.05 -32.82
CA GLN B 932 -14.80 -14.14 -33.71
C GLN B 932 -14.24 -15.48 -33.22
N THR B 933 -12.94 -15.53 -32.97
CA THR B 933 -12.27 -16.78 -32.60
C THR B 933 -12.80 -17.35 -31.27
N VAL B 934 -13.27 -16.50 -30.36
CA VAL B 934 -13.91 -16.97 -29.13
C VAL B 934 -15.26 -17.61 -29.45
N LEU B 935 -16.06 -16.95 -30.29
CA LEU B 935 -17.35 -17.50 -30.70
C LEU B 935 -17.17 -18.88 -31.37
N GLU B 936 -16.21 -18.96 -32.29
CA GLU B 936 -15.91 -20.23 -32.96
C GLU B 936 -15.35 -21.27 -32.01
N THR B 937 -14.59 -20.84 -31.02
CA THR B 937 -14.10 -21.74 -29.97
C THR B 937 -15.26 -22.27 -29.12
N ILE B 938 -16.19 -21.41 -28.73
CA ILE B 938 -17.34 -21.88 -27.93
C ILE B 938 -18.17 -22.85 -28.78
N THR B 939 -18.46 -22.52 -30.04
CA THR B 939 -19.30 -23.40 -30.89
C THR B 939 -18.63 -24.76 -31.14
N LYS B 940 -17.31 -24.75 -31.35
CA LYS B 940 -16.50 -25.97 -31.40
C LYS B 940 -16.74 -26.87 -30.19
N ASN B 941 -16.77 -26.27 -29.00
CA ASN B 941 -17.07 -26.99 -27.75
C ASN B 941 -18.52 -27.47 -27.66
N ILE B 942 -19.45 -26.65 -28.16
CA ILE B 942 -20.84 -27.07 -28.26
C ILE B 942 -20.91 -28.35 -29.09
N LYS B 943 -20.34 -28.29 -30.30
CA LYS B 943 -20.41 -29.38 -31.27
C LYS B 943 -19.70 -30.64 -30.79
N TRP B 944 -18.46 -30.48 -30.31
CA TRP B 944 -17.68 -31.60 -29.77
C TRP B 944 -18.46 -32.40 -28.72
N LEU B 945 -19.12 -31.70 -27.80
CA LEU B 945 -19.96 -32.34 -26.77
C LEU B 945 -21.16 -33.10 -27.37
N GLU B 946 -21.93 -32.44 -28.22
CA GLU B 946 -23.05 -33.10 -28.87
C GLU B 946 -22.60 -34.37 -29.59
N LYS B 947 -21.56 -34.23 -30.42
CA LYS B 947 -21.09 -35.33 -31.28
C LYS B 947 -20.34 -36.46 -30.56
N ASN B 948 -19.70 -36.17 -29.43
CA ASN B 948 -18.82 -37.14 -28.75
C ASN B 948 -19.11 -37.47 -27.27
N LEU B 949 -20.02 -36.76 -26.60
CA LEU B 949 -20.27 -36.97 -25.17
C LEU B 949 -20.85 -38.34 -24.83
N PRO B 950 -21.92 -38.79 -25.55
CA PRO B 950 -22.41 -40.14 -25.23
C PRO B 950 -21.37 -41.26 -25.47
N THR B 951 -20.42 -41.05 -26.39
CA THR B 951 -19.32 -42.00 -26.60
C THR B 951 -18.39 -42.03 -25.40
N LEU B 952 -18.03 -40.85 -24.89
CA LEU B 952 -17.23 -40.74 -23.67
C LEU B 952 -17.91 -41.41 -22.46
N ARG B 953 -19.23 -41.27 -22.35
CA ARG B 953 -19.97 -41.85 -21.22
C ARG B 953 -19.95 -43.38 -21.25
N THR B 954 -20.27 -43.96 -22.42
CA THR B 954 -20.33 -45.42 -22.55
C THR B 954 -18.95 -46.04 -22.43
N TRP B 955 -17.96 -45.43 -23.08
CA TRP B 955 -16.59 -45.91 -23.08
C TRP B 955 -16.04 -46.06 -21.66
N LEU B 956 -16.34 -45.09 -20.80
CA LEU B 956 -15.93 -45.15 -19.39
C LEU B 956 -16.65 -46.27 -18.66
N MET B 957 -17.94 -46.41 -18.95
CA MET B 957 -18.76 -47.49 -18.37
C MET B 957 -18.37 -48.90 -18.84
N VAL B 958 -17.84 -48.99 -20.06
CA VAL B 958 -17.27 -50.24 -20.57
C VAL B 958 -16.11 -50.66 -19.67
N ASN B 959 -15.23 -49.71 -19.35
CA ASN B 959 -14.11 -49.99 -18.45
C ASN B 959 -14.55 -50.50 -17.08
N THR B 960 -15.43 -49.75 -16.41
CA THR B 960 -15.87 -50.08 -15.05
C THR B 960 -16.38 -51.53 -14.91
N ARG B 961 -16.72 -52.17 -16.03
CA ARG B 961 -17.08 -53.60 -16.07
C ARG B 961 -15.87 -54.50 -16.33
#